data_7CTH
#
_entry.id   7CTH
#
loop_
_entity.id
_entity.type
_entity.pdbx_description
1 polymer 'Core protein'
2 polymer 'Core protein'
3 polymer 'Single Chain Variable Fragment'
4 polymer 'Single Chain Variable Fragment'
5 non-polymer 2-acetamido-2-deoxy-beta-D-glucopyranose
#
loop_
_entity_poly.entity_id
_entity_poly.type
_entity_poly.pdbx_seq_one_letter_code
_entity_poly.pdbx_strand_id
1 'polypeptide(L)'
;MRCIGISNRDFVEGVSGGSWVDIVLEHGSCVTTMAKNKPTLDFELIKTEAKQPATLRKYCIEAKLTNTTTDSRCPTQGEP
SLNEEQDKRFVCKHSMVDRGWGNGCGLFGKGGIVTCAMFTCKKNMKGKVVQPENLEYTIVITPHSGEEHAVGNDTGKHGK
EIKITPQSSITEAELTGYGTVTMECSPRTGLDFNEMVLLQMENKAWLVHRQWFLDLPLPWLPGADTQGSNWIQKETLVTF
KNPHAKKQDVVVLGSQEGAMHTALTGATEIQMSSGNLLFTGHLKCRLRMDKLQLKGMSYSMCTGKFKVVKEIAETQHGTI
VIRVQYEGDGSPCKIPFEIMDLEKRHVLGRLITVNPIVTEKDSPVNIEAEPPFGDSYIIIGVEPGQLKLNWFKKGSSIGQ
MIETTMRGAKRMAILGDTAWDFGSLGGVFTSIGKALHQVFGAIYGAAFSGVSWTMKILIGVIITWIGMNSRSTSLSVSLV
LVGVVTLYLGVMVQA
;
A,B,C
2 'polypeptide(L)' SVALVPHVGMGLETRTETWMSSEGAWKHAQRIETWILRHPGFTIMAAILAYTIGTTHFQRALIFILLTAVAPSMT F,D,E
3 'polypeptide(L)'
;MAEVQLVESGAEVKKPGASVKVSCKASGYTFTSYAMHWVRQAPGQRLEWMGWINAGNGNTKYSQKFQDRVTITRDTSAST
AYMELSSLRSEDTAIYYCARDKVDDYGDYWFPTLWYFDYWGQGTLVTVSSGTGGSGGGGSGGGG
;
I,H
4 'polypeptide(L)'
;SGGGASQSALTQPASVSGSPGQSITISCTGTSSDVGGFNYVSWFQQHPGKAPKLMLYDVTSRPSGVSSRFSGSKSGNTAS
LTISGLQAEDEADYYCSSHTSRGTWVFGGGTKLTVLAAADDDDKAGWSHPQFEKGGGSGGGSGGGSWSHPQFEK
;
M,L
#
# COMPACT_ATOMS: atom_id res chain seq x y z
N MET A 1 54.19 -28.64 -28.91
CA MET A 1 55.00 -27.48 -29.23
C MET A 1 54.32 -26.18 -28.81
N ARG A 2 53.03 -26.26 -28.49
CA ARG A 2 52.32 -25.08 -28.03
C ARG A 2 52.70 -24.71 -26.61
N CYS A 3 52.82 -25.70 -25.72
CA CYS A 3 53.14 -25.42 -24.33
C CYS A 3 54.59 -25.00 -24.13
N ILE A 4 55.50 -25.50 -24.96
CA ILE A 4 56.90 -25.20 -24.79
C ILE A 4 57.13 -23.70 -24.96
N GLY A 5 57.54 -23.04 -23.87
CA GLY A 5 57.75 -21.62 -23.85
C GLY A 5 56.91 -20.85 -22.85
N ILE A 6 55.98 -21.51 -22.16
CA ILE A 6 55.10 -20.86 -21.19
C ILE A 6 55.48 -21.33 -19.80
N SER A 7 55.65 -20.38 -18.88
CA SER A 7 56.00 -20.71 -17.50
C SER A 7 54.88 -21.50 -16.83
N ASN A 8 53.63 -21.14 -17.09
CA ASN A 8 52.48 -21.81 -16.47
C ASN A 8 52.10 -23.05 -17.28
N ARG A 9 53.01 -24.02 -17.27
CA ARG A 9 52.82 -25.30 -17.95
C ARG A 9 53.02 -26.42 -16.95
N ASP A 10 52.08 -27.36 -16.93
CA ASP A 10 52.10 -28.46 -15.97
C ASP A 10 52.08 -29.80 -16.69
N PHE A 11 52.60 -30.82 -16.01
CA PHE A 11 52.74 -32.15 -16.56
C PHE A 11 51.77 -33.10 -15.87
N VAL A 12 51.08 -33.91 -16.65
CA VAL A 12 50.19 -34.95 -16.13
C VAL A 12 50.67 -36.29 -16.68
N GLU A 13 50.73 -37.29 -15.80
CA GLU A 13 51.32 -38.58 -16.13
C GLU A 13 50.28 -39.68 -15.95
N GLY A 14 50.33 -40.68 -16.83
CA GLY A 14 49.55 -41.88 -16.67
C GLY A 14 48.10 -41.72 -17.12
N VAL A 15 47.41 -42.85 -17.20
CA VAL A 15 46.01 -42.90 -17.58
C VAL A 15 45.29 -43.84 -16.61
N SER A 16 43.97 -43.72 -16.58
CA SER A 16 43.16 -44.58 -15.74
C SER A 16 42.96 -45.93 -16.41
N GLY A 17 42.20 -46.80 -15.74
CA GLY A 17 41.88 -48.10 -16.33
C GLY A 17 41.05 -47.98 -17.59
N GLY A 18 40.17 -46.99 -17.65
CA GLY A 18 39.36 -46.73 -18.81
C GLY A 18 40.02 -45.88 -19.87
N SER A 19 41.34 -45.69 -19.78
CA SER A 19 42.10 -44.87 -20.73
C SER A 19 41.57 -43.45 -20.77
N TRP A 20 41.19 -42.92 -19.62
CA TRP A 20 40.72 -41.54 -19.51
C TRP A 20 41.50 -40.82 -18.42
N VAL A 21 41.65 -39.51 -18.60
CA VAL A 21 42.37 -38.66 -17.66
C VAL A 21 41.57 -37.38 -17.44
N ASP A 22 41.37 -37.01 -16.18
CA ASP A 22 40.70 -35.77 -15.83
C ASP A 22 41.73 -34.64 -15.74
N ILE A 23 41.49 -33.57 -16.50
CA ILE A 23 42.38 -32.41 -16.51
C ILE A 23 41.54 -31.15 -16.39
N VAL A 24 42.21 -30.05 -16.04
CA VAL A 24 41.59 -28.73 -15.98
C VAL A 24 42.43 -27.79 -16.83
N LEU A 25 41.77 -26.95 -17.62
CA LEU A 25 42.43 -26.03 -18.53
C LEU A 25 42.22 -24.60 -18.07
N GLU A 26 43.23 -23.75 -18.28
CA GLU A 26 43.23 -22.39 -17.80
C GLU A 26 43.66 -21.44 -18.91
N HIS A 27 43.25 -20.19 -18.80
CA HIS A 27 43.73 -19.17 -19.72
C HIS A 27 45.14 -18.76 -19.32
N GLY A 28 46.06 -18.83 -20.30
CA GLY A 28 47.46 -18.57 -20.04
C GLY A 28 48.21 -19.73 -19.46
N SER A 29 47.53 -20.78 -19.03
CA SER A 29 48.15 -22.01 -18.56
C SER A 29 47.82 -23.14 -19.52
N CYS A 30 48.58 -24.21 -19.42
CA CYS A 30 48.39 -25.34 -20.32
C CYS A 30 48.96 -26.60 -19.68
N VAL A 31 48.51 -27.75 -20.18
CA VAL A 31 48.93 -29.05 -19.67
C VAL A 31 49.22 -29.96 -20.85
N THR A 32 50.24 -30.81 -20.68
CA THR A 32 50.61 -31.78 -21.70
C THR A 32 50.32 -33.18 -21.17
N THR A 33 49.68 -33.99 -21.99
CA THR A 33 49.27 -35.34 -21.60
C THR A 33 50.12 -36.36 -22.36
N MET A 34 50.70 -37.30 -21.62
CA MET A 34 51.41 -38.42 -22.22
C MET A 34 51.19 -39.66 -21.37
N ALA A 35 51.34 -40.82 -21.99
CA ALA A 35 51.15 -42.10 -21.32
C ALA A 35 52.30 -43.01 -21.70
N LYS A 36 52.20 -44.28 -21.32
CA LYS A 36 53.26 -45.24 -21.61
C LYS A 36 53.41 -45.44 -23.11
N ASN A 37 52.30 -45.58 -23.83
CA ASN A 37 52.32 -45.94 -25.23
C ASN A 37 51.35 -45.07 -26.02
N LYS A 38 51.31 -43.78 -25.71
CA LYS A 38 50.35 -42.90 -26.34
C LYS A 38 51.05 -41.63 -26.81
N PRO A 39 50.55 -40.99 -27.87
CA PRO A 39 51.15 -39.73 -28.30
C PRO A 39 50.97 -38.64 -27.26
N THR A 40 51.92 -37.70 -27.23
CA THR A 40 51.89 -36.60 -26.28
C THR A 40 51.24 -35.40 -26.92
N LEU A 41 50.24 -34.83 -26.24
CA LEU A 41 49.41 -33.77 -26.79
C LEU A 41 49.62 -32.47 -26.03
N ASP A 42 49.24 -31.37 -26.67
CA ASP A 42 49.30 -30.04 -26.08
C ASP A 42 47.88 -29.49 -25.97
N PHE A 43 47.53 -29.00 -24.77
CA PHE A 43 46.19 -28.50 -24.51
C PHE A 43 46.28 -27.08 -23.98
N GLU A 44 45.50 -26.18 -24.59
CA GLU A 44 45.49 -24.79 -24.15
C GLU A 44 44.13 -24.19 -24.45
N LEU A 45 43.50 -23.60 -23.43
CA LEU A 45 42.25 -22.88 -23.60
C LEU A 45 42.58 -21.45 -24.04
N ILE A 46 42.18 -21.09 -25.26
CA ILE A 46 42.58 -19.81 -25.83
C ILE A 46 41.42 -18.83 -25.99
N LYS A 47 40.17 -19.30 -26.02
CA LYS A 47 39.06 -18.41 -26.28
C LYS A 47 37.82 -18.91 -25.57
N THR A 48 37.07 -17.97 -24.99
CA THR A 48 35.78 -18.26 -24.37
C THR A 48 34.80 -17.18 -24.85
N GLU A 49 33.86 -17.57 -25.70
CA GLU A 49 32.92 -16.64 -26.31
C GLU A 49 31.51 -16.97 -25.85
N ALA A 50 30.72 -15.93 -25.60
CA ALA A 50 29.33 -16.06 -25.21
C ALA A 50 28.45 -15.35 -26.22
N LYS A 51 27.33 -15.97 -26.57
CA LYS A 51 26.38 -15.40 -27.51
C LYS A 51 25.24 -14.72 -26.76
N GLN A 52 24.51 -13.88 -27.51
CA GLN A 52 23.34 -13.11 -27.07
C GLN A 52 23.44 -12.63 -25.62
N PRO A 53 24.36 -11.73 -25.31
CA PRO A 53 24.37 -11.13 -23.97
C PRO A 53 23.12 -10.32 -23.71
N ALA A 54 22.66 -10.35 -22.47
CA ALA A 54 21.45 -9.65 -22.06
C ALA A 54 21.82 -8.53 -21.10
N THR A 55 21.33 -7.32 -21.38
CA THR A 55 21.61 -6.17 -20.54
C THR A 55 20.83 -6.29 -19.24
N LEU A 56 21.54 -6.58 -18.15
CA LEU A 56 20.89 -6.69 -16.85
C LEU A 56 20.51 -5.31 -16.29
N ARG A 57 21.42 -4.34 -16.42
CA ARG A 57 21.21 -3.03 -15.81
C ARG A 57 22.12 -2.03 -16.50
N LYS A 58 21.57 -0.84 -16.75
CA LYS A 58 22.32 0.25 -17.36
C LYS A 58 22.54 1.33 -16.31
N TYR A 59 23.80 1.55 -15.94
CA TYR A 59 24.16 2.54 -14.93
C TYR A 59 24.60 3.83 -15.60
N CYS A 60 24.00 4.94 -15.18
CA CYS A 60 24.46 6.24 -15.66
C CYS A 60 25.74 6.63 -14.95
N ILE A 61 26.67 7.21 -15.69
CA ILE A 61 27.96 7.58 -15.12
C ILE A 61 28.36 9.02 -15.43
N GLU A 62 27.80 9.65 -16.46
CA GLU A 62 28.00 11.06 -16.74
C GLU A 62 26.64 11.74 -16.76
N ALA A 63 26.53 12.88 -16.09
CA ALA A 63 25.26 13.59 -16.01
C ALA A 63 25.50 15.09 -16.10
N LYS A 64 24.46 15.82 -16.49
CA LYS A 64 24.48 17.27 -16.52
C LYS A 64 23.14 17.79 -16.02
N LEU A 65 23.19 18.94 -15.34
CA LEU A 65 22.01 19.56 -14.75
C LEU A 65 21.73 20.87 -15.48
N THR A 66 20.56 20.95 -16.10
CA THR A 66 20.14 22.16 -16.82
C THR A 66 18.68 22.44 -16.50
N ASN A 67 18.20 23.58 -17.00
CA ASN A 67 16.81 24.02 -16.79
C ASN A 67 16.45 24.04 -15.31
N THR A 68 17.37 24.51 -14.48
CA THR A 68 17.15 24.53 -13.05
C THR A 68 16.06 25.54 -12.69
N THR A 69 15.17 25.14 -11.77
CA THR A 69 14.07 25.98 -11.32
C THR A 69 13.90 25.83 -9.82
N THR A 70 13.39 26.88 -9.18
CA THR A 70 13.14 26.84 -7.75
C THR A 70 12.12 27.92 -7.39
N ASP A 71 11.46 27.72 -6.25
CA ASP A 71 10.56 28.71 -5.68
C ASP A 71 10.42 28.43 -4.20
N SER A 72 10.15 29.47 -3.42
CA SER A 72 10.04 29.34 -1.98
C SER A 72 8.60 29.53 -1.53
N ARG A 73 8.34 29.19 -0.28
CA ARG A 73 7.03 29.41 0.33
C ARG A 73 7.23 30.00 1.72
N CYS A 74 6.30 30.85 2.13
CA CYS A 74 6.42 31.49 3.42
C CYS A 74 6.29 30.44 4.52
N PRO A 75 6.90 30.66 5.69
CA PRO A 75 6.83 29.67 6.75
C PRO A 75 5.41 29.39 7.20
N THR A 76 5.15 28.12 7.53
CA THR A 76 3.90 27.60 8.06
C THR A 76 2.75 27.59 7.05
N GLN A 77 3.05 27.49 5.75
CA GLN A 77 2.06 27.16 4.75
C GLN A 77 2.46 25.94 3.94
N GLY A 78 3.06 24.94 4.58
CA GLY A 78 3.39 23.70 3.92
C GLY A 78 4.71 23.73 3.19
N GLU A 79 4.72 23.26 1.94
CA GLU A 79 5.92 23.19 1.14
C GLU A 79 5.68 23.88 -0.21
N PRO A 80 6.73 24.43 -0.82
CA PRO A 80 6.58 25.04 -2.14
C PRO A 80 6.25 24.00 -3.19
N SER A 81 5.57 24.45 -4.24
CA SER A 81 5.08 23.57 -5.28
C SER A 81 5.47 24.09 -6.65
N LEU A 82 5.80 23.17 -7.56
CA LEU A 82 5.88 23.47 -8.98
C LEU A 82 4.84 22.58 -9.67
N ASN A 83 4.37 23.03 -10.83
CA ASN A 83 3.62 22.12 -11.70
C ASN A 83 4.50 21.02 -12.29
N GLU A 84 5.77 20.95 -11.87
CA GLU A 84 6.82 20.27 -12.61
C GLU A 84 7.27 18.95 -11.99
N GLU A 85 7.24 18.80 -10.66
CA GLU A 85 7.80 17.58 -10.05
C GLU A 85 7.09 16.32 -10.51
N GLN A 86 5.97 16.46 -11.22
CA GLN A 86 5.21 15.30 -11.68
C GLN A 86 6.04 14.41 -12.58
N ASP A 87 7.09 14.95 -13.20
CA ASP A 87 7.91 14.20 -14.14
C ASP A 87 9.15 13.69 -13.42
N LYS A 88 9.43 12.40 -13.57
CA LYS A 88 10.51 11.76 -12.81
C LYS A 88 11.89 11.96 -13.44
N ARG A 89 11.97 12.41 -14.69
CA ARG A 89 13.28 12.64 -15.29
C ARG A 89 14.05 13.74 -14.57
N PHE A 90 13.36 14.63 -13.89
CA PHE A 90 14.02 15.66 -13.11
C PHE A 90 14.38 15.13 -11.72
N VAL A 91 15.34 15.79 -11.07
CA VAL A 91 15.73 15.48 -9.71
C VAL A 91 15.33 16.64 -8.81
N CYS A 92 14.69 16.33 -7.68
CA CYS A 92 14.20 17.35 -6.79
C CYS A 92 14.53 16.98 -5.35
N LYS A 93 14.78 18.01 -4.54
CA LYS A 93 15.03 17.83 -3.11
C LYS A 93 14.41 19.00 -2.37
N HIS A 94 13.89 18.70 -1.18
CA HIS A 94 13.31 19.71 -0.31
C HIS A 94 14.30 20.01 0.82
N SER A 95 14.79 21.24 0.88
CA SER A 95 15.62 21.70 1.97
C SER A 95 14.88 22.83 2.68
N MET A 96 15.55 23.46 3.64
CA MET A 96 14.87 24.34 4.56
C MET A 96 15.60 25.67 4.55
N VAL A 97 14.88 26.78 4.38
CA VAL A 97 15.52 28.09 4.23
C VAL A 97 14.84 29.10 5.15
N ASP A 98 15.52 30.23 5.33
CA ASP A 98 14.99 31.35 6.09
C ASP A 98 14.12 32.24 5.19
N ARG A 99 13.10 32.83 5.79
CA ARG A 99 12.19 33.74 5.07
C ARG A 99 11.91 34.96 5.93
N GLY A 100 11.52 36.04 5.28
CA GLY A 100 11.22 37.27 6.00
C GLY A 100 10.57 38.28 5.08
N TRP A 101 10.38 39.48 5.61
CA TRP A 101 9.78 40.55 4.83
C TRP A 101 10.65 40.93 3.65
N GLY A 102 11.96 40.97 3.83
CA GLY A 102 12.86 41.19 2.71
C GLY A 102 12.85 40.06 1.71
N ASN A 103 12.37 38.88 2.10
CA ASN A 103 12.29 37.73 1.23
C ASN A 103 10.95 37.62 0.51
N GLY A 104 10.03 38.56 0.75
CA GLY A 104 8.83 38.65 -0.06
C GLY A 104 7.56 38.10 0.55
N CYS A 105 7.57 37.70 1.81
CA CYS A 105 6.34 37.28 2.49
C CYS A 105 6.28 37.93 3.86
N GLY A 106 5.06 38.08 4.38
CA GLY A 106 4.79 38.85 5.57
C GLY A 106 4.93 38.12 6.89
N LEU A 107 5.52 36.93 6.91
CA LEU A 107 5.70 36.18 8.14
C LEU A 107 7.17 35.81 8.30
N PHE A 108 7.60 35.75 9.56
CA PHE A 108 8.99 35.51 9.90
C PHE A 108 9.18 34.09 10.41
N GLY A 109 10.24 33.45 9.94
CA GLY A 109 10.57 32.11 10.39
C GLY A 109 11.32 31.37 9.29
N LYS A 110 11.43 30.06 9.50
CA LYS A 110 12.10 29.19 8.54
C LYS A 110 11.11 28.76 7.47
N GLY A 111 11.47 28.97 6.21
CA GLY A 111 10.57 28.69 5.10
C GLY A 111 10.97 27.50 4.25
N GLY A 112 10.02 26.97 3.48
CA GLY A 112 10.29 25.86 2.60
C GLY A 112 10.93 26.27 1.28
N ILE A 113 11.58 25.31 0.64
CA ILE A 113 12.24 25.53 -0.64
C ILE A 113 12.36 24.19 -1.35
N VAL A 114 12.33 24.21 -2.67
CA VAL A 114 12.52 23.01 -3.48
C VAL A 114 13.10 23.43 -4.83
N THR A 115 14.01 22.60 -5.34
CA THR A 115 14.67 22.87 -6.61
C THR A 115 14.62 21.63 -7.48
N CYS A 116 14.52 21.84 -8.79
CA CYS A 116 14.50 20.75 -9.76
C CYS A 116 15.26 21.18 -11.01
N ALA A 117 15.79 20.20 -11.74
CA ALA A 117 16.57 20.49 -12.93
C ALA A 117 16.65 19.25 -13.81
N MET A 118 17.03 19.47 -15.06
CA MET A 118 17.25 18.37 -16.00
C MET A 118 18.30 17.41 -15.48
N PHE A 119 18.02 16.11 -15.64
CA PHE A 119 19.02 15.08 -15.37
C PHE A 119 19.19 14.33 -16.67
N THR A 120 20.15 14.77 -17.48
CA THR A 120 20.45 14.16 -18.77
C THR A 120 21.77 13.41 -18.65
N CYS A 121 21.77 12.15 -19.07
CA CYS A 121 22.95 11.30 -18.89
C CYS A 121 23.76 11.28 -20.18
N LYS A 122 25.01 11.75 -20.10
CA LYS A 122 25.87 11.84 -21.27
C LYS A 122 26.51 10.51 -21.61
N LYS A 123 27.19 9.89 -20.64
CA LYS A 123 27.77 8.57 -20.80
C LYS A 123 27.24 7.67 -19.70
N ASN A 124 27.21 6.37 -19.98
CA ASN A 124 26.59 5.41 -19.07
C ASN A 124 27.31 4.08 -19.13
N MET A 125 26.99 3.23 -18.16
CA MET A 125 27.56 1.89 -18.04
C MET A 125 26.48 0.86 -18.30
N LYS A 126 26.85 -0.23 -18.96
CA LYS A 126 25.92 -1.32 -19.24
C LYS A 126 26.49 -2.62 -18.71
N GLY A 127 25.64 -3.40 -18.02
CA GLY A 127 26.03 -4.69 -17.49
C GLY A 127 25.31 -5.80 -18.22
N LYS A 128 26.08 -6.64 -18.89
CA LYS A 128 25.53 -7.72 -19.71
C LYS A 128 25.62 -9.03 -18.94
N VAL A 129 24.49 -9.74 -18.86
CA VAL A 129 24.43 -11.06 -18.23
C VAL A 129 24.14 -12.08 -19.32
N VAL A 130 24.83 -13.21 -19.25
CA VAL A 130 24.73 -14.26 -20.26
C VAL A 130 24.48 -15.60 -19.56
N GLN A 131 23.56 -16.38 -20.11
CA GLN A 131 23.29 -17.70 -19.56
C GLN A 131 24.45 -18.64 -19.85
N PRO A 132 24.65 -19.64 -18.99
CA PRO A 132 25.71 -20.64 -19.28
C PRO A 132 25.48 -21.40 -20.57
N GLU A 133 24.23 -21.48 -21.03
CA GLU A 133 23.92 -22.15 -22.29
C GLU A 133 24.61 -21.49 -23.47
N ASN A 134 24.80 -20.17 -23.44
CA ASN A 134 25.33 -19.44 -24.57
C ASN A 134 26.86 -19.44 -24.63
N LEU A 135 27.53 -20.05 -23.66
CA LEU A 135 28.98 -20.03 -23.60
C LEU A 135 29.59 -20.96 -24.65
N GLU A 136 30.78 -20.60 -25.10
CA GLU A 136 31.55 -21.40 -26.03
C GLU A 136 33.00 -21.39 -25.60
N TYR A 137 33.65 -22.55 -25.66
CA TYR A 137 35.05 -22.71 -25.27
C TYR A 137 35.84 -23.22 -26.46
N THR A 138 36.96 -22.55 -26.75
CA THR A 138 37.82 -22.91 -27.87
C THR A 138 39.14 -23.46 -27.32
N ILE A 139 39.50 -24.65 -27.76
CA ILE A 139 40.71 -25.33 -27.30
C ILE A 139 41.54 -25.73 -28.52
N VAL A 140 42.85 -25.52 -28.42
CA VAL A 140 43.79 -25.89 -29.47
C VAL A 140 44.39 -27.24 -29.14
N ILE A 141 44.49 -28.11 -30.15
CA ILE A 141 45.01 -29.46 -29.97
C ILE A 141 46.30 -29.55 -30.78
N THR A 142 47.41 -29.77 -30.10
CA THR A 142 48.72 -29.77 -30.76
C THR A 142 49.51 -31.03 -30.41
N PRO A 143 49.53 -32.04 -31.28
CA PRO A 143 50.42 -33.18 -31.07
C PRO A 143 51.87 -32.77 -31.20
N HIS A 144 52.73 -33.50 -30.50
CA HIS A 144 54.17 -33.21 -30.50
C HIS A 144 54.84 -33.76 -31.76
N SER A 145 54.40 -33.25 -32.90
CA SER A 145 55.01 -33.62 -34.16
C SER A 145 56.45 -33.13 -34.27
N GLY A 146 56.73 -31.95 -33.72
CA GLY A 146 58.08 -31.43 -33.73
C GLY A 146 58.51 -30.75 -35.01
N GLU A 147 57.57 -30.33 -35.85
CA GLU A 147 57.95 -29.61 -37.06
C GLU A 147 58.54 -28.25 -36.71
N GLU A 148 59.41 -27.75 -37.59
CA GLU A 148 60.30 -26.64 -37.25
C GLU A 148 59.56 -25.33 -36.99
N HIS A 149 58.32 -25.19 -37.45
CA HIS A 149 57.55 -23.97 -37.25
C HIS A 149 56.39 -24.19 -36.27
N ALA A 150 56.63 -24.96 -35.21
CA ALA A 150 55.57 -25.33 -34.29
C ALA A 150 55.80 -24.85 -32.86
N VAL A 151 57.04 -24.74 -32.41
CA VAL A 151 57.32 -24.43 -31.01
C VAL A 151 56.89 -23.00 -30.74
N GLY A 152 55.83 -22.84 -29.95
CA GLY A 152 55.32 -21.52 -29.61
C GLY A 152 54.69 -20.76 -30.75
N ASN A 153 54.40 -21.42 -31.88
CA ASN A 153 53.79 -20.76 -33.04
C ASN A 153 52.28 -20.73 -32.86
N ASP A 154 51.84 -19.90 -31.91
CA ASP A 154 50.42 -19.77 -31.63
C ASP A 154 49.65 -19.15 -32.78
N THR A 155 50.28 -18.30 -33.59
CA THR A 155 49.61 -17.65 -34.72
C THR A 155 49.59 -18.52 -35.96
N GLY A 156 50.20 -19.71 -35.92
CA GLY A 156 50.21 -20.61 -37.05
C GLY A 156 49.17 -21.70 -36.89
N LYS A 157 48.62 -22.16 -38.01
CA LYS A 157 47.60 -23.21 -38.01
C LYS A 157 48.26 -24.59 -38.00
N HIS A 158 49.05 -24.82 -36.95
CA HIS A 158 49.74 -26.09 -36.77
C HIS A 158 48.97 -27.06 -35.89
N GLY A 159 48.47 -26.59 -34.74
CA GLY A 159 47.57 -27.39 -33.95
C GLY A 159 46.15 -27.34 -34.48
N LYS A 160 45.28 -28.14 -33.88
CA LYS A 160 43.89 -28.23 -34.28
C LYS A 160 43.00 -27.56 -33.24
N GLU A 161 42.16 -26.64 -33.69
CA GLU A 161 41.22 -25.96 -32.82
C GLU A 161 39.94 -26.77 -32.73
N ILE A 162 39.44 -26.96 -31.51
CA ILE A 162 38.20 -27.67 -31.27
C ILE A 162 37.22 -26.73 -30.57
N LYS A 163 35.96 -26.81 -30.97
CA LYS A 163 34.90 -25.99 -30.39
C LYS A 163 34.00 -26.87 -29.55
N ILE A 164 33.84 -26.50 -28.27
CA ILE A 164 33.00 -27.25 -27.34
C ILE A 164 31.97 -26.30 -26.74
N THR A 165 30.73 -26.77 -26.67
CA THR A 165 29.60 -26.03 -26.12
C THR A 165 28.87 -26.92 -25.14
N PRO A 166 28.13 -26.33 -24.20
CA PRO A 166 27.34 -27.16 -23.27
C PRO A 166 26.28 -28.00 -23.97
N GLN A 167 25.88 -27.64 -25.19
CA GLN A 167 24.87 -28.41 -25.91
C GLN A 167 25.37 -29.81 -26.26
N SER A 168 26.68 -30.01 -26.35
CA SER A 168 27.25 -31.31 -26.69
C SER A 168 28.45 -31.55 -25.77
N SER A 169 28.27 -32.40 -24.76
CA SER A 169 29.38 -32.77 -23.91
C SER A 169 30.45 -33.52 -24.68
N ILE A 170 30.03 -34.40 -25.58
CA ILE A 170 30.95 -35.14 -26.44
C ILE A 170 31.34 -34.23 -27.61
N THR A 171 32.60 -33.85 -27.66
CA THR A 171 33.18 -33.20 -28.84
C THR A 171 34.36 -34.04 -29.30
N GLU A 172 34.41 -34.31 -30.61
CA GLU A 172 35.28 -35.35 -31.13
C GLU A 172 36.20 -34.71 -32.16
N ALA A 173 37.50 -34.95 -32.04
CA ALA A 173 38.49 -34.30 -32.89
C ALA A 173 39.38 -35.35 -33.52
N GLU A 174 39.49 -35.33 -34.85
CA GLU A 174 40.38 -36.22 -35.58
C GLU A 174 41.74 -35.55 -35.78
N LEU A 175 42.80 -36.30 -35.51
CA LEU A 175 44.17 -35.83 -35.69
C LEU A 175 44.84 -36.67 -36.77
N THR A 176 45.39 -35.98 -37.77
CA THR A 176 46.04 -36.67 -38.88
C THR A 176 47.27 -37.43 -38.40
N GLY A 177 47.21 -38.76 -38.43
CA GLY A 177 48.32 -39.60 -38.04
C GLY A 177 48.38 -39.93 -36.56
N TYR A 178 47.51 -39.36 -35.74
CA TYR A 178 47.48 -39.64 -34.31
C TYR A 178 46.16 -40.23 -33.87
N GLY A 179 45.38 -40.80 -34.79
CA GLY A 179 44.07 -41.28 -34.41
C GLY A 179 43.10 -40.13 -34.20
N THR A 180 42.02 -40.43 -33.47
CA THR A 180 40.96 -39.46 -33.23
C THR A 180 40.71 -39.37 -31.74
N VAL A 181 40.71 -38.15 -31.20
CA VAL A 181 40.69 -37.95 -29.75
C VAL A 181 39.27 -37.65 -29.30
N THR A 182 38.87 -38.25 -28.18
CA THR A 182 37.59 -37.99 -27.54
C THR A 182 37.80 -36.97 -26.43
N MET A 183 37.11 -35.83 -26.52
CA MET A 183 37.30 -34.73 -25.59
C MET A 183 36.03 -34.53 -24.78
N GLU A 184 36.16 -34.59 -23.45
CA GLU A 184 35.05 -34.35 -22.54
C GLU A 184 35.44 -33.24 -21.57
N CYS A 185 34.56 -32.24 -21.44
CA CYS A 185 34.77 -31.12 -20.55
C CYS A 185 33.48 -30.82 -19.80
N SER A 186 33.55 -29.90 -18.84
CA SER A 186 32.43 -29.51 -18.01
C SER A 186 32.30 -27.99 -18.02
N PRO A 187 31.81 -27.42 -19.13
CA PRO A 187 31.71 -25.96 -19.22
C PRO A 187 30.80 -25.34 -18.18
N ARG A 188 29.73 -26.03 -17.79
CA ARG A 188 28.74 -25.44 -16.89
C ARG A 188 29.27 -25.19 -15.48
N THR A 189 30.11 -26.08 -14.95
CA THR A 189 30.59 -25.94 -13.58
C THR A 189 31.92 -25.22 -13.48
N GLY A 190 32.49 -24.76 -14.59
CA GLY A 190 33.72 -24.00 -14.54
C GLY A 190 33.55 -22.72 -13.76
N LEU A 191 32.68 -21.83 -14.26
CA LEU A 191 32.29 -20.63 -13.54
C LEU A 191 30.78 -20.48 -13.68
N ASP A 192 30.09 -20.27 -12.56
CA ASP A 192 28.64 -20.17 -12.56
C ASP A 192 28.28 -18.74 -12.95
N PHE A 193 28.09 -18.53 -14.25
CA PHE A 193 27.86 -17.18 -14.78
C PHE A 193 26.56 -16.56 -14.29
N ASN A 194 25.67 -17.34 -13.67
CA ASN A 194 24.44 -16.77 -13.13
C ASN A 194 24.73 -15.71 -12.07
N GLU A 195 25.92 -15.71 -11.48
CA GLU A 195 26.30 -14.72 -10.48
C GLU A 195 27.30 -13.70 -10.99
N MET A 196 27.73 -13.79 -12.24
CA MET A 196 28.61 -12.79 -12.82
C MET A 196 27.90 -12.03 -13.93
N VAL A 197 28.23 -10.75 -14.05
CA VAL A 197 27.69 -9.88 -15.09
C VAL A 197 28.85 -9.20 -15.80
N LEU A 198 28.73 -9.07 -17.12
CA LEU A 198 29.76 -8.44 -17.94
C LEU A 198 29.56 -6.93 -17.90
N LEU A 199 30.49 -6.23 -17.26
CA LEU A 199 30.44 -4.77 -17.18
C LEU A 199 31.26 -4.19 -18.32
N GLN A 200 30.67 -3.26 -19.05
CA GLN A 200 31.28 -2.68 -20.23
C GLN A 200 31.45 -1.17 -20.07
N MET A 201 32.67 -0.69 -20.29
CA MET A 201 32.96 0.73 -20.30
C MET A 201 32.83 1.23 -21.74
N GLU A 202 33.30 2.44 -22.03
CA GLU A 202 33.22 2.93 -23.40
C GLU A 202 34.07 2.07 -24.34
N ASN A 203 35.25 1.64 -23.88
CA ASN A 203 36.10 0.78 -24.68
C ASN A 203 36.73 -0.37 -23.89
N LYS A 204 36.50 -0.46 -22.59
CA LYS A 204 37.04 -1.52 -21.77
C LYS A 204 35.91 -2.31 -21.13
N ALA A 205 36.26 -3.47 -20.55
CA ALA A 205 35.25 -4.33 -19.98
C ALA A 205 35.85 -5.12 -18.83
N TRP A 206 34.97 -5.62 -17.96
CA TRP A 206 35.38 -6.41 -16.81
C TRP A 206 34.33 -7.48 -16.54
N LEU A 207 34.77 -8.55 -15.89
CA LEU A 207 33.89 -9.61 -15.43
C LEU A 207 33.74 -9.48 -13.92
N VAL A 208 32.55 -9.09 -13.48
CA VAL A 208 32.31 -8.79 -12.07
C VAL A 208 31.13 -9.61 -11.59
N HIS A 209 31.08 -9.80 -10.27
CA HIS A 209 29.97 -10.50 -9.65
C HIS A 209 28.68 -9.70 -9.79
N ARG A 210 27.57 -10.42 -9.95
CA ARG A 210 26.30 -9.73 -10.16
C ARG A 210 25.89 -8.91 -8.95
N GLN A 211 26.10 -9.44 -7.73
CA GLN A 211 25.58 -8.78 -6.54
C GLN A 211 26.24 -7.43 -6.33
N TRP A 212 27.57 -7.38 -6.37
CA TRP A 212 28.27 -6.12 -6.20
C TRP A 212 27.86 -5.12 -7.27
N PHE A 213 27.58 -5.59 -8.48
CA PHE A 213 27.09 -4.72 -9.53
C PHE A 213 25.72 -4.16 -9.19
N LEU A 214 24.84 -4.99 -8.63
CA LEU A 214 23.54 -4.51 -8.18
C LEU A 214 23.64 -3.52 -7.02
N ASP A 215 24.72 -3.57 -6.24
CA ASP A 215 24.90 -2.65 -5.12
C ASP A 215 25.64 -1.37 -5.51
N LEU A 216 25.86 -1.11 -6.79
CA LEU A 216 26.52 0.13 -7.18
C LEU A 216 25.60 1.32 -6.96
N PRO A 217 26.05 2.36 -6.28
CA PRO A 217 25.21 3.56 -6.04
C PRO A 217 25.25 4.56 -7.20
N LEU A 218 24.76 4.14 -8.35
CA LEU A 218 24.70 4.96 -9.55
C LEU A 218 23.28 4.95 -10.11
N PRO A 219 22.90 5.98 -10.85
CA PRO A 219 21.57 5.96 -11.49
C PRO A 219 21.46 4.80 -12.46
N TRP A 220 20.26 4.21 -12.51
CA TRP A 220 20.01 3.07 -13.37
C TRP A 220 18.59 3.05 -13.92
N LEU A 221 18.47 2.51 -15.16
CA LEU A 221 17.38 1.91 -15.90
C LEU A 221 17.56 0.41 -15.95
N PRO A 222 16.46 -0.34 -15.99
CA PRO A 222 16.55 -1.76 -16.36
C PRO A 222 17.03 -1.91 -17.79
N GLY A 223 17.67 -3.04 -18.05
CA GLY A 223 18.22 -3.29 -19.38
C GLY A 223 17.15 -3.29 -20.46
N ALA A 224 15.96 -3.80 -20.14
CA ALA A 224 14.88 -3.82 -21.12
C ALA A 224 14.33 -2.43 -21.44
N ASP A 225 14.69 -1.41 -20.66
CA ASP A 225 14.16 -0.08 -20.87
C ASP A 225 14.84 0.58 -22.07
N THR A 226 14.04 1.32 -22.85
CA THR A 226 14.54 2.02 -24.02
C THR A 226 14.29 3.51 -23.99
N GLN A 227 13.51 4.02 -23.03
CA GLN A 227 13.23 5.45 -22.97
C GLN A 227 14.50 6.25 -22.73
N GLY A 228 15.36 5.78 -21.83
CA GLY A 228 16.61 6.46 -21.57
C GLY A 228 16.52 7.68 -20.69
N SER A 229 15.45 7.81 -19.90
CA SER A 229 15.28 8.98 -19.05
C SER A 229 14.97 8.67 -17.59
N ASN A 230 14.35 7.53 -17.28
CA ASN A 230 13.97 7.22 -15.90
C ASN A 230 15.20 6.70 -15.16
N TRP A 231 15.94 7.65 -14.59
CA TRP A 231 17.14 7.35 -13.83
C TRP A 231 16.77 7.26 -12.35
N ILE A 232 17.01 6.09 -11.76
CA ILE A 232 16.62 5.85 -10.38
C ILE A 232 17.75 6.33 -9.47
N GLN A 233 17.39 6.74 -8.25
CA GLN A 233 18.30 7.29 -7.25
C GLN A 233 19.30 8.26 -7.87
N LYS A 234 18.74 9.31 -8.48
CA LYS A 234 19.55 10.36 -9.07
C LYS A 234 20.26 11.21 -8.03
N GLU A 235 19.82 11.16 -6.77
CA GLU A 235 20.44 11.98 -5.74
C GLU A 235 21.90 11.58 -5.47
N THR A 236 22.32 10.41 -5.93
CA THR A 236 23.70 9.98 -5.73
C THR A 236 24.68 10.73 -6.62
N LEU A 237 24.20 11.40 -7.67
CA LEU A 237 25.06 12.18 -8.56
C LEU A 237 24.71 13.66 -8.58
N VAL A 238 23.90 14.14 -7.65
CA VAL A 238 23.62 15.56 -7.53
C VAL A 238 23.83 15.98 -6.08
N THR A 239 24.14 17.25 -5.89
CA THR A 239 24.32 17.84 -4.58
C THR A 239 23.51 19.12 -4.48
N PHE A 240 22.72 19.23 -3.43
CA PHE A 240 21.90 20.41 -3.18
C PHE A 240 22.59 21.23 -2.08
N LYS A 241 23.12 22.38 -2.45
CA LYS A 241 23.88 23.22 -1.54
C LYS A 241 22.98 24.30 -0.96
N ASN A 242 23.03 24.46 0.36
CA ASN A 242 22.22 25.44 1.08
C ASN A 242 23.18 26.17 2.01
N PRO A 243 23.96 27.12 1.47
CA PRO A 243 25.09 27.65 2.24
C PRO A 243 24.72 28.32 3.54
N HIS A 244 23.69 29.17 3.56
CA HIS A 244 23.39 29.95 4.74
C HIS A 244 21.90 30.06 4.99
N ALA A 245 21.14 29.03 4.62
CA ALA A 245 19.69 29.00 4.83
C ALA A 245 18.97 30.14 4.12
N LYS A 246 19.48 30.58 2.97
CA LYS A 246 18.77 31.55 2.15
C LYS A 246 18.48 31.07 0.73
N LYS A 247 19.25 30.12 0.21
CA LYS A 247 19.06 29.70 -1.18
C LYS A 247 19.59 28.29 -1.33
N GLN A 248 18.78 27.41 -1.92
CA GLN A 248 19.19 26.05 -2.24
C GLN A 248 19.56 25.97 -3.71
N ASP A 249 20.78 25.53 -4.00
CA ASP A 249 21.26 25.36 -5.36
C ASP A 249 21.70 23.93 -5.57
N VAL A 250 21.44 23.42 -6.78
CA VAL A 250 21.77 22.04 -7.14
C VAL A 250 22.89 22.05 -8.17
N VAL A 251 23.89 21.20 -7.95
CA VAL A 251 25.00 21.04 -8.88
C VAL A 251 25.20 19.57 -9.15
N VAL A 252 25.88 19.27 -10.26
CA VAL A 252 26.09 17.90 -10.70
C VAL A 252 27.38 17.38 -10.12
N LEU A 253 27.33 16.18 -9.55
CA LEU A 253 28.57 15.51 -9.17
C LEU A 253 29.33 15.08 -10.41
N GLY A 254 30.64 14.95 -10.26
CA GLY A 254 31.54 14.80 -11.38
C GLY A 254 31.48 13.45 -12.05
N SER A 255 32.57 13.12 -12.73
CA SER A 255 32.69 11.88 -13.48
C SER A 255 33.33 10.80 -12.62
N GLN A 256 32.62 9.69 -12.41
CA GLN A 256 33.09 8.61 -11.57
C GLN A 256 33.74 7.49 -12.37
N GLU A 257 33.98 7.69 -13.66
CA GLU A 257 34.52 6.60 -14.46
C GLU A 257 35.96 6.29 -14.06
N GLY A 258 36.74 7.29 -13.64
CA GLY A 258 37.97 6.99 -12.93
C GLY A 258 37.72 6.39 -11.57
N ALA A 259 36.73 6.91 -10.86
CA ALA A 259 36.34 6.31 -9.57
C ALA A 259 35.84 4.89 -9.77
N MET A 260 35.08 4.66 -10.84
CA MET A 260 34.64 3.30 -11.16
C MET A 260 35.84 2.41 -11.48
N HIS A 261 36.82 2.94 -12.21
CA HIS A 261 38.03 2.19 -12.49
C HIS A 261 38.72 1.78 -11.20
N THR A 262 38.77 2.69 -10.22
CA THR A 262 39.33 2.35 -8.92
C THR A 262 38.48 1.29 -8.22
N ALA A 263 37.16 1.37 -8.39
CA ALA A 263 36.26 0.41 -7.75
C ALA A 263 36.40 -0.99 -8.34
N LEU A 264 37.08 -1.13 -9.47
CA LEU A 264 37.27 -2.42 -10.13
C LEU A 264 38.63 -3.02 -9.80
N THR A 265 39.12 -2.76 -8.57
CA THR A 265 40.46 -3.22 -8.19
C THR A 265 40.57 -4.73 -8.26
N GLY A 266 39.61 -5.44 -7.66
CA GLY A 266 39.64 -6.88 -7.62
C GLY A 266 38.94 -7.57 -8.77
N ALA A 267 38.53 -6.83 -9.79
CA ALA A 267 37.86 -7.41 -10.94
C ALA A 267 38.89 -7.83 -12.00
N THR A 268 38.43 -8.66 -12.94
CA THR A 268 39.26 -9.13 -14.04
C THR A 268 38.75 -8.51 -15.34
N GLU A 269 39.67 -7.94 -16.11
CA GLU A 269 39.31 -7.19 -17.31
C GLU A 269 39.14 -8.11 -18.51
N ILE A 270 38.13 -7.81 -19.33
CA ILE A 270 37.86 -8.48 -20.58
C ILE A 270 37.55 -7.43 -21.63
N GLN A 271 37.16 -7.87 -22.82
CA GLN A 271 36.74 -6.96 -23.88
C GLN A 271 35.61 -7.59 -24.67
N MET A 272 34.73 -6.73 -25.20
CA MET A 272 33.68 -7.17 -26.11
C MET A 272 33.49 -6.21 -27.28
N SER A 273 34.57 -5.55 -27.70
CA SER A 273 34.48 -4.62 -28.83
C SER A 273 34.05 -5.35 -30.10
N SER A 274 34.54 -6.57 -30.30
CA SER A 274 34.20 -7.39 -31.46
C SER A 274 33.76 -8.77 -31.01
N GLY A 275 32.87 -8.82 -30.03
CA GLY A 275 32.40 -10.09 -29.50
C GLY A 275 32.81 -10.30 -28.06
N ASN A 276 32.00 -11.03 -27.30
CA ASN A 276 32.24 -11.22 -25.87
C ASN A 276 33.43 -12.18 -25.68
N LEU A 277 34.62 -11.65 -25.92
CA LEU A 277 35.85 -12.41 -25.73
C LEU A 277 36.27 -12.36 -24.27
N LEU A 278 36.43 -13.53 -23.67
CA LEU A 278 36.91 -13.65 -22.29
C LEU A 278 38.13 -14.54 -22.26
N PHE A 279 39.18 -14.08 -21.59
CA PHE A 279 40.40 -14.84 -21.39
C PHE A 279 40.63 -15.11 -19.91
N THR A 280 39.56 -15.49 -19.22
CA THR A 280 39.58 -15.66 -17.77
C THR A 280 38.74 -16.87 -17.39
N GLY A 281 39.23 -17.64 -16.44
CA GLY A 281 38.50 -18.78 -15.91
C GLY A 281 39.21 -20.09 -16.20
N HIS A 282 38.57 -21.17 -15.74
CA HIS A 282 39.09 -22.51 -15.89
C HIS A 282 37.99 -23.43 -16.39
N LEU A 283 38.41 -24.53 -17.02
CA LEU A 283 37.48 -25.50 -17.58
C LEU A 283 37.94 -26.90 -17.19
N LYS A 284 37.16 -27.58 -16.37
CA LYS A 284 37.45 -28.95 -16.00
C LYS A 284 37.08 -29.88 -17.16
N CYS A 285 37.93 -30.87 -17.42
CA CYS A 285 37.77 -31.73 -18.57
C CYS A 285 38.17 -33.16 -18.23
N ARG A 286 37.64 -34.10 -19.01
CA ARG A 286 38.09 -35.49 -19.00
C ARG A 286 38.61 -35.84 -20.38
N LEU A 287 39.85 -36.32 -20.43
CA LEU A 287 40.50 -36.69 -21.68
C LEU A 287 40.44 -38.20 -21.86
N ARG A 288 39.86 -38.65 -22.96
CA ARG A 288 39.80 -40.06 -23.29
C ARG A 288 40.81 -40.36 -24.40
N MET A 289 41.72 -41.30 -24.13
CA MET A 289 42.74 -41.70 -25.09
C MET A 289 42.41 -43.03 -25.76
N ASP A 290 41.12 -43.30 -25.99
CA ASP A 290 40.72 -44.59 -26.55
C ASP A 290 41.25 -44.77 -27.97
N LYS A 291 41.18 -43.72 -28.79
CA LYS A 291 41.48 -43.82 -30.21
C LYS A 291 42.62 -42.90 -30.62
N LEU A 292 43.70 -42.88 -29.84
CA LEU A 292 44.89 -42.11 -30.17
C LEU A 292 45.99 -43.04 -30.67
N GLN A 293 46.61 -42.64 -31.78
CA GLN A 293 47.53 -43.48 -32.51
C GLN A 293 48.91 -42.83 -32.56
N LEU A 294 49.94 -43.64 -32.80
CA LEU A 294 51.30 -43.14 -32.91
C LEU A 294 51.67 -42.98 -34.38
N LYS A 295 52.08 -41.77 -34.75
CA LYS A 295 52.35 -41.46 -36.14
C LYS A 295 53.65 -42.10 -36.61
N GLY A 296 53.64 -42.61 -37.83
CA GLY A 296 54.83 -43.14 -38.45
C GLY A 296 55.44 -44.35 -37.77
N MET A 297 54.60 -45.33 -37.42
CA MET A 297 55.10 -46.58 -36.87
C MET A 297 55.48 -47.59 -37.92
N SER A 298 55.32 -47.25 -39.21
CA SER A 298 55.80 -48.09 -40.30
C SER A 298 57.07 -47.55 -40.93
N TYR A 299 57.58 -46.41 -40.47
CA TYR A 299 58.79 -45.81 -41.00
C TYR A 299 60.00 -46.46 -40.35
N SER A 300 61.00 -46.79 -41.16
CA SER A 300 62.16 -47.51 -40.67
C SER A 300 63.05 -46.59 -39.84
N MET A 301 64.20 -47.11 -39.44
CA MET A 301 65.14 -46.35 -38.62
C MET A 301 66.04 -45.50 -39.49
N CYS A 302 66.32 -44.28 -39.03
CA CYS A 302 67.26 -43.42 -39.74
C CYS A 302 68.67 -44.00 -39.66
N THR A 303 69.39 -43.94 -40.78
CA THR A 303 70.74 -44.46 -40.86
C THR A 303 71.79 -43.42 -41.20
N GLY A 304 71.40 -42.25 -41.69
CA GLY A 304 72.36 -41.24 -42.09
C GLY A 304 72.80 -40.37 -40.92
N LYS A 305 73.49 -39.29 -41.28
CA LYS A 305 74.05 -38.39 -40.28
C LYS A 305 73.00 -37.36 -39.84
N PHE A 306 73.26 -36.76 -38.68
CA PHE A 306 72.42 -35.70 -38.15
C PHE A 306 73.28 -34.49 -37.81
N LYS A 307 72.70 -33.31 -37.94
CA LYS A 307 73.37 -32.07 -37.59
C LYS A 307 72.42 -31.19 -36.79
N VAL A 308 72.98 -30.45 -35.84
CA VAL A 308 72.19 -29.59 -34.96
C VAL A 308 72.10 -28.21 -35.59
N VAL A 309 70.87 -27.74 -35.83
CA VAL A 309 70.64 -26.42 -36.38
C VAL A 309 70.20 -25.41 -35.33
N LYS A 310 69.66 -25.87 -34.20
CA LYS A 310 69.35 -25.00 -33.07
C LYS A 310 69.75 -25.72 -31.80
N GLU A 311 70.50 -25.02 -30.94
CA GLU A 311 71.12 -25.66 -29.80
C GLU A 311 70.11 -25.97 -28.70
N ILE A 312 70.55 -26.76 -27.73
CA ILE A 312 69.70 -27.16 -26.62
C ILE A 312 69.34 -25.95 -25.78
N ALA A 313 68.05 -25.83 -25.45
CA ALA A 313 67.56 -24.78 -24.57
C ALA A 313 66.91 -25.42 -23.35
N GLU A 314 66.99 -24.72 -22.22
CA GLU A 314 66.49 -25.22 -20.95
C GLU A 314 65.19 -24.49 -20.63
N THR A 315 64.11 -25.25 -20.43
CA THR A 315 62.80 -24.67 -20.19
C THR A 315 62.68 -24.20 -18.74
N GLN A 316 61.47 -23.89 -18.30
CA GLN A 316 61.23 -23.51 -16.92
C GLN A 316 60.91 -24.71 -16.03
N HIS A 317 60.80 -25.92 -16.59
CA HIS A 317 60.39 -27.10 -15.84
C HIS A 317 61.45 -28.20 -15.88
N GLY A 318 62.69 -27.86 -16.19
CA GLY A 318 63.75 -28.84 -16.25
C GLY A 318 63.82 -29.63 -17.54
N THR A 319 62.91 -29.39 -18.47
CA THR A 319 62.93 -30.08 -19.76
C THR A 319 63.83 -29.32 -20.73
N ILE A 320 64.25 -30.03 -21.78
CA ILE A 320 65.15 -29.49 -22.78
C ILE A 320 64.52 -29.66 -24.16
N VAL A 321 64.91 -28.79 -25.08
CA VAL A 321 64.44 -28.83 -26.45
C VAL A 321 65.64 -28.69 -27.37
N ILE A 322 65.57 -29.34 -28.53
CA ILE A 322 66.64 -29.31 -29.51
C ILE A 322 66.04 -29.45 -30.90
N ARG A 323 66.64 -28.76 -31.86
CA ARG A 323 66.27 -28.85 -33.26
C ARG A 323 67.42 -29.50 -34.03
N VAL A 324 67.13 -30.60 -34.71
CA VAL A 324 68.13 -31.38 -35.42
C VAL A 324 67.62 -31.68 -36.82
N GLN A 325 68.51 -31.62 -37.81
CA GLN A 325 68.16 -31.87 -39.20
C GLN A 325 68.85 -33.15 -39.67
N TYR A 326 68.08 -33.99 -40.37
CA TYR A 326 68.61 -35.25 -40.90
C TYR A 326 69.33 -35.01 -42.21
N GLU A 327 70.57 -35.47 -42.30
CA GLU A 327 71.40 -35.26 -43.48
C GLU A 327 71.56 -36.51 -44.33
N GLY A 328 71.03 -37.65 -43.89
CA GLY A 328 71.19 -38.90 -44.61
C GLY A 328 70.03 -39.18 -45.54
N ASP A 329 69.95 -40.44 -45.95
CA ASP A 329 68.91 -40.91 -46.86
C ASP A 329 67.98 -41.86 -46.12
N GLY A 330 66.78 -42.04 -46.67
CA GLY A 330 65.79 -42.92 -46.10
C GLY A 330 64.60 -42.24 -45.47
N SER A 331 64.42 -40.94 -45.68
CA SER A 331 63.26 -40.26 -45.12
C SER A 331 61.98 -40.79 -45.75
N PRO A 332 60.91 -40.97 -44.97
CA PRO A 332 60.85 -40.70 -43.53
C PRO A 332 61.46 -41.81 -42.68
N CYS A 333 61.99 -41.45 -41.51
CA CYS A 333 62.54 -42.42 -40.58
C CYS A 333 62.54 -41.82 -39.19
N LYS A 334 62.70 -42.68 -38.20
CA LYS A 334 62.65 -42.28 -36.79
C LYS A 334 64.00 -41.72 -36.35
N ILE A 335 63.95 -40.68 -35.53
CA ILE A 335 65.17 -40.06 -35.02
C ILE A 335 65.71 -40.89 -33.86
N PRO A 336 66.96 -41.35 -33.91
CA PRO A 336 67.57 -41.96 -32.72
C PRO A 336 67.70 -40.95 -31.60
N PHE A 337 67.30 -41.36 -30.40
CA PHE A 337 67.33 -40.45 -29.25
C PHE A 337 67.33 -41.27 -27.97
N GLU A 338 68.40 -41.17 -27.20
CA GLU A 338 68.51 -41.80 -25.90
C GLU A 338 69.11 -40.82 -24.89
N ILE A 339 68.63 -40.91 -23.65
CA ILE A 339 69.22 -40.16 -22.55
C ILE A 339 69.99 -41.14 -21.69
N MET A 340 71.28 -41.29 -21.97
CA MET A 340 72.08 -42.35 -21.37
C MET A 340 73.04 -41.76 -20.35
N ASP A 341 73.63 -42.64 -19.53
CA ASP A 341 74.63 -42.24 -18.56
C ASP A 341 75.99 -42.13 -19.26
N LEU A 342 77.05 -41.92 -18.48
CA LEU A 342 78.37 -41.74 -19.07
C LEU A 342 78.94 -43.05 -19.58
N GLU A 343 78.54 -44.17 -18.99
CA GLU A 343 78.95 -45.49 -19.47
C GLU A 343 77.93 -46.10 -20.42
N LYS A 344 76.86 -45.37 -20.74
CA LYS A 344 75.80 -45.87 -21.62
C LYS A 344 75.25 -47.20 -21.12
N ARG A 345 75.02 -47.29 -19.82
CA ARG A 345 74.55 -48.51 -19.18
C ARG A 345 73.06 -48.46 -18.86
N HIS A 346 72.62 -47.41 -18.16
CA HIS A 346 71.23 -47.30 -17.70
C HIS A 346 70.59 -46.06 -18.31
N VAL A 347 69.41 -46.24 -18.90
CA VAL A 347 68.65 -45.10 -19.42
C VAL A 347 68.19 -44.24 -18.25
N LEU A 348 68.39 -42.93 -18.38
CA LEU A 348 68.12 -42.00 -17.30
C LEU A 348 66.90 -41.12 -17.52
N GLY A 349 66.78 -40.47 -18.68
CA GLY A 349 65.69 -39.57 -18.95
C GLY A 349 64.62 -40.23 -19.81
N ARG A 350 63.55 -39.46 -20.04
CA ARG A 350 62.42 -39.92 -20.84
C ARG A 350 62.09 -38.89 -21.91
N LEU A 351 61.57 -39.38 -23.03
CA LEU A 351 61.18 -38.51 -24.14
C LEU A 351 59.83 -37.88 -23.85
N ILE A 352 59.74 -36.57 -24.08
CA ILE A 352 58.44 -35.90 -24.05
C ILE A 352 57.74 -36.06 -25.40
N THR A 353 58.47 -35.81 -26.48
CA THR A 353 57.98 -36.07 -27.83
C THR A 353 58.36 -37.50 -28.18
N VAL A 354 57.42 -38.42 -27.98
CA VAL A 354 57.73 -39.84 -28.16
C VAL A 354 58.04 -40.14 -29.61
N ASN A 355 59.06 -40.99 -29.81
CA ASN A 355 59.47 -41.62 -31.07
C ASN A 355 59.20 -40.76 -32.30
N PRO A 356 59.85 -39.61 -32.41
CA PRO A 356 59.58 -38.69 -33.52
C PRO A 356 60.05 -39.25 -34.85
N ILE A 357 59.52 -38.67 -35.93
CA ILE A 357 59.84 -39.08 -37.28
C ILE A 357 60.28 -37.86 -38.08
N VAL A 358 61.01 -38.12 -39.16
CA VAL A 358 61.49 -37.08 -40.06
C VAL A 358 60.51 -37.01 -41.23
N THR A 359 59.65 -35.99 -41.23
CA THR A 359 58.71 -35.84 -42.33
C THR A 359 59.43 -35.57 -43.64
N GLU A 360 60.45 -34.72 -43.62
CA GLU A 360 61.20 -34.35 -44.81
C GLU A 360 62.65 -34.12 -44.44
N LYS A 361 63.55 -34.49 -45.35
CA LYS A 361 64.98 -34.47 -45.04
C LYS A 361 65.46 -33.06 -44.71
N ASP A 362 65.05 -32.08 -45.51
CA ASP A 362 65.53 -30.71 -45.30
C ASP A 362 64.87 -30.09 -44.07
N SER A 363 63.61 -30.41 -43.82
CA SER A 363 62.89 -29.80 -42.70
C SER A 363 63.42 -30.34 -41.38
N PRO A 364 63.93 -29.48 -40.49
CA PRO A 364 64.40 -29.97 -39.19
C PRO A 364 63.24 -30.30 -38.27
N VAL A 365 63.56 -31.04 -37.21
CA VAL A 365 62.56 -31.49 -36.25
C VAL A 365 62.94 -30.98 -34.87
N ASN A 366 61.93 -30.81 -34.02
CA ASN A 366 62.11 -30.36 -32.65
C ASN A 366 61.83 -31.51 -31.70
N ILE A 367 62.76 -31.78 -30.79
CA ILE A 367 62.67 -32.90 -29.86
C ILE A 367 62.70 -32.33 -28.45
N GLU A 368 61.80 -32.83 -27.59
CA GLU A 368 61.75 -32.44 -26.19
C GLU A 368 61.98 -33.66 -25.31
N ALA A 369 62.77 -33.48 -24.26
CA ALA A 369 63.08 -34.56 -23.33
C ALA A 369 63.24 -33.98 -21.94
N GLU A 370 63.16 -34.87 -20.95
CA GLU A 370 63.31 -34.50 -19.54
C GLU A 370 64.54 -35.20 -18.99
N PRO A 371 65.71 -34.55 -19.02
CA PRO A 371 66.91 -35.18 -18.48
C PRO A 371 66.86 -35.20 -16.96
N PRO A 372 67.55 -36.14 -16.32
CA PRO A 372 67.59 -36.17 -14.87
C PRO A 372 68.51 -35.09 -14.33
N PHE A 373 68.44 -34.90 -13.01
CA PHE A 373 69.28 -33.91 -12.36
C PHE A 373 70.75 -34.30 -12.48
N GLY A 374 71.59 -33.30 -12.74
CA GLY A 374 73.02 -33.54 -12.86
C GLY A 374 73.47 -33.70 -14.29
N ASP A 375 74.53 -34.48 -14.49
CA ASP A 375 75.04 -34.70 -15.83
C ASP A 375 74.08 -35.55 -16.64
N SER A 376 73.89 -35.17 -17.91
CA SER A 376 73.05 -35.92 -18.83
C SER A 376 73.64 -35.81 -20.23
N TYR A 377 73.45 -36.85 -21.02
CA TYR A 377 74.00 -36.93 -22.36
C TYR A 377 72.91 -37.34 -23.34
N ILE A 378 72.81 -36.59 -24.44
CA ILE A 378 71.81 -36.81 -25.46
C ILE A 378 72.50 -37.50 -26.64
N ILE A 379 72.01 -38.66 -27.03
CA ILE A 379 72.57 -39.43 -28.12
C ILE A 379 71.58 -39.38 -29.28
N ILE A 380 71.97 -38.72 -30.36
CA ILE A 380 71.16 -38.60 -31.56
C ILE A 380 71.93 -39.20 -32.73
N GLY A 381 71.28 -40.09 -33.47
CA GLY A 381 71.95 -40.80 -34.54
C GLY A 381 72.73 -41.99 -34.03
N VAL A 382 73.33 -42.71 -34.97
CA VAL A 382 74.12 -43.90 -34.68
C VAL A 382 75.41 -43.83 -35.49
N GLU A 383 76.33 -44.72 -35.17
CA GLU A 383 77.60 -44.77 -35.87
C GLU A 383 77.37 -45.12 -37.34
N PRO A 384 78.09 -44.49 -38.28
CA PRO A 384 79.11 -43.46 -38.01
C PRO A 384 78.51 -42.08 -37.76
N GLY A 385 79.28 -41.21 -37.12
CA GLY A 385 78.82 -39.86 -36.85
C GLY A 385 77.68 -39.77 -35.87
N GLN A 386 77.71 -40.56 -34.80
CA GLN A 386 76.66 -40.50 -33.79
C GLN A 386 76.87 -39.28 -32.90
N LEU A 387 75.88 -38.40 -32.84
CA LEU A 387 75.98 -37.20 -32.04
C LEU A 387 75.74 -37.54 -30.57
N LYS A 388 76.61 -37.01 -29.70
CA LYS A 388 76.49 -37.19 -28.26
C LYS A 388 76.59 -35.82 -27.62
N LEU A 389 75.45 -35.27 -27.18
CA LEU A 389 75.38 -33.93 -26.62
C LEU A 389 75.34 -34.01 -25.11
N ASN A 390 76.28 -33.32 -24.45
CA ASN A 390 76.33 -33.30 -23.00
C ASN A 390 75.40 -32.21 -22.47
N TRP A 391 74.73 -32.51 -21.36
CA TRP A 391 73.85 -31.55 -20.71
C TRP A 391 73.97 -31.69 -19.21
N PHE A 392 73.77 -30.57 -18.51
CA PHE A 392 73.75 -30.53 -17.07
C PHE A 392 72.44 -29.94 -16.59
N LYS A 393 71.87 -30.53 -15.54
CA LYS A 393 70.63 -30.07 -14.94
C LYS A 393 70.91 -29.59 -13.52
N LYS A 394 70.51 -28.37 -13.21
CA LYS A 394 70.68 -27.80 -11.90
C LYS A 394 69.50 -28.16 -11.00
N GLY A 395 69.78 -28.27 -9.71
CA GLY A 395 68.77 -28.60 -8.73
C GLY A 395 68.96 -29.98 -8.13
N SER A 396 67.90 -30.49 -7.53
CA SER A 396 67.93 -31.80 -6.88
C SER A 396 66.50 -32.34 -6.81
N SER A 397 66.41 -33.64 -6.54
CA SER A 397 65.10 -34.29 -6.43
C SER A 397 64.31 -33.71 -5.27
N ILE A 398 64.97 -33.44 -4.14
CA ILE A 398 64.30 -32.82 -3.00
C ILE A 398 63.78 -31.44 -3.40
N GLY A 399 64.59 -30.68 -4.13
CA GLY A 399 64.12 -29.43 -4.66
C GLY A 399 62.90 -29.66 -5.52
N GLN A 400 63.04 -30.50 -6.54
CA GLN A 400 61.91 -30.78 -7.44
C GLN A 400 60.64 -31.04 -6.65
N MET A 401 60.76 -31.81 -5.56
CA MET A 401 59.63 -32.04 -4.68
C MET A 401 59.11 -30.74 -4.07
N ILE A 402 60.01 -29.86 -3.61
CA ILE A 402 59.53 -28.69 -2.88
C ILE A 402 58.83 -27.72 -3.82
N GLU A 403 59.38 -27.46 -5.02
CA GLU A 403 58.61 -26.59 -5.90
C GLU A 403 57.39 -27.27 -6.50
N THR A 404 57.40 -28.60 -6.71
CA THR A 404 56.17 -29.19 -7.23
C THR A 404 55.06 -29.18 -6.18
N THR A 405 55.39 -29.33 -4.90
CA THR A 405 54.36 -29.24 -3.88
C THR A 405 53.94 -27.79 -3.65
N MET A 406 54.85 -26.82 -3.83
CA MET A 406 54.44 -25.42 -3.78
C MET A 406 53.48 -25.10 -4.92
N ARG A 407 53.77 -25.58 -6.13
CA ARG A 407 52.87 -25.37 -7.26
C ARG A 407 51.54 -26.06 -7.04
N GLY A 408 51.56 -27.27 -6.48
CA GLY A 408 50.31 -27.95 -6.18
C GLY A 408 49.48 -27.20 -5.16
N ALA A 409 50.12 -26.69 -4.11
CA ALA A 409 49.39 -25.89 -3.13
C ALA A 409 48.82 -24.63 -3.75
N LYS A 410 49.59 -23.98 -4.62
CA LYS A 410 49.13 -22.75 -5.25
C LYS A 410 47.93 -23.02 -6.16
N ARG A 411 48.02 -24.07 -6.98
CA ARG A 411 46.91 -24.39 -7.88
C ARG A 411 45.68 -24.83 -7.08
N MET A 412 45.89 -25.57 -6.00
CA MET A 412 44.78 -25.95 -5.14
C MET A 412 44.11 -24.70 -4.56
N ALA A 413 44.91 -23.76 -4.10
CA ALA A 413 44.38 -22.53 -3.51
C ALA A 413 43.59 -21.73 -4.53
N ILE A 414 44.11 -21.61 -5.75
CA ILE A 414 43.48 -20.72 -6.72
C ILE A 414 42.35 -21.40 -7.49
N LEU A 415 42.23 -22.72 -7.42
CA LEU A 415 41.10 -23.40 -8.04
C LEU A 415 39.98 -23.77 -7.07
N GLY A 416 40.30 -24.11 -5.83
CA GLY A 416 39.27 -24.60 -4.92
C GLY A 416 39.16 -26.11 -4.98
N ASP A 417 37.95 -26.64 -4.80
CA ASP A 417 37.76 -28.07 -4.80
C ASP A 417 38.08 -28.69 -6.15
N THR A 418 37.87 -27.94 -7.24
CA THR A 418 38.07 -28.48 -8.58
C THR A 418 39.51 -28.81 -8.89
N ALA A 419 40.46 -28.34 -8.09
CA ALA A 419 41.86 -28.65 -8.34
C ALA A 419 42.18 -30.12 -8.14
N TRP A 420 41.36 -30.84 -7.36
CA TRP A 420 41.58 -32.27 -7.19
C TRP A 420 41.37 -33.05 -8.48
N ASP A 421 40.74 -32.44 -9.48
CA ASP A 421 40.50 -33.07 -10.76
C ASP A 421 41.62 -32.81 -11.77
N PHE A 422 42.69 -32.15 -11.35
CA PHE A 422 43.76 -31.79 -12.28
C PHE A 422 44.41 -33.04 -12.87
N GLY A 423 44.66 -34.05 -12.05
CA GLY A 423 45.25 -35.28 -12.54
C GLY A 423 44.58 -36.50 -11.94
N SER A 424 43.31 -36.37 -11.57
CA SER A 424 42.59 -37.45 -10.92
C SER A 424 42.35 -38.61 -11.88
N LEU A 425 42.38 -39.83 -11.33
CA LEU A 425 42.13 -41.03 -12.10
C LEU A 425 41.03 -41.88 -11.49
N GLY A 426 40.22 -41.30 -10.61
CA GLY A 426 39.12 -42.01 -9.98
C GLY A 426 39.45 -42.68 -8.67
N GLY A 427 40.56 -42.32 -8.04
CA GLY A 427 40.91 -42.94 -6.77
C GLY A 427 39.97 -42.51 -5.65
N VAL A 428 39.80 -43.42 -4.68
CA VAL A 428 38.94 -43.12 -3.54
C VAL A 428 39.55 -42.01 -2.69
N PHE A 429 40.87 -41.99 -2.58
CA PHE A 429 41.53 -40.92 -1.85
C PHE A 429 41.27 -39.57 -2.50
N THR A 430 41.26 -39.53 -3.83
CA THR A 430 40.95 -38.30 -4.54
C THR A 430 39.53 -37.83 -4.23
N SER A 431 38.58 -38.75 -4.20
CA SER A 431 37.20 -38.38 -3.89
C SER A 431 37.08 -37.87 -2.46
N ILE A 432 37.77 -38.52 -1.52
CA ILE A 432 37.72 -38.08 -0.13
C ILE A 432 38.31 -36.68 0.00
N GLY A 433 39.45 -36.44 -0.64
CA GLY A 433 40.04 -35.12 -0.63
C GLY A 433 39.15 -34.08 -1.27
N LYS A 434 38.46 -34.46 -2.35
CA LYS A 434 37.53 -33.55 -3.01
C LYS A 434 36.38 -33.17 -2.09
N ALA A 435 35.81 -34.14 -1.38
CA ALA A 435 34.71 -33.85 -0.47
C ALA A 435 35.17 -32.96 0.67
N LEU A 436 36.34 -33.27 1.25
CA LEU A 436 36.88 -32.43 2.31
C LEU A 436 37.13 -31.02 1.81
N HIS A 437 37.64 -30.89 0.58
CA HIS A 437 37.87 -29.56 0.05
C HIS A 437 36.58 -28.82 -0.18
N GLN A 438 35.53 -29.49 -0.67
CA GLN A 438 34.27 -28.78 -0.86
C GLN A 438 33.75 -28.24 0.46
N VAL A 439 33.72 -29.08 1.50
CA VAL A 439 33.16 -28.61 2.76
C VAL A 439 34.02 -27.51 3.37
N PHE A 440 35.35 -27.70 3.38
CA PHE A 440 36.24 -26.70 3.96
C PHE A 440 36.19 -25.40 3.18
N GLY A 441 36.16 -25.47 1.85
CA GLY A 441 36.08 -24.27 1.05
C GLY A 441 34.76 -23.55 1.19
N ALA A 442 33.67 -24.29 1.34
CA ALA A 442 32.39 -23.66 1.61
C ALA A 442 32.44 -22.88 2.92
N ILE A 443 32.97 -23.50 3.97
CA ILE A 443 33.09 -22.80 5.25
C ILE A 443 34.01 -21.59 5.11
N TYR A 444 35.13 -21.77 4.40
CA TYR A 444 36.11 -20.70 4.24
C TYR A 444 35.53 -19.52 3.48
N GLY A 445 34.80 -19.79 2.40
CA GLY A 445 34.18 -18.71 1.64
C GLY A 445 33.07 -18.02 2.43
N ALA A 446 32.31 -18.79 3.20
CA ALA A 446 31.29 -18.17 4.05
C ALA A 446 31.94 -17.26 5.10
N ALA A 447 33.09 -17.67 5.63
CA ALA A 447 33.74 -16.91 6.69
C ALA A 447 34.58 -15.74 6.18
N PHE A 448 35.05 -15.78 4.92
CA PHE A 448 35.94 -14.77 4.38
C PHE A 448 35.39 -14.13 3.11
N SER A 449 34.08 -13.91 3.07
CA SER A 449 33.48 -13.26 1.91
C SER A 449 33.77 -11.77 1.94
N GLY A 450 34.35 -11.26 0.85
CA GLY A 450 34.61 -9.84 0.71
C GLY A 450 35.60 -9.25 1.71
N VAL A 451 36.71 -9.96 1.96
CA VAL A 451 37.75 -9.48 2.87
C VAL A 451 39.06 -9.43 2.12
N SER A 452 39.88 -8.42 2.42
CA SER A 452 41.11 -8.20 1.68
C SER A 452 42.20 -9.16 2.16
N TRP A 453 43.32 -9.19 1.41
CA TRP A 453 44.43 -10.05 1.77
C TRP A 453 45.09 -9.60 3.08
N THR A 454 45.23 -8.29 3.28
CA THR A 454 45.87 -7.80 4.49
C THR A 454 45.09 -8.20 5.73
N MET A 455 43.76 -8.01 5.69
CA MET A 455 42.98 -8.38 6.86
C MET A 455 42.85 -9.89 6.99
N LYS A 456 42.95 -10.61 5.87
CA LYS A 456 43.06 -12.06 5.95
C LYS A 456 44.31 -12.47 6.72
N ILE A 457 45.44 -11.80 6.45
CA ILE A 457 46.67 -12.07 7.19
C ILE A 457 46.48 -11.73 8.67
N LEU A 458 45.81 -10.62 8.94
CA LEU A 458 45.56 -10.24 10.34
C LEU A 458 44.74 -11.30 11.06
N ILE A 459 43.65 -11.76 10.43
CA ILE A 459 42.81 -12.79 11.05
C ILE A 459 43.59 -14.08 11.23
N GLY A 460 44.41 -14.45 10.24
CA GLY A 460 45.22 -15.65 10.38
C GLY A 460 46.18 -15.55 11.55
N VAL A 461 46.84 -14.40 11.70
CA VAL A 461 47.75 -14.20 12.82
C VAL A 461 47.00 -14.32 14.14
N ILE A 462 45.81 -13.74 14.21
CA ILE A 462 45.01 -13.84 15.43
C ILE A 462 44.67 -15.30 15.73
N ILE A 463 44.30 -16.06 14.70
CA ILE A 463 43.92 -17.45 14.91
C ILE A 463 45.11 -18.27 15.38
N THR A 464 46.29 -18.07 14.77
CA THR A 464 47.47 -18.79 15.24
C THR A 464 47.82 -18.41 16.68
N TRP A 465 47.68 -17.14 17.04
CA TRP A 465 47.96 -16.74 18.41
C TRP A 465 46.99 -17.41 19.38
N ILE A 466 45.71 -17.49 19.00
CA ILE A 466 44.74 -18.16 19.86
C ILE A 466 45.09 -19.64 20.00
N GLY A 467 45.47 -20.29 18.90
CA GLY A 467 45.83 -21.69 18.96
C GLY A 467 47.05 -21.94 19.82
N MET A 468 48.04 -21.04 19.76
CA MET A 468 49.24 -21.18 20.55
C MET A 468 49.00 -20.96 22.04
N ASN A 469 47.82 -20.47 22.43
CA ASN A 469 47.51 -20.19 23.83
C ASN A 469 46.30 -20.99 24.30
N SER A 470 46.26 -22.28 23.97
CA SER A 470 45.15 -23.13 24.41
C SER A 470 45.64 -24.54 24.74
N THR A 473 44.72 -29.32 23.32
CA THR A 473 45.82 -29.71 22.46
C THR A 473 45.36 -29.92 21.02
N SER A 474 44.35 -30.78 20.85
CA SER A 474 43.79 -30.99 19.52
C SER A 474 43.18 -29.72 18.97
N LEU A 475 42.45 -28.98 19.80
CA LEU A 475 41.93 -27.68 19.39
C LEU A 475 43.08 -26.73 19.04
N SER A 476 44.16 -26.77 19.83
CA SER A 476 45.30 -25.89 19.57
C SER A 476 45.93 -26.18 18.22
N VAL A 477 46.17 -27.46 17.91
CA VAL A 477 46.80 -27.81 16.65
C VAL A 477 45.86 -27.52 15.48
N SER A 478 44.57 -27.78 15.66
CA SER A 478 43.61 -27.44 14.60
C SER A 478 43.60 -25.94 14.33
N LEU A 479 43.64 -25.13 15.40
CA LEU A 479 43.62 -23.68 15.23
C LEU A 479 44.89 -23.19 14.55
N VAL A 480 46.06 -23.71 14.95
CA VAL A 480 47.28 -23.25 14.31
C VAL A 480 47.32 -23.69 12.86
N LEU A 481 46.79 -24.88 12.56
CA LEU A 481 46.75 -25.34 11.17
C LEU A 481 45.86 -24.46 10.32
N VAL A 482 44.66 -24.16 10.81
CA VAL A 482 43.76 -23.31 10.02
C VAL A 482 44.34 -21.91 9.89
N GLY A 483 45.02 -21.43 10.93
CA GLY A 483 45.65 -20.12 10.85
C GLY A 483 46.76 -20.06 9.82
N VAL A 484 47.62 -21.08 9.80
CA VAL A 484 48.72 -21.07 8.84
C VAL A 484 48.21 -21.24 7.42
N VAL A 485 47.20 -22.08 7.21
CA VAL A 485 46.70 -22.26 5.86
C VAL A 485 46.00 -21.00 5.38
N THR A 486 45.27 -20.31 6.26
CA THR A 486 44.63 -19.08 5.82
C THR A 486 45.65 -17.95 5.64
N LEU A 487 46.75 -17.97 6.39
CA LEU A 487 47.83 -17.02 6.14
C LEU A 487 48.43 -17.25 4.77
N TYR A 488 48.65 -18.52 4.41
CA TYR A 488 49.15 -18.82 3.08
C TYR A 488 48.17 -18.38 2.00
N LEU A 489 46.88 -18.62 2.23
CA LEU A 489 45.87 -18.21 1.25
C LEU A 489 45.85 -16.69 1.10
N GLY A 490 45.95 -15.96 2.20
CA GLY A 490 45.95 -14.52 2.12
C GLY A 490 47.19 -13.95 1.43
N VAL A 491 48.36 -14.51 1.74
CA VAL A 491 49.57 -14.01 1.11
C VAL A 491 49.62 -14.38 -0.36
N MET A 492 49.06 -15.53 -0.74
CA MET A 492 49.10 -15.95 -2.14
C MET A 492 48.09 -15.20 -3.00
N VAL A 493 46.91 -14.89 -2.46
CA VAL A 493 45.89 -14.23 -3.26
C VAL A 493 46.33 -12.80 -3.57
N GLN A 494 46.07 -12.38 -4.81
CA GLN A 494 46.44 -11.04 -5.24
C GLN A 494 45.42 -9.99 -4.80
N ALA A 495 44.27 -10.41 -4.31
CA ALA A 495 43.23 -9.48 -3.91
C ALA A 495 42.71 -9.79 -2.51
N MET B 1 1.94 -31.26 -17.85
CA MET B 1 2.81 -30.23 -18.39
C MET B 1 2.29 -28.85 -17.97
N ARG B 2 0.98 -28.77 -17.71
CA ARG B 2 0.39 -27.50 -17.31
C ARG B 2 0.95 -27.03 -15.97
N CYS B 3 1.38 -27.95 -15.12
CA CYS B 3 2.01 -27.58 -13.85
C CYS B 3 3.47 -27.18 -13.99
N ILE B 4 4.06 -27.28 -15.17
CA ILE B 4 5.44 -26.85 -15.31
C ILE B 4 5.50 -25.33 -15.25
N GLY B 5 6.34 -24.81 -14.36
CA GLY B 5 6.52 -23.38 -14.21
C GLY B 5 5.87 -22.77 -12.99
N ILE B 6 4.99 -23.50 -12.29
CA ILE B 6 4.32 -22.98 -11.10
C ILE B 6 5.14 -23.32 -9.87
N SER B 7 5.44 -22.30 -9.06
CA SER B 7 6.22 -22.50 -7.85
C SER B 7 5.48 -23.32 -6.80
N ASN B 8 4.17 -23.42 -6.90
CA ASN B 8 3.38 -24.22 -5.95
C ASN B 8 3.19 -25.65 -6.46
N ARG B 9 4.29 -26.31 -6.80
CA ARG B 9 4.27 -27.67 -7.30
C ARG B 9 4.61 -28.65 -6.19
N ASP B 10 3.85 -29.74 -6.13
CA ASP B 10 4.02 -30.75 -5.10
C ASP B 10 4.06 -32.12 -5.74
N PHE B 11 4.79 -33.03 -5.09
CA PHE B 11 4.98 -34.38 -5.60
C PHE B 11 4.47 -35.40 -4.58
N VAL B 12 3.78 -36.41 -5.08
CA VAL B 12 3.31 -37.53 -4.26
C VAL B 12 3.80 -38.83 -4.89
N GLU B 13 4.36 -39.70 -4.05
CA GLU B 13 4.99 -40.92 -4.52
C GLU B 13 4.32 -42.14 -3.90
N GLY B 14 4.24 -43.21 -4.68
CA GLY B 14 3.75 -44.48 -4.19
C GLY B 14 2.26 -44.61 -4.14
N VAL B 15 1.77 -45.85 -4.11
CA VAL B 15 0.35 -46.15 -4.01
C VAL B 15 0.17 -47.27 -2.99
N SER B 16 -1.07 -47.41 -2.53
CA SER B 16 -1.41 -48.45 -1.56
C SER B 16 -1.78 -49.74 -2.30
N GLY B 17 -2.31 -50.71 -1.56
CA GLY B 17 -2.74 -51.95 -2.19
C GLY B 17 -3.89 -51.74 -3.15
N GLY B 18 -4.79 -50.80 -2.85
CA GLY B 18 -5.93 -50.54 -3.69
C GLY B 18 -5.66 -49.52 -4.77
N SER B 19 -4.39 -49.14 -4.93
CA SER B 19 -3.98 -48.12 -5.90
C SER B 19 -4.71 -46.81 -5.66
N TRP B 20 -4.94 -46.49 -4.39
CA TRP B 20 -5.59 -45.26 -3.98
C TRP B 20 -4.66 -44.41 -3.14
N VAL B 21 -4.64 -43.11 -3.44
CA VAL B 21 -3.86 -42.12 -2.71
C VAL B 21 -4.74 -40.91 -2.42
N ASP B 22 -4.75 -40.47 -1.17
CA ASP B 22 -5.39 -39.21 -0.82
C ASP B 22 -4.52 -38.05 -1.28
N ILE B 23 -5.15 -37.07 -1.92
CA ILE B 23 -4.46 -35.86 -2.37
C ILE B 23 -5.31 -34.65 -2.05
N VAL B 24 -4.66 -33.49 -1.98
CA VAL B 24 -5.32 -32.22 -1.65
C VAL B 24 -4.97 -31.20 -2.71
N LEU B 25 -5.98 -30.49 -3.21
CA LEU B 25 -5.81 -29.50 -4.27
C LEU B 25 -6.21 -28.12 -3.75
N GLU B 26 -5.42 -27.11 -4.11
CA GLU B 26 -5.69 -25.73 -3.73
C GLU B 26 -5.75 -24.85 -4.97
N HIS B 27 -6.54 -23.78 -4.88
CA HIS B 27 -6.59 -22.82 -5.97
C HIS B 27 -5.24 -22.14 -6.14
N GLY B 28 -4.79 -22.01 -7.38
CA GLY B 28 -3.49 -21.47 -7.67
C GLY B 28 -2.35 -22.44 -7.54
N SER B 29 -2.60 -23.63 -6.99
CA SER B 29 -1.59 -24.66 -6.84
C SER B 29 -2.05 -25.93 -7.55
N CYS B 30 -1.10 -26.80 -7.84
CA CYS B 30 -1.39 -28.07 -8.48
C CYS B 30 -0.35 -29.09 -8.05
N VAL B 31 -0.71 -30.36 -8.19
CA VAL B 31 0.14 -31.45 -7.73
C VAL B 31 0.40 -32.40 -8.88
N THR B 32 1.49 -33.15 -8.76
CA THR B 32 1.92 -34.11 -9.78
C THR B 32 1.99 -35.49 -9.14
N THR B 33 1.35 -36.47 -9.78
CA THR B 33 1.23 -37.81 -9.24
C THR B 33 1.99 -38.79 -10.12
N MET B 34 2.70 -39.72 -9.49
CA MET B 34 3.36 -40.80 -10.21
C MET B 34 3.55 -41.98 -9.27
N ALA B 35 3.69 -43.17 -9.85
CA ALA B 35 3.89 -44.38 -9.10
C ALA B 35 4.88 -45.26 -9.85
N LYS B 36 5.03 -46.51 -9.39
CA LYS B 36 6.04 -47.40 -9.96
C LYS B 36 5.70 -47.75 -11.41
N ASN B 37 4.45 -48.11 -11.67
CA ASN B 37 4.04 -48.55 -13.00
C ASN B 37 2.75 -47.84 -13.40
N LYS B 38 2.70 -46.53 -13.17
CA LYS B 38 1.53 -45.73 -13.50
C LYS B 38 1.97 -44.47 -14.24
N PRO B 39 1.12 -43.95 -15.13
CA PRO B 39 1.45 -42.70 -15.82
C PRO B 39 1.46 -41.53 -14.85
N THR B 40 2.25 -40.51 -15.20
CA THR B 40 2.37 -39.32 -14.39
C THR B 40 1.28 -38.33 -14.77
N LEU B 41 0.53 -37.86 -13.78
CA LEU B 41 -0.63 -37.01 -14.00
C LEU B 41 -0.48 -35.70 -13.23
N ASP B 42 -1.13 -34.66 -13.73
CA ASP B 42 -1.15 -33.35 -13.09
C ASP B 42 -2.59 -33.02 -12.70
N PHE B 43 -2.76 -32.57 -11.45
CA PHE B 43 -4.07 -32.26 -10.89
C PHE B 43 -4.10 -30.81 -10.46
N GLU B 44 -5.08 -30.06 -10.95
CA GLU B 44 -5.15 -28.63 -10.66
C GLU B 44 -6.59 -28.21 -10.45
N LEU B 45 -6.86 -27.54 -9.33
CA LEU B 45 -8.14 -26.90 -9.07
C LEU B 45 -8.12 -25.51 -9.69
N ILE B 46 -8.96 -25.28 -10.69
CA ILE B 46 -8.94 -24.03 -11.42
C ILE B 46 -10.16 -23.15 -11.13
N LYS B 47 -11.31 -23.73 -10.79
CA LYS B 47 -12.53 -22.95 -10.72
C LYS B 47 -13.45 -23.51 -9.64
N THR B 48 -14.04 -22.60 -8.87
CA THR B 48 -15.09 -22.93 -7.92
C THR B 48 -16.31 -22.08 -8.26
N GLU B 49 -17.45 -22.75 -8.48
CA GLU B 49 -18.64 -22.09 -9.00
C GLU B 49 -19.82 -22.40 -8.08
N ALA B 50 -20.56 -21.35 -7.69
CA ALA B 50 -21.79 -21.49 -6.93
C ALA B 50 -22.94 -20.96 -7.76
N LYS B 51 -23.93 -21.82 -8.03
CA LYS B 51 -25.00 -21.46 -8.96
C LYS B 51 -26.09 -20.63 -8.31
N GLN B 52 -26.53 -20.99 -7.10
CA GLN B 52 -27.69 -20.37 -6.49
C GLN B 52 -27.28 -19.53 -5.28
N PRO B 53 -27.19 -18.21 -5.42
CA PRO B 53 -26.91 -17.37 -4.25
C PRO B 53 -28.18 -16.84 -3.62
N ALA B 54 -28.16 -16.78 -2.29
CA ALA B 54 -29.29 -16.27 -1.51
C ALA B 54 -28.84 -15.03 -0.74
N THR B 55 -29.58 -13.94 -0.90
CA THR B 55 -29.24 -12.70 -0.19
C THR B 55 -29.59 -12.85 1.29
N LEU B 56 -28.59 -12.68 2.14
CA LEU B 56 -28.81 -12.77 3.58
C LEU B 56 -29.28 -11.44 4.15
N ARG B 57 -28.50 -10.39 3.93
CA ARG B 57 -28.92 -9.05 4.32
C ARG B 57 -28.13 -8.03 3.51
N LYS B 58 -28.68 -6.83 3.39
CA LYS B 58 -28.08 -5.73 2.63
C LYS B 58 -27.58 -4.66 3.59
N TYR B 59 -26.29 -4.36 3.52
CA TYR B 59 -25.69 -3.34 4.38
C TYR B 59 -25.55 -2.04 3.60
N CYS B 60 -26.14 -0.98 4.14
CA CYS B 60 -26.10 0.33 3.50
C CYS B 60 -24.81 1.06 3.86
N ILE B 61 -24.17 1.64 2.86
CA ILE B 61 -22.87 2.29 3.07
C ILE B 61 -22.88 3.77 2.69
N GLU B 62 -23.85 4.25 1.91
CA GLU B 62 -24.11 5.68 1.79
C GLU B 62 -25.58 5.95 2.00
N ALA B 63 -25.89 6.98 2.79
CA ALA B 63 -27.26 7.34 3.09
C ALA B 63 -27.44 8.84 2.95
N LYS B 64 -28.70 9.23 2.74
CA LYS B 64 -29.08 10.63 2.64
C LYS B 64 -30.31 10.88 3.51
N LEU B 65 -30.37 12.04 4.13
CA LEU B 65 -31.43 12.39 5.06
C LEU B 65 -32.19 13.60 4.55
N THR B 66 -33.52 13.50 4.55
CA THR B 66 -34.41 14.59 4.16
C THR B 66 -35.57 14.66 5.13
N ASN B 67 -36.43 15.64 4.94
CA ASN B 67 -37.64 15.83 5.75
C ASN B 67 -37.29 15.92 7.24
N THR B 68 -36.24 16.65 7.57
CA THR B 68 -35.83 16.82 8.95
C THR B 68 -36.94 17.54 9.72
N THR B 69 -37.26 17.01 10.91
CA THR B 69 -38.31 17.54 11.74
C THR B 69 -37.77 17.77 13.15
N THR B 70 -38.42 18.68 13.88
CA THR B 70 -38.00 19.02 15.24
C THR B 70 -39.23 19.40 16.06
N ASP B 71 -39.31 18.87 17.26
CA ASP B 71 -40.39 19.19 18.19
C ASP B 71 -39.80 19.41 19.57
N SER B 72 -40.29 20.43 20.27
CA SER B 72 -39.75 20.83 21.55
C SER B 72 -40.84 20.86 22.61
N ARG B 73 -40.44 20.66 23.86
CA ARG B 73 -41.34 20.68 25.00
C ARG B 73 -40.73 21.51 26.13
N CYS B 74 -41.59 22.15 26.90
CA CYS B 74 -41.13 22.89 28.06
C CYS B 74 -40.62 21.93 29.14
N PRO B 75 -39.74 22.40 30.02
CA PRO B 75 -39.22 21.53 31.08
C PRO B 75 -40.34 21.02 31.99
N THR B 76 -40.13 19.83 32.53
CA THR B 76 -41.06 19.15 33.43
C THR B 76 -42.37 18.78 32.74
N GLN B 77 -42.35 18.65 31.42
CA GLN B 77 -43.50 18.17 30.67
C GLN B 77 -43.14 16.92 29.85
N GLY B 78 -42.14 16.17 30.28
CA GLY B 78 -41.75 14.98 29.56
C GLY B 78 -41.06 15.31 28.25
N GLU B 79 -40.94 14.30 27.43
CA GLU B 79 -40.30 14.55 26.15
C GLU B 79 -41.34 14.58 25.03
N PRO B 80 -41.13 15.43 24.03
CA PRO B 80 -42.10 15.52 22.92
C PRO B 80 -42.10 14.26 22.07
N SER B 81 -43.21 14.06 21.38
CA SER B 81 -43.40 12.91 20.50
C SER B 81 -43.92 13.38 19.15
N LEU B 82 -43.49 12.70 18.09
CA LEU B 82 -43.94 12.99 16.73
C LEU B 82 -44.42 11.71 16.08
N ASN B 83 -45.32 11.85 15.10
CA ASN B 83 -45.84 10.67 14.44
C ASN B 83 -44.80 9.98 13.56
N GLU B 84 -43.70 10.66 13.22
CA GLU B 84 -42.59 9.97 12.56
C GLU B 84 -41.72 9.21 13.55
N GLU B 85 -41.92 9.39 14.85
CA GLU B 85 -41.12 8.66 15.83
C GLU B 85 -41.38 7.16 15.76
N GLN B 86 -42.65 6.77 15.56
CA GLN B 86 -42.92 5.37 15.28
C GLN B 86 -42.48 4.98 13.88
N ASP B 87 -42.56 5.91 12.92
CA ASP B 87 -42.19 5.61 11.54
C ASP B 87 -40.69 5.39 11.51
N LYS B 88 -40.29 4.12 11.54
CA LYS B 88 -38.91 3.75 11.76
C LYS B 88 -38.03 3.99 10.54
N ARG B 89 -38.58 4.47 9.43
CA ARG B 89 -37.73 5.04 8.39
C ARG B 89 -37.05 6.30 8.88
N PHE B 90 -37.66 6.99 9.84
CA PHE B 90 -37.11 8.23 10.39
C PHE B 90 -36.33 7.90 11.66
N VAL B 91 -35.02 8.14 11.61
CA VAL B 91 -34.19 7.99 12.80
C VAL B 91 -34.45 9.16 13.73
N CYS B 92 -34.61 8.88 15.01
CA CYS B 92 -34.96 9.88 16.00
C CYS B 92 -34.10 9.75 17.24
N LYS B 93 -33.91 10.87 17.92
CA LYS B 93 -33.16 10.89 19.17
C LYS B 93 -33.72 11.97 20.06
N HIS B 94 -33.70 11.73 21.37
CA HIS B 94 -34.15 12.68 22.37
C HIS B 94 -32.95 13.26 23.09
N SER B 95 -32.91 14.59 23.18
CA SER B 95 -31.86 15.29 23.91
C SER B 95 -32.54 16.27 24.86
N MET B 96 -31.75 17.13 25.49
CA MET B 96 -32.29 18.12 26.42
C MET B 96 -31.79 19.50 26.03
N VAL B 97 -32.69 20.48 26.08
CA VAL B 97 -32.42 21.82 25.55
C VAL B 97 -32.84 22.85 26.59
N ASP B 98 -32.01 23.88 26.77
CA ASP B 98 -32.36 24.98 27.65
C ASP B 98 -33.60 25.69 27.15
N ARG B 99 -34.55 25.94 28.04
CA ARG B 99 -35.76 26.67 27.71
C ARG B 99 -36.00 27.77 28.73
N GLY B 100 -36.62 28.85 28.28
CA GLY B 100 -36.87 29.97 29.15
C GLY B 100 -37.82 30.95 28.51
N TRP B 101 -37.91 32.14 29.12
CA TRP B 101 -38.83 33.16 28.63
C TRP B 101 -38.45 33.61 27.23
N GLY B 102 -37.15 33.75 26.95
CA GLY B 102 -36.71 34.10 25.62
C GLY B 102 -36.98 33.03 24.59
N ASN B 103 -37.24 31.81 25.03
CA ASN B 103 -37.59 30.70 24.14
C ASN B 103 -39.08 30.54 23.98
N GLY B 104 -39.88 31.45 24.54
CA GLY B 104 -41.32 31.39 24.39
C GLY B 104 -42.03 30.50 25.39
N CYS B 105 -41.34 30.03 26.42
CA CYS B 105 -41.95 29.19 27.44
C CYS B 105 -41.88 29.89 28.80
N GLY B 106 -42.88 29.67 29.63
CA GLY B 106 -42.99 30.37 30.90
C GLY B 106 -42.10 29.87 32.01
N LEU B 107 -41.43 28.74 31.82
CA LEU B 107 -40.58 28.16 32.85
C LEU B 107 -39.14 28.13 32.37
N PHE B 108 -38.22 27.93 33.33
CA PHE B 108 -36.80 27.82 33.05
C PHE B 108 -36.32 26.45 33.50
N GLY B 109 -35.51 25.81 32.67
CA GLY B 109 -34.92 24.54 33.02
C GLY B 109 -34.62 23.71 31.79
N LYS B 110 -34.37 22.43 32.03
CA LYS B 110 -34.01 21.49 30.98
C LYS B 110 -35.27 21.09 30.20
N GLY B 111 -35.38 21.56 28.97
CA GLY B 111 -36.54 21.27 28.13
C GLY B 111 -36.28 20.11 27.20
N GLY B 112 -37.32 19.33 26.94
CA GLY B 112 -37.19 18.20 26.05
C GLY B 112 -37.11 18.61 24.60
N ILE B 113 -36.47 17.76 23.80
CA ILE B 113 -36.31 18.02 22.37
C ILE B 113 -36.22 16.67 21.66
N VAL B 114 -36.72 16.63 20.42
CA VAL B 114 -36.63 15.43 19.60
C VAL B 114 -36.54 15.87 18.14
N THR B 115 -35.69 15.19 17.38
CA THR B 115 -35.53 15.45 15.96
C THR B 115 -35.56 14.14 15.19
N CYS B 116 -36.25 14.16 14.05
CA CYS B 116 -36.35 13.00 13.18
C CYS B 116 -36.07 13.41 11.73
N ALA B 117 -35.45 12.51 10.98
CA ALA B 117 -35.13 12.75 9.58
C ALA B 117 -35.31 11.45 8.81
N MET B 118 -35.87 11.56 7.61
CA MET B 118 -36.09 10.39 6.78
C MET B 118 -34.75 9.79 6.36
N PHE B 119 -34.62 8.48 6.52
CA PHE B 119 -33.40 7.76 6.19
C PHE B 119 -33.55 7.11 4.82
N THR B 120 -32.80 7.62 3.84
CA THR B 120 -32.81 7.08 2.49
C THR B 120 -31.39 6.65 2.13
N CYS B 121 -31.25 5.44 1.62
CA CYS B 121 -29.95 4.88 1.30
C CYS B 121 -29.71 4.92 -0.20
N LYS B 122 -28.55 5.43 -0.60
CA LYS B 122 -28.24 5.58 -2.03
C LYS B 122 -27.80 4.26 -2.65
N LYS B 123 -26.72 3.68 -2.14
CA LYS B 123 -26.23 2.38 -2.62
C LYS B 123 -25.70 1.57 -1.44
N ASN B 124 -25.68 0.25 -1.62
CA ASN B 124 -25.41 -0.67 -0.54
C ASN B 124 -24.67 -1.88 -1.07
N MET B 125 -24.14 -2.67 -0.14
CA MET B 125 -23.45 -3.92 -0.47
C MET B 125 -24.30 -5.10 -0.05
N LYS B 126 -24.19 -6.19 -0.81
CA LYS B 126 -25.03 -7.37 -0.63
C LYS B 126 -24.21 -8.52 -0.06
N GLY B 127 -24.79 -9.23 0.89
CA GLY B 127 -24.18 -10.43 1.44
C GLY B 127 -24.94 -11.67 1.01
N LYS B 128 -24.32 -12.48 0.15
CA LYS B 128 -24.97 -13.65 -0.43
C LYS B 128 -24.49 -14.92 0.25
N VAL B 129 -25.44 -15.78 0.63
CA VAL B 129 -25.16 -17.07 1.24
C VAL B 129 -25.54 -18.16 0.25
N VAL B 130 -24.71 -19.21 0.19
CA VAL B 130 -24.90 -20.32 -0.74
CA VAL B 130 -24.90 -20.32 -0.74
C VAL B 130 -24.89 -21.62 0.04
N GLN B 131 -25.87 -22.48 -0.25
CA GLN B 131 -25.87 -23.80 0.36
C GLN B 131 -24.69 -24.61 -0.18
N PRO B 132 -24.11 -25.50 0.63
CA PRO B 132 -22.95 -26.27 0.17
C PRO B 132 -23.23 -27.10 -1.06
N GLU B 133 -24.45 -27.61 -1.22
CA GLU B 133 -24.76 -28.47 -2.36
C GLU B 133 -24.77 -27.72 -3.69
N ASN B 134 -24.72 -26.39 -3.67
CA ASN B 134 -24.74 -25.60 -4.89
C ASN B 134 -23.34 -25.21 -5.36
N LEU B 135 -22.32 -25.99 -5.01
CA LEU B 135 -20.94 -25.68 -5.38
C LEU B 135 -20.50 -26.54 -6.55
N GLU B 136 -19.70 -25.96 -7.43
CA GLU B 136 -19.16 -26.66 -8.60
C GLU B 136 -17.65 -26.51 -8.58
N TYR B 137 -16.95 -27.63 -8.73
CA TYR B 137 -15.50 -27.67 -8.71
C TYR B 137 -15.00 -28.16 -10.06
N THR B 138 -14.06 -27.42 -10.64
CA THR B 138 -13.49 -27.77 -11.95
C THR B 138 -12.06 -28.25 -11.78
N ILE B 139 -11.76 -29.41 -12.35
CA ILE B 139 -10.45 -30.03 -12.26
C ILE B 139 -9.96 -30.35 -13.65
N VAL B 140 -8.72 -29.97 -13.96
CA VAL B 140 -8.08 -30.32 -15.21
C VAL B 140 -7.17 -31.51 -14.97
N ILE B 141 -7.21 -32.47 -15.89
CA ILE B 141 -6.44 -33.71 -15.77
C ILE B 141 -5.56 -33.77 -17.02
N THR B 142 -4.32 -33.30 -16.90
CA THR B 142 -3.39 -33.35 -18.01
C THR B 142 -2.24 -34.29 -17.69
N PRO B 143 -2.04 -35.33 -18.50
CA PRO B 143 -0.90 -36.22 -18.29
C PRO B 143 0.36 -35.67 -18.94
N HIS B 144 1.51 -36.17 -18.46
CA HIS B 144 2.80 -35.81 -19.03
C HIS B 144 3.01 -36.60 -20.32
N SER B 145 2.24 -36.23 -21.34
CA SER B 145 2.32 -36.87 -22.64
C SER B 145 3.47 -36.37 -23.49
N GLY B 146 4.07 -35.24 -23.13
CA GLY B 146 5.13 -34.66 -23.92
C GLY B 146 4.68 -33.82 -25.08
N GLU B 147 3.37 -33.69 -25.30
CA GLU B 147 2.87 -32.85 -26.38
C GLU B 147 3.22 -31.39 -26.12
N GLU B 148 3.43 -30.65 -27.21
CA GLU B 148 3.80 -29.25 -27.11
C GLU B 148 2.68 -28.42 -26.47
N LYS B 157 -6.63 -27.62 -24.58
CA LYS B 157 -7.49 -28.80 -24.51
C LYS B 157 -6.66 -30.06 -24.32
N HIS B 158 -5.38 -29.87 -23.98
CA HIS B 158 -4.49 -31.00 -23.78
C HIS B 158 -4.97 -31.89 -22.64
N GLY B 159 -5.41 -31.28 -21.54
CA GLY B 159 -5.96 -32.03 -20.42
C GLY B 159 -7.45 -32.21 -20.53
N LYS B 160 -8.01 -32.90 -19.54
CA LYS B 160 -9.44 -33.18 -19.48
C LYS B 160 -10.04 -32.46 -18.27
N GLU B 161 -11.14 -31.75 -18.51
CA GLU B 161 -11.82 -31.00 -17.46
C GLU B 161 -12.98 -31.83 -16.91
N ILE B 162 -13.04 -31.97 -15.59
CA ILE B 162 -14.11 -32.68 -14.92
C ILE B 162 -14.71 -31.79 -13.86
N LYS B 163 -15.97 -32.05 -13.52
CA LYS B 163 -16.71 -31.24 -12.57
C LYS B 163 -17.07 -32.07 -11.35
N ILE B 164 -16.94 -31.45 -10.18
CA ILE B 164 -17.22 -32.10 -8.90
C ILE B 164 -18.40 -31.39 -8.26
N THR B 165 -19.41 -32.16 -7.85
CA THR B 165 -20.54 -31.62 -7.12
C THR B 165 -20.66 -32.31 -5.77
N PRO B 166 -21.09 -31.58 -4.74
CA PRO B 166 -21.23 -32.22 -3.41
C PRO B 166 -22.18 -33.39 -3.42
N GLN B 167 -23.26 -33.30 -4.20
CA GLN B 167 -24.22 -34.39 -4.26
C GLN B 167 -23.70 -35.56 -5.09
N SER B 168 -22.88 -35.29 -6.11
CA SER B 168 -22.28 -36.33 -6.94
C SER B 168 -20.79 -36.04 -7.02
N SER B 169 -20.04 -36.54 -6.05
CA SER B 169 -18.59 -36.35 -6.00
C SER B 169 -17.83 -37.53 -6.57
N ILE B 170 -18.52 -38.47 -7.21
CA ILE B 170 -17.92 -39.67 -7.76
C ILE B 170 -17.80 -39.46 -9.26
N THR B 171 -16.58 -39.40 -9.78
CA THR B 171 -16.41 -39.16 -11.20
C THR B 171 -15.09 -39.78 -11.66
N GLU B 172 -14.96 -39.93 -12.98
CA GLU B 172 -13.75 -40.44 -13.58
C GLU B 172 -13.52 -39.71 -14.90
N ALA B 173 -12.26 -39.66 -15.31
CA ALA B 173 -11.86 -38.98 -16.53
C ALA B 173 -11.29 -40.00 -17.51
N GLU B 174 -11.79 -39.97 -18.74
CA GLU B 174 -11.31 -40.86 -19.79
C GLU B 174 -10.14 -40.18 -20.50
N LEU B 175 -8.93 -40.66 -20.24
CA LEU B 175 -7.74 -40.12 -20.87
C LEU B 175 -7.43 -40.90 -22.13
N THR B 176 -7.23 -40.19 -23.24
CA THR B 176 -6.95 -40.83 -24.51
C THR B 176 -5.63 -41.58 -24.47
N GLY B 177 -5.69 -42.91 -24.51
CA GLY B 177 -4.52 -43.74 -24.50
C GLY B 177 -4.05 -44.16 -23.13
N TYR B 178 -4.50 -43.50 -22.07
CA TYR B 178 -4.12 -43.88 -20.71
C TYR B 178 -5.19 -44.71 -20.02
N GLY B 179 -6.33 -44.94 -20.67
CA GLY B 179 -7.42 -45.63 -20.03
C GLY B 179 -8.35 -44.70 -19.28
N THR B 180 -8.61 -45.00 -18.02
CA THR B 180 -9.55 -44.25 -17.21
C THR B 180 -8.98 -44.02 -15.83
N VAL B 181 -9.11 -42.80 -15.32
CA VAL B 181 -8.67 -42.44 -13.97
C VAL B 181 -9.89 -42.10 -13.13
N THR B 182 -9.98 -42.70 -11.95
CA THR B 182 -11.10 -42.51 -11.04
C THR B 182 -10.69 -41.54 -9.95
N MET B 183 -11.43 -40.45 -9.80
CA MET B 183 -11.13 -39.42 -8.82
C MET B 183 -12.42 -39.05 -8.10
N GLU B 184 -12.51 -39.43 -6.82
CA GLU B 184 -13.69 -39.19 -6.00
C GLU B 184 -13.32 -38.22 -4.89
N CYS B 185 -14.08 -37.15 -4.75
CA CYS B 185 -13.78 -36.10 -3.79
C CYS B 185 -14.77 -36.14 -2.63
N SER B 186 -14.59 -35.20 -1.71
CA SER B 186 -15.48 -35.05 -0.56
C SER B 186 -15.54 -33.59 -0.17
N PRO B 187 -16.27 -32.78 -0.94
CA PRO B 187 -16.27 -31.33 -0.70
C PRO B 187 -16.98 -30.91 0.59
N ARG B 188 -17.69 -31.82 1.26
CA ARG B 188 -18.34 -31.45 2.52
C ARG B 188 -17.36 -31.00 3.58
N THR B 189 -16.11 -31.46 3.52
CA THR B 189 -15.13 -31.17 4.56
C THR B 189 -14.09 -30.14 4.16
N GLY B 190 -14.10 -29.67 2.91
CA GLY B 190 -13.12 -28.69 2.47
C GLY B 190 -13.33 -27.33 3.12
N LEU B 191 -14.41 -26.65 2.74
CA LEU B 191 -14.77 -25.36 3.32
C LEU B 191 -16.24 -25.40 3.73
N ASP B 192 -16.52 -24.93 4.94
CA ASP B 192 -17.87 -24.94 5.50
C ASP B 192 -18.61 -23.66 5.12
N PHE B 193 -19.23 -23.67 3.94
CA PHE B 193 -20.02 -22.52 3.51
C PHE B 193 -21.28 -22.32 4.34
N ASN B 194 -21.64 -23.28 5.18
CA ASN B 194 -22.73 -23.09 6.13
C ASN B 194 -22.44 -21.94 7.09
N GLU B 195 -21.16 -21.61 7.30
CA GLU B 195 -20.77 -20.47 8.13
C GLU B 195 -20.05 -19.40 7.33
N MET B 196 -20.30 -19.34 6.01
CA MET B 196 -19.62 -18.41 5.14
C MET B 196 -20.64 -17.62 4.34
N VAL B 197 -20.27 -16.40 3.98
CA VAL B 197 -21.13 -15.50 3.20
C VAL B 197 -20.27 -14.80 2.16
N LEU B 198 -20.84 -14.62 0.97
CA LEU B 198 -20.14 -13.98 -0.16
C LEU B 198 -20.54 -12.51 -0.18
N LEU B 199 -19.76 -11.69 0.51
CA LEU B 199 -20.01 -10.25 0.50
C LEU B 199 -19.69 -9.69 -0.88
N GLN B 200 -20.59 -8.86 -1.40
CA GLN B 200 -20.46 -8.32 -2.76
C GLN B 200 -20.64 -6.82 -2.70
N MET B 201 -19.65 -6.08 -3.22
CA MET B 201 -19.70 -4.63 -3.31
C MET B 201 -20.04 -4.24 -4.75
N GLU B 202 -19.87 -2.94 -5.05
CA GLU B 202 -20.29 -2.41 -6.35
C GLU B 202 -19.71 -3.22 -7.50
N ASN B 203 -18.42 -3.50 -7.47
CA ASN B 203 -17.82 -4.35 -8.49
C ASN B 203 -16.82 -5.36 -7.94
N LYS B 204 -16.55 -5.38 -6.64
CA LYS B 204 -15.64 -6.34 -6.04
C LYS B 204 -16.37 -7.15 -4.99
N ALA B 205 -15.88 -8.38 -4.76
CA ALA B 205 -16.54 -9.29 -3.84
C ALA B 205 -15.50 -9.93 -2.93
N TRP B 206 -15.92 -10.25 -1.71
CA TRP B 206 -15.07 -10.91 -0.73
C TRP B 206 -15.81 -12.09 -0.12
N LEU B 207 -15.04 -13.09 0.29
CA LEU B 207 -15.58 -14.26 0.97
C LEU B 207 -15.23 -14.15 2.45
N VAL B 208 -16.21 -13.83 3.27
CA VAL B 208 -15.98 -13.55 4.68
C VAL B 208 -16.87 -14.47 5.52
N HIS B 209 -16.51 -14.56 6.81
CA HIS B 209 -17.23 -15.42 7.73
C HIS B 209 -18.62 -14.85 8.00
N ARG B 210 -19.62 -15.75 8.05
CA ARG B 210 -20.99 -15.31 8.19
C ARG B 210 -21.22 -14.60 9.52
N GLN B 211 -20.70 -15.16 10.61
CA GLN B 211 -20.91 -14.57 11.92
C GLN B 211 -20.32 -13.17 12.00
N TRP B 212 -19.10 -12.99 11.47
CA TRP B 212 -18.50 -11.67 11.41
C TRP B 212 -19.28 -10.72 10.52
N PHE B 213 -20.01 -11.26 9.53
CA PHE B 213 -20.80 -10.41 8.65
C PHE B 213 -22.09 -9.94 9.33
N LEU B 214 -22.71 -10.81 10.13
CA LEU B 214 -23.97 -10.45 10.77
C LEU B 214 -23.82 -9.28 11.73
N ASP B 215 -22.76 -9.27 12.53
CA ASP B 215 -22.60 -8.27 13.57
C ASP B 215 -21.88 -7.01 13.10
N LEU B 216 -21.89 -6.72 11.80
CA LEU B 216 -21.29 -5.49 11.31
C LEU B 216 -22.13 -4.30 11.75
N PRO B 217 -21.51 -3.20 12.19
CA PRO B 217 -22.27 -2.03 12.67
C PRO B 217 -22.73 -1.13 11.54
N LEU B 218 -23.68 -1.62 10.75
CA LEU B 218 -24.27 -0.85 9.66
C LEU B 218 -25.78 -1.05 9.65
N PRO B 219 -26.51 -0.07 9.12
CA PRO B 219 -27.93 -0.31 8.83
C PRO B 219 -28.10 -1.43 7.83
N TRP B 220 -29.12 -2.26 8.04
CA TRP B 220 -29.29 -3.44 7.21
C TRP B 220 -30.77 -3.73 6.99
N LEU B 221 -31.04 -4.45 5.91
CA LEU B 221 -32.36 -4.91 5.51
C LEU B 221 -32.38 -6.43 5.50
N PRO B 222 -33.55 -7.04 5.72
CA PRO B 222 -33.68 -8.47 5.44
C PRO B 222 -33.35 -8.76 3.99
N GLY B 223 -32.78 -9.94 3.75
CA GLY B 223 -32.33 -10.29 2.41
C GLY B 223 -33.43 -10.25 1.37
N ALA B 224 -34.68 -10.46 1.79
CA ALA B 224 -35.81 -10.46 0.87
C ALA B 224 -36.46 -9.10 0.71
N ASP B 225 -36.05 -8.10 1.49
CA ASP B 225 -36.67 -6.78 1.40
C ASP B 225 -36.34 -6.14 0.07
N THR B 226 -37.33 -5.43 -0.51
CA THR B 226 -37.15 -4.81 -1.81
C THR B 226 -37.49 -3.33 -1.77
N GLN B 227 -38.51 -2.95 -0.99
CA GLN B 227 -38.93 -1.55 -0.96
C GLN B 227 -37.89 -0.66 -0.30
N GLY B 228 -37.21 -1.16 0.73
CA GLY B 228 -36.14 -0.40 1.34
C GLY B 228 -36.60 0.55 2.42
N SER B 229 -37.28 0.03 3.44
CA SER B 229 -37.69 0.85 4.58
C SER B 229 -37.50 0.12 5.91
N ASN B 230 -36.92 -1.07 5.92
CA ASN B 230 -36.81 -1.91 7.10
C ASN B 230 -35.42 -1.86 7.71
N TRP B 231 -34.80 -0.68 7.71
CA TRP B 231 -33.43 -0.56 8.18
C TRP B 231 -33.36 -0.70 9.69
N ILE B 232 -32.41 -1.50 10.17
CA ILE B 232 -32.18 -1.68 11.59
C ILE B 232 -30.96 -0.87 12.00
N GLN B 233 -30.98 -0.37 13.23
CA GLN B 233 -29.88 0.35 13.86
C GLN B 233 -29.24 1.38 12.91
N LYS B 234 -30.07 2.31 12.46
CA LYS B 234 -29.59 3.40 11.61
C LYS B 234 -28.71 4.38 12.40
N GLU B 235 -28.72 4.30 13.73
CA GLU B 235 -27.95 5.22 14.55
C GLU B 235 -26.45 5.08 14.32
N THR B 236 -25.98 3.93 13.85
CA THR B 236 -24.57 3.74 13.57
C THR B 236 -24.11 4.49 12.33
N LEU B 237 -25.03 5.02 11.53
CA LEU B 237 -24.68 5.73 10.31
C LEU B 237 -25.03 7.21 10.34
N VAL B 238 -25.75 7.66 11.38
CA VAL B 238 -26.09 9.07 11.53
C VAL B 238 -25.70 9.51 12.94
N THR B 239 -25.58 10.82 13.11
CA THR B 239 -25.16 11.38 14.38
C THR B 239 -26.01 12.61 14.71
N PHE B 240 -26.09 12.90 16.01
CA PHE B 240 -26.81 14.05 16.52
C PHE B 240 -25.84 14.92 17.32
N LYS B 241 -26.02 16.23 17.24
CA LYS B 241 -25.10 17.17 17.87
C LYS B 241 -25.85 18.12 18.79
N ASN B 242 -25.25 18.41 19.95
CA ASN B 242 -25.71 19.44 20.87
C ASN B 242 -24.53 20.33 21.22
N PRO B 243 -24.08 21.16 20.27
CA PRO B 243 -22.89 21.97 20.53
C PRO B 243 -23.03 22.89 21.73
N HIS B 244 -24.22 23.46 21.94
CA HIS B 244 -24.45 24.38 23.05
C HIS B 244 -25.67 24.00 23.88
N ALA B 245 -26.20 22.79 23.70
CA ALA B 245 -27.37 22.32 24.42
C ALA B 245 -28.56 23.25 24.23
N LYS B 246 -28.70 23.80 23.02
CA LYS B 246 -29.82 24.67 22.71
C LYS B 246 -30.62 24.23 21.48
N LYS B 247 -30.03 23.43 20.59
CA LYS B 247 -30.77 22.90 19.44
C LYS B 247 -29.94 21.77 18.85
N GLN B 248 -30.59 20.64 18.59
CA GLN B 248 -29.93 19.47 18.03
C GLN B 248 -30.21 19.35 16.54
N ASP B 249 -29.19 18.98 15.78
CA ASP B 249 -29.31 18.72 14.36
C ASP B 249 -28.70 17.36 14.05
N VAL B 250 -29.21 16.71 13.02
CA VAL B 250 -28.78 15.38 12.62
C VAL B 250 -28.15 15.47 11.24
N VAL B 251 -26.97 14.88 11.10
CA VAL B 251 -26.27 14.83 9.82
C VAL B 251 -25.83 13.39 9.56
N VAL B 252 -25.63 13.08 8.30
CA VAL B 252 -25.27 11.74 7.88
C VAL B 252 -23.76 11.59 7.95
N LEU B 253 -23.31 10.36 8.22
CA LEU B 253 -21.90 10.04 8.11
C LEU B 253 -21.52 9.83 6.66
N GLY B 254 -20.21 9.76 6.40
CA GLY B 254 -19.71 9.63 5.06
C GLY B 254 -19.81 8.22 4.53
N SER B 255 -19.37 8.05 3.29
CA SER B 255 -19.37 6.74 2.65
C SER B 255 -18.45 5.79 3.42
N GLN B 256 -18.96 4.59 3.68
CA GLN B 256 -18.23 3.60 4.45
C GLN B 256 -17.54 2.55 3.59
N GLU B 257 -17.58 2.72 2.27
CA GLU B 257 -16.99 1.71 1.39
C GLU B 257 -15.48 1.64 1.56
N GLY B 258 -14.82 2.79 1.76
CA GLY B 258 -13.41 2.75 2.11
C GLY B 258 -13.17 2.16 3.49
N ALA B 259 -14.02 2.52 4.46
CA ALA B 259 -13.92 1.92 5.77
C ALA B 259 -14.18 0.42 5.71
N MET B 260 -15.16 0.01 4.90
CA MET B 260 -15.40 -1.42 4.73
C MET B 260 -14.20 -2.12 4.10
N HIS B 261 -13.58 -1.48 3.10
CA HIS B 261 -12.39 -2.06 2.50
C HIS B 261 -11.28 -2.24 3.53
N THR B 262 -11.10 -1.23 4.40
CA THR B 262 -10.12 -1.38 5.47
C THR B 262 -10.53 -2.46 6.45
N ALA B 263 -11.84 -2.74 6.56
CA ALA B 263 -12.33 -3.76 7.48
C ALA B 263 -12.17 -5.17 6.94
N LEU B 264 -11.82 -5.34 5.67
CA LEU B 264 -11.66 -6.65 5.06
C LEU B 264 -10.19 -7.02 4.89
N THR B 265 -9.36 -6.70 5.88
CA THR B 265 -7.92 -6.93 5.75
C THR B 265 -7.63 -8.41 5.49
N GLY B 266 -8.18 -9.30 6.31
CA GLY B 266 -7.95 -10.72 6.16
C GLY B 266 -8.92 -11.42 5.23
N ALA B 267 -9.83 -10.68 4.60
CA ALA B 267 -10.77 -11.31 3.68
C ALA B 267 -10.07 -11.71 2.39
N THR B 268 -10.69 -12.66 1.67
CA THR B 268 -10.18 -13.14 0.40
C THR B 268 -11.09 -12.64 -0.71
N GLU B 269 -10.50 -11.93 -1.68
CA GLU B 269 -11.28 -11.40 -2.78
C GLU B 269 -11.71 -12.51 -3.73
N ILE B 270 -12.97 -12.46 -4.15
CA ILE B 270 -13.54 -13.41 -5.09
C ILE B 270 -14.19 -12.64 -6.23
N GLN B 271 -14.78 -13.36 -7.17
CA GLN B 271 -15.39 -12.79 -8.35
C GLN B 271 -16.88 -13.12 -8.37
N MET B 272 -17.71 -12.08 -8.52
CA MET B 272 -19.16 -12.26 -8.63
C MET B 272 -19.73 -11.42 -9.75
N SER B 273 -18.92 -11.09 -10.75
CA SER B 273 -19.38 -10.27 -11.86
C SER B 273 -20.13 -11.10 -12.91
N SER B 274 -19.53 -12.21 -13.33
CA SER B 274 -20.13 -13.12 -14.30
C SER B 274 -20.41 -14.48 -13.67
N GLY B 275 -20.91 -14.47 -12.45
CA GLY B 275 -21.14 -15.68 -11.68
C GLY B 275 -20.25 -15.76 -10.46
N ASN B 276 -20.61 -16.69 -9.58
CA ASN B 276 -19.91 -16.86 -8.31
C ASN B 276 -18.61 -17.63 -8.55
N LEU B 277 -17.63 -16.92 -9.11
CA LEU B 277 -16.33 -17.49 -9.42
C LEU B 277 -15.42 -17.34 -8.21
N LEU B 278 -15.01 -18.46 -7.63
CA LEU B 278 -14.14 -18.48 -6.46
C LEU B 278 -12.81 -19.11 -6.84
N PHE B 279 -11.72 -18.40 -6.56
CA PHE B 279 -10.38 -18.88 -6.80
C PHE B 279 -9.62 -19.01 -5.48
N THR B 280 -10.29 -19.58 -4.48
CA THR B 280 -9.75 -19.68 -3.13
C THR B 280 -10.17 -21.01 -2.53
N GLY B 281 -9.51 -21.38 -1.43
CA GLY B 281 -9.84 -22.59 -0.73
C GLY B 281 -9.10 -23.80 -1.27
N HIS B 282 -9.30 -24.91 -0.56
CA HIS B 282 -8.64 -26.17 -0.88
C HIS B 282 -9.69 -27.23 -1.22
N LEU B 283 -9.21 -28.43 -1.54
CA LEU B 283 -10.10 -29.54 -1.87
C LEU B 283 -9.34 -30.83 -1.59
N LYS B 284 -9.77 -31.58 -0.57
CA LYS B 284 -9.21 -32.88 -0.28
C LYS B 284 -9.99 -33.93 -1.04
N CYS B 285 -9.32 -34.62 -1.97
CA CYS B 285 -9.97 -35.55 -2.87
C CYS B 285 -9.27 -36.90 -2.82
N ARG B 286 -10.05 -37.94 -3.08
CA ARG B 286 -9.57 -39.33 -3.04
C ARG B 286 -9.30 -39.79 -4.47
N LEU B 287 -8.06 -40.18 -4.74
CA LEU B 287 -7.64 -40.55 -6.09
C LEU B 287 -7.49 -42.06 -6.20
N ARG B 288 -8.07 -42.64 -7.24
CA ARG B 288 -7.98 -44.07 -7.51
C ARG B 288 -7.42 -44.24 -8.92
N MET B 289 -6.31 -44.97 -9.03
CA MET B 289 -5.69 -45.15 -10.34
C MET B 289 -5.58 -46.61 -10.73
N ASP B 290 -6.67 -47.36 -10.55
CA ASP B 290 -6.67 -48.77 -10.92
C ASP B 290 -6.51 -48.97 -12.43
N LYS B 291 -7.18 -48.13 -13.23
CA LYS B 291 -7.34 -48.39 -14.66
C LYS B 291 -6.57 -47.41 -15.53
N LEU B 292 -5.34 -47.06 -15.14
CA LEU B 292 -4.49 -46.20 -15.95
C LEU B 292 -3.48 -47.02 -16.74
N GLN B 293 -3.18 -46.55 -17.94
CA GLN B 293 -2.28 -47.22 -18.86
C GLN B 293 -1.26 -46.23 -19.39
N LEU B 294 -0.25 -46.77 -20.07
CA LEU B 294 0.79 -45.97 -20.70
C LEU B 294 0.63 -46.04 -22.21
N LYS B 295 0.70 -44.88 -22.87
CA LYS B 295 0.54 -44.85 -24.33
C LYS B 295 1.67 -45.61 -25.00
N GLY B 296 1.32 -46.67 -25.71
CA GLY B 296 2.30 -47.38 -26.53
C GLY B 296 3.50 -47.86 -25.75
N MET B 297 3.29 -48.40 -24.56
CA MET B 297 4.37 -48.83 -23.69
C MET B 297 5.00 -50.13 -24.18
N SER B 298 4.57 -50.63 -25.33
CA SER B 298 5.12 -51.85 -25.92
C SER B 298 6.02 -51.59 -27.13
N TYR B 299 6.10 -50.35 -27.61
CA TYR B 299 6.92 -50.10 -28.79
C TYR B 299 8.40 -50.26 -28.47
N SER B 300 9.19 -50.42 -29.53
CA SER B 300 10.61 -50.67 -29.43
C SER B 300 11.38 -49.35 -29.34
N MET B 301 12.71 -49.42 -29.49
CA MET B 301 13.57 -48.26 -29.36
C MET B 301 13.47 -47.38 -30.59
N CYS B 302 13.85 -46.11 -30.42
CA CYS B 302 14.11 -45.22 -31.56
C CYS B 302 15.60 -45.30 -31.85
N THR B 303 15.97 -46.18 -32.79
CA THR B 303 17.37 -46.40 -33.10
C THR B 303 18.02 -45.23 -33.82
N GLY B 304 17.24 -44.26 -34.28
CA GLY B 304 17.78 -43.11 -34.97
C GLY B 304 18.38 -42.10 -34.02
N LYS B 305 18.75 -40.96 -34.59
CA LYS B 305 19.39 -39.88 -33.85
C LYS B 305 18.35 -38.92 -33.29
N PHE B 306 18.83 -37.92 -32.55
CA PHE B 306 17.97 -36.90 -31.97
C PHE B 306 18.69 -35.56 -32.02
N LYS B 307 17.91 -34.49 -31.86
CA LYS B 307 18.49 -33.17 -31.71
C LYS B 307 17.61 -32.35 -30.78
N VAL B 308 18.23 -31.63 -29.87
CA VAL B 308 17.50 -30.79 -28.93
C VAL B 308 17.04 -29.53 -29.65
N VAL B 309 15.78 -29.16 -29.41
CA VAL B 309 15.21 -27.97 -30.03
C VAL B 309 15.13 -26.86 -29.00
N LYS B 310 15.02 -27.24 -27.73
CA LYS B 310 15.02 -26.28 -26.63
C LYS B 310 15.83 -26.88 -25.49
N GLU B 311 16.84 -26.15 -25.04
CA GLU B 311 17.90 -26.73 -24.22
C GLU B 311 17.43 -26.92 -22.78
N ILE B 312 18.39 -27.19 -21.88
CA ILE B 312 18.07 -27.52 -20.50
C ILE B 312 17.33 -26.36 -19.85
N ALA B 313 16.30 -26.68 -19.07
CA ALA B 313 15.54 -25.68 -18.33
C ALA B 313 15.42 -26.13 -16.88
N GLU B 314 15.67 -25.21 -15.96
CA GLU B 314 15.59 -25.47 -14.53
C GLU B 314 14.33 -24.83 -13.95
N THR B 315 13.51 -25.63 -13.28
CA THR B 315 12.34 -25.11 -12.59
C THR B 315 12.72 -24.70 -11.17
N GLN B 316 11.70 -24.34 -10.39
CA GLN B 316 11.91 -24.03 -8.98
C GLN B 316 11.94 -25.26 -8.10
N HIS B 317 11.77 -26.45 -8.68
CA HIS B 317 11.64 -27.68 -7.90
C HIS B 317 12.72 -28.70 -8.26
N GLY B 318 13.79 -28.26 -8.90
CA GLY B 318 14.92 -29.13 -9.16
C GLY B 318 14.77 -30.07 -10.33
N THR B 319 13.71 -29.95 -11.12
CA THR B 319 13.51 -30.82 -12.27
C THR B 319 13.89 -30.12 -13.56
N ILE B 320 13.97 -30.91 -14.63
CA ILE B 320 14.41 -30.44 -15.94
C ILE B 320 13.35 -30.76 -16.97
N VAL B 321 13.16 -29.85 -17.91
CA VAL B 321 12.18 -30.01 -18.99
C VAL B 321 12.90 -29.87 -20.33
N ILE B 322 12.76 -30.88 -21.19
CA ILE B 322 13.47 -30.93 -22.46
C ILE B 322 12.49 -31.26 -23.57
N ARG B 323 12.56 -30.48 -24.65
CA ARG B 323 11.89 -30.80 -25.91
C ARG B 323 12.92 -31.29 -26.90
N VAL B 324 12.69 -32.47 -27.48
CA VAL B 324 13.62 -33.08 -28.42
C VAL B 324 12.83 -33.55 -29.64
N GLN B 325 13.54 -33.65 -30.76
CA GLN B 325 12.95 -34.04 -32.04
C GLN B 325 13.65 -35.27 -32.58
N TYR B 326 12.87 -36.19 -33.14
CA TYR B 326 13.38 -37.44 -33.70
C TYR B 326 13.41 -37.35 -35.22
N GLU B 327 14.49 -37.87 -35.82
CA GLU B 327 14.62 -37.89 -37.26
C GLU B 327 14.82 -39.28 -37.85
N GLY B 328 14.89 -40.31 -37.01
CA GLY B 328 15.05 -41.68 -37.48
C GLY B 328 13.73 -42.31 -37.84
N ASP B 329 13.81 -43.58 -38.24
CA ASP B 329 12.64 -44.34 -38.63
C ASP B 329 12.15 -45.18 -37.45
N GLY B 330 11.10 -45.96 -37.70
CA GLY B 330 10.51 -46.78 -36.68
C GLY B 330 9.47 -46.11 -35.81
N SER B 331 9.14 -44.85 -36.10
CA SER B 331 8.12 -44.16 -35.31
C SER B 331 6.76 -44.82 -35.52
N PRO B 332 5.95 -44.96 -34.47
CA PRO B 332 6.25 -44.57 -33.09
C PRO B 332 7.21 -45.52 -32.38
N CYS B 333 8.03 -44.99 -31.46
CA CYS B 333 9.00 -45.81 -30.75
C CYS B 333 9.34 -45.14 -29.43
N LYS B 334 9.93 -45.93 -28.54
CA LYS B 334 10.29 -45.45 -27.21
C LYS B 334 11.54 -44.59 -27.26
N ILE B 335 11.60 -43.61 -26.36
CA ILE B 335 12.72 -42.67 -26.27
C ILE B 335 13.70 -43.20 -25.24
N PRO B 336 14.94 -43.50 -25.60
CA PRO B 336 15.93 -43.89 -24.60
C PRO B 336 16.37 -42.70 -23.77
N PHE B 337 15.88 -42.62 -22.53
CA PHE B 337 16.17 -41.50 -21.63
C PHE B 337 16.58 -42.07 -20.28
N GLU B 338 17.70 -41.60 -19.76
CA GLU B 338 18.15 -42.08 -18.45
C GLU B 338 19.27 -41.17 -17.97
N ILE B 339 19.33 -40.98 -16.65
CA ILE B 339 20.30 -40.09 -16.01
C ILE B 339 21.48 -40.93 -15.55
N MET B 340 22.56 -40.91 -16.31
CA MET B 340 23.77 -41.68 -16.06
C MET B 340 24.90 -40.75 -15.59
N ASP B 341 25.99 -41.37 -15.15
CA ASP B 341 27.18 -40.63 -14.74
C ASP B 341 28.16 -40.56 -15.90
N LEU B 342 29.36 -40.03 -15.65
CA LEU B 342 30.31 -39.77 -16.73
C LEU B 342 30.88 -41.07 -17.28
N GLU B 343 31.31 -41.96 -16.41
CA GLU B 343 31.86 -43.24 -16.83
C GLU B 343 30.77 -44.29 -17.03
N LYS B 344 29.51 -43.91 -16.82
CA LYS B 344 28.35 -44.78 -17.03
C LYS B 344 28.38 -45.98 -16.09
N ARG B 345 28.39 -45.70 -14.78
CA ARG B 345 28.41 -46.73 -13.76
C ARG B 345 27.03 -46.97 -13.14
N HIS B 346 26.42 -45.92 -12.59
CA HIS B 346 25.22 -46.08 -11.79
C HIS B 346 24.14 -45.10 -12.24
N VAL B 347 22.88 -45.53 -12.10
CA VAL B 347 21.75 -44.67 -12.36
C VAL B 347 21.68 -43.61 -11.26
N LEU B 348 21.50 -42.35 -11.66
CA LEU B 348 21.52 -41.25 -10.71
C LEU B 348 20.18 -40.54 -10.54
N GLY B 349 19.34 -40.51 -11.58
CA GLY B 349 18.09 -39.79 -11.52
C GLY B 349 16.92 -40.66 -11.95
N ARG B 350 15.73 -40.08 -11.85
CA ARG B 350 14.50 -40.75 -12.25
C ARG B 350 13.70 -39.84 -13.17
N LEU B 351 12.80 -40.44 -13.93
CA LEU B 351 12.02 -39.74 -14.94
C LEU B 351 10.68 -39.33 -14.35
N ILE B 352 10.44 -38.02 -14.30
CA ILE B 352 9.12 -37.53 -13.92
C ILE B 352 8.10 -37.88 -15.00
N THR B 353 8.45 -37.63 -16.26
CA THR B 353 7.63 -38.07 -17.40
C THR B 353 8.01 -39.50 -17.70
N VAL B 354 7.33 -40.44 -17.04
CA VAL B 354 7.64 -41.86 -17.22
C VAL B 354 7.27 -42.28 -18.64
N ASN B 355 8.12 -43.11 -19.23
CA ASN B 355 7.92 -43.66 -20.57
C ASN B 355 7.77 -42.55 -21.61
N PRO B 356 8.84 -41.83 -21.93
CA PRO B 356 8.76 -40.87 -23.04
C PRO B 356 8.57 -41.60 -24.35
N ILE B 357 7.60 -41.16 -25.15
CA ILE B 357 7.21 -41.83 -26.38
C ILE B 357 7.19 -40.83 -27.51
N VAL B 358 7.56 -41.28 -28.71
CA VAL B 358 7.48 -40.47 -29.91
C VAL B 358 6.20 -40.88 -30.62
N THR B 359 5.17 -40.04 -30.50
CA THR B 359 3.90 -40.33 -31.16
C THR B 359 4.04 -40.23 -32.67
N GLU B 360 4.67 -39.16 -33.15
CA GLU B 360 4.87 -38.94 -34.57
C GLU B 360 6.30 -38.48 -34.79
N LYS B 361 6.87 -38.87 -35.93
CA LYS B 361 8.29 -38.68 -36.18
C LYS B 361 8.68 -37.21 -36.14
N ASP B 362 7.91 -36.34 -36.79
CA ASP B 362 8.23 -34.93 -36.88
C ASP B 362 7.62 -34.10 -35.74
N SER B 363 6.95 -34.75 -34.79
CA SER B 363 6.32 -34.04 -33.69
C SER B 363 7.29 -33.94 -32.52
N PRO B 364 7.65 -32.75 -32.07
CA PRO B 364 8.52 -32.64 -30.90
C PRO B 364 7.84 -33.15 -29.64
N VAL B 365 8.65 -33.63 -28.71
CA VAL B 365 8.17 -34.24 -27.47
C VAL B 365 8.89 -33.60 -26.29
N ASN B 366 8.14 -33.28 -25.24
CA ASN B 366 8.67 -32.68 -24.03
C ASN B 366 8.91 -33.78 -22.99
N ILE B 367 10.08 -33.76 -22.36
CA ILE B 367 10.47 -34.78 -21.39
C ILE B 367 10.89 -34.10 -20.10
N GLU B 368 10.57 -34.73 -18.97
CA GLU B 368 10.89 -34.23 -17.66
C GLU B 368 11.76 -35.23 -16.90
N ALA B 369 12.69 -34.71 -16.10
CA ALA B 369 13.55 -35.56 -15.30
C ALA B 369 13.97 -34.80 -14.05
N GLU B 370 14.41 -35.56 -13.04
CA GLU B 370 14.86 -35.02 -11.76
C GLU B 370 16.30 -35.45 -11.52
N PRO B 371 17.27 -34.66 -11.94
CA PRO B 371 18.67 -35.05 -11.75
C PRO B 371 19.08 -34.95 -10.29
N PRO B 372 20.08 -35.69 -9.86
CA PRO B 372 20.59 -35.57 -8.49
C PRO B 372 21.46 -34.33 -8.35
N PHE B 373 21.77 -34.01 -7.10
CA PHE B 373 22.63 -32.88 -6.81
C PHE B 373 24.04 -33.14 -7.31
N GLY B 374 24.64 -32.12 -7.92
CA GLY B 374 25.98 -32.27 -8.48
C GLY B 374 25.95 -32.46 -9.98
N ASP B 375 26.98 -33.11 -10.52
CA ASP B 375 27.04 -33.35 -11.95
C ASP B 375 25.96 -34.34 -12.38
N SER B 376 25.28 -34.02 -13.48
CA SER B 376 24.22 -34.86 -14.01
C SER B 376 24.34 -34.93 -15.52
N TYR B 377 24.04 -36.10 -16.07
CA TYR B 377 24.19 -36.36 -17.50
C TYR B 377 22.92 -36.97 -18.05
N ILE B 378 22.42 -36.40 -19.14
CA ILE B 378 21.20 -36.86 -19.79
C ILE B 378 21.59 -37.67 -21.01
N ILE B 379 21.11 -38.90 -21.08
CA ILE B 379 21.41 -39.81 -22.19
C ILE B 379 20.19 -39.86 -23.10
N ILE B 380 20.41 -39.53 -24.37
CA ILE B 380 19.35 -39.53 -25.37
C ILE B 380 19.76 -40.47 -26.49
N GLY B 381 18.88 -41.42 -26.81
CA GLY B 381 19.17 -42.32 -27.91
C GLY B 381 20.27 -43.33 -27.58
N VAL B 382 20.77 -43.95 -28.63
CA VAL B 382 21.79 -44.99 -28.53
C VAL B 382 22.83 -44.75 -29.62
N GLU B 383 24.00 -45.34 -29.43
CA GLU B 383 25.06 -45.21 -30.43
C GLU B 383 24.59 -45.82 -31.74
N PRO B 384 24.95 -45.22 -32.89
CA PRO B 384 25.70 -43.98 -32.99
C PRO B 384 24.82 -42.74 -32.86
N GLY B 385 25.44 -41.58 -32.63
CA GLY B 385 24.69 -40.34 -32.54
C GLY B 385 24.00 -40.10 -31.23
N GLN B 386 24.34 -40.84 -30.19
CA GLN B 386 23.73 -40.66 -28.88
C GLN B 386 24.07 -39.28 -28.32
N LEU B 387 23.09 -38.64 -27.70
CA LEU B 387 23.25 -37.31 -27.12
C LEU B 387 23.54 -37.43 -25.63
N LYS B 388 24.53 -36.68 -25.16
CA LYS B 388 24.86 -36.62 -23.75
C LYS B 388 24.93 -35.15 -23.34
N LEU B 389 24.15 -34.77 -22.33
CA LEU B 389 24.09 -33.40 -21.85
C LEU B 389 24.81 -33.26 -20.53
N ASN B 390 25.10 -32.02 -20.14
CA ASN B 390 26.03 -31.70 -19.07
C ASN B 390 25.45 -30.67 -18.11
N TRP B 391 24.22 -30.87 -17.66
CA TRP B 391 23.65 -29.96 -16.66
C TRP B 391 24.10 -30.31 -15.25
N PHE B 392 24.34 -29.27 -14.46
CA PHE B 392 24.75 -29.33 -13.08
C PHE B 392 23.63 -28.82 -12.18
N LYS B 393 23.38 -29.52 -11.08
CA LYS B 393 22.32 -29.17 -10.16
C LYS B 393 22.90 -28.38 -9.00
N LYS B 394 22.34 -27.21 -8.74
CA LYS B 394 22.83 -26.32 -7.68
C LYS B 394 22.01 -26.58 -6.41
N GLY B 395 22.67 -27.08 -5.37
CA GLY B 395 22.03 -27.35 -4.11
C GLY B 395 22.70 -28.51 -3.42
N SER B 396 21.99 -29.08 -2.44
CA SER B 396 22.50 -30.22 -1.70
C SER B 396 21.33 -31.02 -1.15
N SER B 397 21.61 -32.27 -0.79
CA SER B 397 20.57 -33.14 -0.24
C SER B 397 20.02 -32.58 1.07
N ILE B 398 20.90 -32.05 1.92
CA ILE B 398 20.45 -31.45 3.18
C ILE B 398 19.58 -30.24 2.91
N GLY B 399 19.98 -29.41 1.93
CA GLY B 399 19.16 -28.26 1.57
C GLY B 399 17.80 -28.67 1.05
N GLN B 400 17.75 -29.69 0.20
CA GLN B 400 16.47 -30.18 -0.29
C GLN B 400 15.60 -30.71 0.85
N MET B 401 16.21 -31.45 1.78
CA MET B 401 15.46 -31.99 2.89
C MET B 401 14.89 -30.88 3.77
N ILE B 402 15.69 -29.85 4.04
CA ILE B 402 15.22 -28.79 4.92
C ILE B 402 14.15 -27.95 4.22
N GLU B 403 14.31 -27.69 2.92
CA GLU B 403 13.25 -27.00 2.19
C GLU B 403 11.97 -27.83 2.20
N THR B 404 12.11 -29.14 2.06
CA THR B 404 10.95 -30.02 2.14
C THR B 404 10.28 -29.92 3.51
N THR B 405 11.07 -29.84 4.58
CA THR B 405 10.45 -29.82 5.89
C THR B 405 9.78 -28.48 6.17
N MET B 406 10.34 -27.36 5.69
CA MET B 406 9.58 -26.11 5.80
C MET B 406 8.31 -26.16 4.97
N ARG B 407 8.37 -26.73 3.76
CA ARG B 407 7.16 -26.80 2.94
C ARG B 407 6.10 -27.64 3.63
N GLY B 408 6.49 -28.78 4.20
CA GLY B 408 5.54 -29.61 4.91
C GLY B 408 4.97 -28.93 6.14
N ALA B 409 5.82 -28.22 6.89
CA ALA B 409 5.35 -27.53 8.08
C ALA B 409 4.36 -26.43 7.73
N LYS B 410 4.67 -25.63 6.70
CA LYS B 410 3.76 -24.56 6.31
C LYS B 410 2.47 -25.13 5.74
N ARG B 411 2.54 -26.23 5.00
CA ARG B 411 1.33 -26.87 4.50
C ARG B 411 0.47 -27.38 5.64
N MET B 412 1.10 -27.99 6.65
CA MET B 412 0.36 -28.41 7.83
C MET B 412 -0.32 -27.22 8.49
N ALA B 413 0.43 -26.12 8.65
CA ALA B 413 -0.10 -24.93 9.29
C ALA B 413 -1.32 -24.38 8.55
N ILE B 414 -1.27 -24.41 7.21
CA ILE B 414 -2.30 -23.74 6.42
C ILE B 414 -3.44 -24.67 6.01
N LEU B 415 -3.28 -25.99 6.15
CA LEU B 415 -4.37 -26.91 5.88
C LEU B 415 -5.00 -27.52 7.12
N GLY B 416 -4.39 -27.39 8.30
CA GLY B 416 -4.98 -28.00 9.47
C GLY B 416 -4.90 -29.52 9.40
N ASP B 417 -5.96 -30.17 9.89
CA ASP B 417 -5.98 -31.63 9.91
C ASP B 417 -5.97 -32.24 8.52
N THR B 418 -6.46 -31.53 7.52
CA THR B 418 -6.50 -32.07 6.16
C THR B 418 -5.11 -32.25 5.56
N ALA B 419 -4.07 -31.66 6.15
CA ALA B 419 -2.73 -31.77 5.59
C ALA B 419 -2.21 -33.20 5.65
N TRP B 420 -2.64 -33.98 6.64
CA TRP B 420 -2.27 -35.39 6.70
C TRP B 420 -2.82 -36.18 5.51
N ASP B 421 -3.83 -35.66 4.84
CA ASP B 421 -4.43 -36.32 3.69
C ASP B 421 -3.80 -35.92 2.37
N PHE B 422 -2.72 -35.12 2.40
CA PHE B 422 -2.06 -34.76 1.15
C PHE B 422 -1.48 -36.00 0.46
N GLY B 423 -0.85 -36.88 1.24
CA GLY B 423 -0.25 -38.06 0.68
C GLY B 423 -0.51 -39.28 1.55
N SER B 424 -1.66 -39.30 2.20
CA SER B 424 -2.01 -40.43 3.05
C SER B 424 -2.28 -41.66 2.22
N LEU B 425 -1.81 -42.81 2.71
CA LEU B 425 -2.08 -44.10 2.08
C LEU B 425 -2.97 -44.97 2.95
N GLY B 426 -3.62 -44.38 3.95
CA GLY B 426 -4.44 -45.13 4.87
C GLY B 426 -3.69 -45.78 6.01
N GLY B 427 -2.42 -45.42 6.21
CA GLY B 427 -1.66 -46.02 7.29
C GLY B 427 -2.17 -45.61 8.66
N VAL B 428 -1.88 -46.48 9.64
CA VAL B 428 -2.34 -46.23 11.00
C VAL B 428 -1.62 -45.02 11.59
N PHE B 429 -0.33 -44.85 11.27
CA PHE B 429 0.40 -43.69 11.76
C PHE B 429 -0.20 -42.40 11.21
N THR B 430 -0.58 -42.40 9.94
CA THR B 430 -1.22 -41.23 9.36
C THR B 430 -2.53 -40.91 10.06
N SER B 431 -3.33 -41.94 10.36
CA SER B 431 -4.60 -41.72 11.04
C SER B 431 -4.39 -41.18 12.45
N ILE B 432 -3.41 -41.72 13.17
CA ILE B 432 -3.13 -41.24 14.53
C ILE B 432 -2.68 -39.79 14.49
N GLY B 433 -1.79 -39.46 13.56
CA GLY B 433 -1.35 -38.08 13.43
C GLY B 433 -2.48 -37.15 13.05
N LYS B 434 -3.35 -37.60 12.15
CA LYS B 434 -4.49 -36.77 11.76
C LYS B 434 -5.41 -36.50 12.94
N ALA B 435 -5.71 -37.54 13.73
CA ALA B 435 -6.58 -37.35 14.89
C ALA B 435 -5.95 -36.42 15.93
N LEU B 436 -4.67 -36.63 16.23
CA LEU B 436 -4.00 -35.79 17.22
C LEU B 436 -3.95 -34.34 16.77
N HIS B 437 -3.57 -34.11 15.51
CA HIS B 437 -3.51 -32.73 15.03
C HIS B 437 -4.90 -32.14 14.88
N GLN B 438 -5.92 -32.99 14.66
CA GLN B 438 -7.29 -32.49 14.59
C GLN B 438 -7.75 -31.97 15.93
N VAL B 439 -7.52 -32.73 17.00
CA VAL B 439 -7.94 -32.26 18.32
C VAL B 439 -7.09 -31.05 18.74
N PHE B 440 -5.79 -31.07 18.43
CA PHE B 440 -4.95 -29.92 18.76
C PHE B 440 -5.41 -28.67 18.01
N GLY B 441 -5.75 -28.81 16.72
CA GLY B 441 -6.25 -27.69 15.96
C GLY B 441 -7.60 -27.20 16.44
N ALA B 442 -8.46 -28.12 16.89
CA ALA B 442 -9.73 -27.70 17.47
C ALA B 442 -9.49 -26.85 18.72
N ILE B 443 -8.59 -27.29 19.59
CA ILE B 443 -8.24 -26.51 20.77
C ILE B 443 -7.68 -25.16 20.36
N TYR B 444 -6.79 -25.15 19.37
CA TYR B 444 -6.16 -23.90 18.93
C TYR B 444 -7.19 -22.93 18.38
N GLY B 445 -8.11 -23.43 17.54
CA GLY B 445 -9.14 -22.57 17.00
C GLY B 445 -10.07 -22.04 18.07
N ALA B 446 -10.44 -22.89 19.03
CA ALA B 446 -11.23 -22.42 20.15
C ALA B 446 -10.46 -21.47 21.05
N ALA B 447 -9.14 -21.42 20.92
CA ALA B 447 -8.30 -20.56 21.75
C ALA B 447 -7.98 -19.24 21.08
N PHE B 448 -7.43 -19.28 19.86
CA PHE B 448 -6.92 -18.09 19.20
C PHE B 448 -7.81 -17.65 18.03
N SER B 449 -9.12 -17.73 18.18
CA SER B 449 -10.03 -17.29 17.13
C SER B 449 -10.11 -15.77 17.13
N GLY B 450 -10.00 -15.18 15.94
CA GLY B 450 -10.14 -13.74 15.80
C GLY B 450 -9.06 -12.93 16.46
N VAL B 451 -7.81 -13.34 16.36
CA VAL B 451 -6.70 -12.64 16.98
C VAL B 451 -5.65 -12.30 15.93
N SER B 452 -5.02 -11.15 16.09
CA SER B 452 -4.02 -10.67 15.14
C SER B 452 -2.74 -11.51 15.25
N TRP B 453 -1.91 -11.41 14.20
CA TRP B 453 -0.70 -12.22 14.15
C TRP B 453 0.34 -11.75 15.15
N THR B 454 0.58 -10.43 15.21
CA THR B 454 1.55 -9.91 16.17
C THR B 454 1.21 -10.34 17.58
N MET B 455 -0.08 -10.36 17.91
CA MET B 455 -0.49 -10.88 19.21
C MET B 455 -0.14 -12.35 19.34
N LYS B 456 -0.18 -13.09 18.22
CA LYS B 456 0.22 -14.50 18.27
C LYS B 456 1.70 -14.63 18.60
N ILE B 457 2.55 -13.80 18.00
CA ILE B 457 3.97 -13.84 18.37
C ILE B 457 4.15 -13.46 19.84
N LEU B 458 3.39 -12.49 20.32
CA LEU B 458 3.49 -12.11 21.73
C LEU B 458 3.15 -13.29 22.63
N ILE B 459 2.05 -13.98 22.33
CA ILE B 459 1.64 -15.14 23.11
C ILE B 459 2.70 -16.23 23.04
N GLY B 460 3.22 -16.49 21.85
CA GLY B 460 4.26 -17.49 21.70
C GLY B 460 5.48 -17.17 22.55
N VAL B 461 5.88 -15.90 22.57
CA VAL B 461 6.99 -15.47 23.40
C VAL B 461 6.69 -15.73 24.87
N ILE B 462 5.46 -15.42 25.29
CA ILE B 462 5.08 -15.61 26.69
C ILE B 462 5.21 -17.07 27.11
N ILE B 463 4.59 -17.97 26.34
CA ILE B 463 4.68 -19.38 26.73
C ILE B 463 6.09 -19.93 26.56
N THR B 464 6.87 -19.47 25.58
CA THR B 464 8.25 -19.93 25.50
C THR B 464 9.03 -19.53 26.74
N TRP B 465 8.84 -18.30 27.22
CA TRP B 465 9.52 -17.87 28.43
C TRP B 465 9.07 -18.69 29.63
N ILE B 466 7.76 -18.95 29.73
CA ILE B 466 7.24 -19.72 30.86
C ILE B 466 7.84 -21.13 30.86
N GLY B 467 7.88 -21.76 29.69
CA GLY B 467 8.45 -23.10 29.60
C GLY B 467 9.94 -23.11 29.90
N MET B 468 10.65 -22.07 29.46
CA MET B 468 12.08 -21.99 29.76
C MET B 468 12.33 -21.83 31.24
N ASN B 469 11.47 -21.10 31.94
CA ASN B 469 11.64 -20.85 33.36
C ASN B 469 10.90 -21.83 34.25
N SER B 470 10.23 -22.83 33.68
CA SER B 470 9.52 -23.81 34.49
C SER B 470 9.67 -25.23 33.92
N THR B 473 9.94 -31.23 34.24
CA THR B 473 10.56 -30.78 33.01
C THR B 473 9.67 -31.11 31.80
N SER B 474 8.77 -32.08 31.98
CA SER B 474 7.83 -32.41 30.92
C SER B 474 6.92 -31.23 30.61
N LEU B 475 6.46 -30.54 31.65
CA LEU B 475 5.69 -29.32 31.44
C LEU B 475 6.51 -28.28 30.70
N SER B 476 7.79 -28.15 31.05
CA SER B 476 8.64 -27.17 30.39
C SER B 476 8.79 -27.47 28.91
N VAL B 477 9.05 -28.73 28.56
CA VAL B 477 9.26 -29.06 27.16
C VAL B 477 7.95 -28.92 26.37
N SER B 478 6.83 -29.33 26.98
CA SER B 478 5.55 -29.16 26.30
C SER B 478 5.26 -27.68 26.05
N LEU B 479 5.53 -26.83 27.06
CA LEU B 479 5.27 -25.41 26.90
C LEU B 479 6.16 -24.80 25.83
N VAL B 480 7.44 -25.15 25.79
CA VAL B 480 8.30 -24.54 24.78
C VAL B 480 7.92 -25.02 23.40
N LEU B 481 7.51 -26.28 23.27
CA LEU B 481 7.04 -26.76 21.97
C LEU B 481 5.79 -25.99 21.52
N VAL B 482 4.83 -25.81 22.44
CA VAL B 482 3.63 -25.05 22.08
C VAL B 482 4.00 -23.62 21.70
N GLY B 483 4.94 -23.02 22.43
CA GLY B 483 5.34 -21.66 22.12
C GLY B 483 5.99 -21.52 20.77
N VAL B 484 6.91 -22.43 20.43
CA VAL B 484 7.58 -22.34 19.14
C VAL B 484 6.59 -22.63 18.00
N VAL B 485 5.65 -23.55 18.22
CA VAL B 485 4.62 -23.78 17.20
C VAL B 485 3.78 -22.53 17.00
N THR B 486 3.40 -21.86 18.08
CA THR B 486 2.61 -20.64 17.95
C THR B 486 3.40 -19.55 17.25
N LEU B 487 4.69 -19.42 17.55
CA LEU B 487 5.53 -18.44 16.87
C LEU B 487 5.62 -18.74 15.38
N TYR B 488 5.79 -20.01 15.02
CA TYR B 488 5.83 -20.37 13.61
C TYR B 488 4.51 -20.05 12.91
N LEU B 489 3.39 -20.36 13.58
CA LEU B 489 2.09 -20.04 13.01
C LEU B 489 1.93 -18.53 12.81
N GLY B 490 2.35 -17.74 13.79
CA GLY B 490 2.23 -16.30 13.68
C GLY B 490 3.09 -15.71 12.57
N VAL B 491 4.33 -16.17 12.46
CA VAL B 491 5.21 -15.64 11.42
C VAL B 491 4.76 -16.10 10.04
N MET B 492 4.19 -17.31 9.94
CA MET B 492 3.80 -17.84 8.65
C MET B 492 2.44 -17.33 8.18
N VAL B 493 1.56 -16.95 9.09
CA VAL B 493 0.22 -16.51 8.71
C VAL B 493 0.30 -15.12 8.09
N GLN B 494 -0.49 -14.90 7.04
CA GLN B 494 -0.49 -13.59 6.39
C GLN B 494 -1.17 -12.55 7.26
N ALA B 495 -2.28 -12.91 7.90
CA ALA B 495 -3.04 -11.98 8.72
C ALA B 495 -3.61 -12.67 9.94
N MET C 1 -30.34 40.77 29.92
CA MET C 1 -31.28 39.70 30.28
C MET C 1 -31.10 38.49 29.36
N ARG C 2 -30.23 38.63 28.37
CA ARG C 2 -30.01 37.54 27.42
C ARG C 2 -29.37 36.33 28.09
N CYS C 3 -28.54 36.53 29.11
CA CYS C 3 -27.92 35.42 29.80
C CYS C 3 -28.92 34.62 30.62
N ILE C 4 -30.09 35.19 30.92
CA ILE C 4 -31.09 34.49 31.71
C ILE C 4 -31.56 33.25 30.96
N GLY C 5 -31.59 32.12 31.66
CA GLY C 5 -32.03 30.87 31.08
C GLY C 5 -30.92 29.97 30.62
N ILE C 6 -29.70 30.47 30.50
CA ILE C 6 -28.56 29.66 30.06
C ILE C 6 -28.08 28.82 31.24
N SER C 7 -27.96 27.51 31.01
CA SER C 7 -27.48 26.62 32.07
C SER C 7 -26.05 26.94 32.45
N ASN C 8 -25.21 27.27 31.46
CA ASN C 8 -23.80 27.58 31.70
C ASN C 8 -23.65 29.08 31.98
N ARG C 9 -24.21 29.49 33.12
CA ARG C 9 -24.20 30.88 33.55
C ARG C 9 -23.40 31.00 34.85
N ASP C 10 -22.47 31.95 34.88
CA ASP C 10 -21.62 32.18 36.04
C ASP C 10 -21.72 33.64 36.48
N PHE C 11 -21.51 33.86 37.77
CA PHE C 11 -21.53 35.18 38.36
C PHE C 11 -20.14 35.52 38.89
N VAL C 12 -19.73 36.78 38.70
CA VAL C 12 -18.51 37.31 39.27
C VAL C 12 -18.88 38.45 40.22
N GLU C 13 -18.21 38.52 41.36
CA GLU C 13 -18.54 39.46 42.41
C GLU C 13 -17.33 40.32 42.74
N GLY C 14 -17.56 41.62 42.90
CA GLY C 14 -16.53 42.53 43.37
C GLY C 14 -15.65 43.06 42.25
N VAL C 15 -14.97 44.17 42.57
CA VAL C 15 -14.03 44.80 41.66
C VAL C 15 -12.75 45.08 42.42
N SER C 16 -11.67 45.30 41.67
CA SER C 16 -10.38 45.60 42.26
C SER C 16 -10.31 47.07 42.65
N GLY C 17 -9.14 47.51 43.08
CA GLY C 17 -8.95 48.92 43.37
C GLY C 17 -9.15 49.78 42.14
N GLY C 18 -8.75 49.28 40.97
CA GLY C 18 -8.91 49.98 39.71
C GLY C 18 -10.25 49.79 39.05
N SER C 19 -11.24 49.26 39.77
CA SER C 19 -12.58 49.03 39.24
C SER C 19 -12.54 48.14 38.00
N TRP C 20 -11.68 47.13 38.04
CA TRP C 20 -11.56 46.17 36.95
C TRP C 20 -11.69 44.76 37.50
N VAL C 21 -11.96 43.82 36.59
CA VAL C 21 -12.09 42.41 36.95
C VAL C 21 -11.72 41.58 35.74
N ASP C 22 -11.08 40.44 35.98
CA ASP C 22 -10.68 39.52 34.92
C ASP C 22 -11.76 38.46 34.73
N ILE C 23 -12.27 38.33 33.51
CA ILE C 23 -13.29 37.35 33.19
C ILE C 23 -12.89 36.61 31.92
N VAL C 24 -13.45 35.41 31.76
CA VAL C 24 -13.21 34.57 30.59
C VAL C 24 -14.55 34.27 29.94
N LEU C 25 -14.62 34.47 28.63
CA LEU C 25 -15.84 34.23 27.87
C LEU C 25 -15.75 32.90 27.14
N GLU C 26 -16.89 32.23 27.02
CA GLU C 26 -16.96 30.93 26.37
C GLU C 26 -18.11 30.92 25.37
N HIS C 27 -17.93 30.19 24.28
CA HIS C 27 -19.02 29.98 23.35
C HIS C 27 -20.08 29.09 23.99
N GLY C 28 -21.34 29.52 23.92
CA GLY C 28 -22.42 28.81 24.56
C GLY C 28 -22.59 29.09 26.03
N SER C 29 -21.74 29.93 26.61
CA SER C 29 -21.84 30.33 28.01
C SER C 29 -22.00 31.83 28.09
N CYS C 30 -22.38 32.30 29.28
CA CYS C 30 -22.50 33.74 29.52
C CYS C 30 -22.22 34.00 31.00
N VAL C 31 -21.58 35.12 31.26
CA VAL C 31 -21.17 35.50 32.60
C VAL C 31 -21.88 36.79 32.99
N THR C 32 -22.41 36.82 34.21
CA THR C 32 -23.09 37.98 34.76
C THR C 32 -22.14 38.69 35.71
N THR C 33 -21.85 39.96 35.42
CA THR C 33 -20.90 40.75 36.19
C THR C 33 -21.66 41.79 36.99
N MET C 34 -21.48 41.79 38.31
CA MET C 34 -22.12 42.73 39.19
C MET C 34 -21.11 43.28 40.19
N ALA C 35 -21.37 44.50 40.66
CA ALA C 35 -20.49 45.16 41.62
C ALA C 35 -21.31 46.14 42.43
N LYS C 36 -20.76 46.53 43.58
CA LYS C 36 -21.45 47.48 44.44
C LYS C 36 -21.57 48.83 43.76
N ASN C 37 -22.79 49.36 43.73
CA ASN C 37 -23.08 50.66 43.12
C ASN C 37 -22.64 50.71 41.66
N LYS C 38 -22.68 49.57 40.98
CA LYS C 38 -22.34 49.47 39.57
C LYS C 38 -23.41 48.70 38.82
N PRO C 39 -23.68 49.07 37.58
CA PRO C 39 -24.68 48.32 36.79
C PRO C 39 -24.23 46.90 36.53
N THR C 40 -25.21 46.01 36.43
CA THR C 40 -24.94 44.60 36.18
C THR C 40 -25.01 44.32 34.68
N LEU C 41 -23.97 43.72 34.14
CA LEU C 41 -23.84 43.48 32.71
C LEU C 41 -23.75 41.99 32.43
N ASP C 42 -24.25 41.60 31.26
CA ASP C 42 -24.14 40.23 30.77
C ASP C 42 -23.15 40.20 29.62
N PHE C 43 -22.21 39.26 29.69
CA PHE C 43 -21.19 39.09 28.66
C PHE C 43 -21.34 37.70 28.06
N GLU C 44 -21.36 37.63 26.73
CA GLU C 44 -21.55 36.36 26.04
C GLU C 44 -20.84 36.42 24.70
N LEU C 45 -19.88 35.53 24.49
CA LEU C 45 -19.20 35.43 23.20
C LEU C 45 -20.09 34.64 22.25
N ILE C 46 -20.44 35.25 21.13
CA ILE C 46 -21.42 34.67 20.23
C ILE C 46 -20.85 34.27 18.89
N LYS C 47 -19.76 34.90 18.43
CA LYS C 47 -19.27 34.65 17.09
C LYS C 47 -17.75 34.71 17.08
N THR C 48 -17.13 33.72 16.44
CA THR C 48 -15.69 33.71 16.20
C THR C 48 -15.46 33.52 14.72
N GLU C 49 -14.77 34.48 14.09
CA GLU C 49 -14.63 34.50 12.64
C GLU C 49 -13.15 34.58 12.30
N ALA C 50 -12.77 33.93 11.20
CA ALA C 50 -11.42 33.94 10.69
C ALA C 50 -11.43 34.48 9.27
N LYS C 51 -10.48 35.36 8.97
CA LYS C 51 -10.39 36.02 7.67
C LYS C 51 -9.16 35.55 6.91
N GLN C 52 -9.32 35.36 5.61
CA GLN C 52 -8.24 34.99 4.70
C GLN C 52 -7.48 33.76 5.18
N PRO C 53 -8.09 32.58 5.15
CA PRO C 53 -7.35 31.36 5.49
C PRO C 53 -6.45 30.93 4.34
N ALA C 54 -5.32 30.33 4.70
CA ALA C 54 -4.34 29.88 3.73
C ALA C 54 -4.42 28.37 3.60
N THR C 55 -4.66 27.89 2.39
CA THR C 55 -4.73 26.45 2.15
C THR C 55 -3.33 25.84 2.30
N LEU C 56 -3.24 24.78 3.09
CA LEU C 56 -1.96 24.15 3.40
C LEU C 56 -1.78 22.81 2.69
N ARG C 57 -2.76 21.91 2.82
CA ARG C 57 -2.62 20.58 2.26
C ARG C 57 -4.00 20.03 1.97
N LYS C 58 -4.15 19.40 0.79
CA LYS C 58 -5.40 18.81 0.37
C LYS C 58 -5.25 17.30 0.33
N TYR C 59 -6.06 16.59 1.10
CA TYR C 59 -6.07 15.13 1.12
C TYR C 59 -7.19 14.61 0.24
N CYS C 60 -6.90 13.57 -0.53
CA CYS C 60 -7.86 13.01 -1.46
C CYS C 60 -8.73 11.96 -0.78
N ILE C 61 -9.96 11.82 -1.28
CA ILE C 61 -10.89 10.81 -0.82
C ILE C 61 -11.37 9.91 -1.96
N GLU C 62 -11.80 10.51 -3.07
CA GLU C 62 -12.27 9.78 -4.23
C GLU C 62 -11.17 9.72 -5.27
N ALA C 63 -10.82 8.50 -5.68
CA ALA C 63 -9.79 8.31 -6.69
C ALA C 63 -10.24 7.26 -7.69
N LYS C 64 -9.77 7.39 -8.93
CA LYS C 64 -10.06 6.44 -9.98
C LYS C 64 -8.77 6.09 -10.71
N LEU C 65 -8.67 4.84 -11.16
CA LEU C 65 -7.47 4.33 -11.81
C LEU C 65 -7.78 3.96 -13.25
N THR C 66 -6.94 4.40 -14.17
CA THR C 66 -7.10 4.13 -15.59
C THR C 66 -5.75 3.82 -16.20
N ASN C 67 -5.78 3.32 -17.43
CA ASN C 67 -4.58 3.10 -18.25
C ASN C 67 -3.64 2.10 -17.58
N THR C 68 -4.21 1.04 -17.03
CA THR C 68 -3.41 0.02 -16.37
C THR C 68 -2.58 -0.75 -17.39
N THR C 69 -1.29 -0.92 -17.11
CA THR C 69 -0.37 -1.60 -18.01
C THR C 69 0.58 -2.48 -17.21
N THR C 70 0.83 -3.69 -17.73
CA THR C 70 1.76 -4.64 -17.14
C THR C 70 2.65 -5.21 -18.24
N ASP C 71 3.94 -5.38 -17.93
CA ASP C 71 4.89 -5.89 -18.94
C ASP C 71 5.78 -7.02 -18.42
N SER C 72 5.24 -8.23 -18.39
CA SER C 72 5.89 -9.44 -18.89
C SER C 72 7.42 -9.50 -18.77
N ARG C 73 7.98 -9.45 -17.57
CA ARG C 73 9.44 -9.49 -17.42
C ARG C 73 9.89 -10.88 -17.01
N CYS C 74 10.87 -11.41 -17.75
CA CYS C 74 11.46 -12.72 -17.47
C CYS C 74 12.41 -12.68 -16.27
N PRO C 75 12.66 -13.83 -15.66
CA PRO C 75 13.63 -13.88 -14.56
C PRO C 75 15.05 -13.61 -15.03
N THR C 76 15.87 -13.13 -14.10
CA THR C 76 17.31 -12.91 -14.28
C THR C 76 17.64 -11.91 -15.38
N GLN C 77 16.65 -11.22 -15.93
CA GLN C 77 16.87 -10.17 -16.92
C GLN C 77 16.46 -8.80 -16.38
N GLY C 78 16.54 -8.62 -15.07
CA GLY C 78 16.22 -7.35 -14.47
C GLY C 78 14.73 -7.10 -14.36
N GLU C 79 14.40 -5.94 -13.81
CA GLU C 79 13.03 -5.50 -13.65
C GLU C 79 12.47 -5.02 -14.98
N PRO C 80 11.15 -4.99 -15.11
CA PRO C 80 10.52 -4.41 -16.30
C PRO C 80 10.54 -2.88 -16.23
N SER C 81 10.01 -2.26 -17.29
CA SER C 81 10.02 -0.80 -17.37
C SER C 81 8.90 -0.35 -18.29
N LEU C 82 8.23 0.73 -17.90
CA LEU C 82 7.15 1.31 -18.67
C LEU C 82 7.46 2.77 -18.94
N ASN C 83 6.83 3.30 -20.00
CA ASN C 83 7.01 4.71 -20.31
C ASN C 83 6.24 5.60 -19.35
N GLU C 84 5.10 5.14 -18.84
CA GLU C 84 4.24 5.96 -18.02
C GLU C 84 4.78 6.18 -16.62
N GLU C 85 5.74 5.38 -16.15
CA GLU C 85 6.35 5.64 -14.85
C GLU C 85 7.22 6.88 -14.87
N GLN C 86 7.49 7.43 -16.06
CA GLN C 86 8.19 8.70 -16.16
C GLN C 86 7.42 9.82 -15.48
N ASP C 87 6.10 9.76 -15.50
CA ASP C 87 5.24 10.75 -14.86
C ASP C 87 4.72 10.17 -13.55
N LYS C 88 4.67 11.00 -12.52
CA LYS C 88 4.28 10.53 -11.19
C LYS C 88 2.76 10.40 -11.03
N ARG C 89 1.97 10.75 -12.04
CA ARG C 89 0.54 10.49 -11.98
C ARG C 89 0.24 8.99 -11.97
N PHE C 90 1.18 8.16 -12.42
CA PHE C 90 0.98 6.73 -12.50
C PHE C 90 1.58 6.08 -11.26
N VAL C 91 0.76 5.34 -10.52
CA VAL C 91 1.24 4.58 -9.37
C VAL C 91 1.76 3.24 -9.87
N CYS C 92 2.98 2.89 -9.46
CA CYS C 92 3.64 1.68 -9.93
C CYS C 92 4.24 0.94 -8.75
N LYS C 93 4.35 -0.39 -8.90
CA LYS C 93 4.96 -1.22 -7.88
C LYS C 93 5.57 -2.45 -8.54
N HIS C 94 6.71 -2.87 -8.03
CA HIS C 94 7.42 -4.04 -8.54
C HIS C 94 7.10 -5.25 -7.69
N SER C 95 6.69 -6.33 -8.34
CA SER C 95 6.47 -7.61 -7.67
C SER C 95 7.12 -8.71 -8.49
N MET C 96 6.99 -9.95 -8.00
CA MET C 96 7.74 -11.07 -8.54
C MET C 96 6.74 -12.13 -8.95
N VAL C 97 6.78 -12.57 -10.22
CA VAL C 97 5.80 -13.52 -10.73
C VAL C 97 6.50 -14.66 -11.44
N ASP C 98 5.76 -15.75 -11.62
CA ASP C 98 6.31 -16.95 -12.24
C ASP C 98 6.32 -16.81 -13.76
N ARG C 99 7.41 -17.27 -14.37
CA ARG C 99 7.56 -17.26 -15.82
C ARG C 99 8.08 -18.62 -16.26
N GLY C 100 7.80 -18.97 -17.50
CA GLY C 100 8.26 -20.24 -18.03
C GLY C 100 7.97 -20.39 -19.50
N TRP C 101 8.11 -21.62 -19.99
CA TRP C 101 7.86 -21.90 -21.39
C TRP C 101 6.41 -21.63 -21.75
N GLY C 102 5.48 -21.99 -20.86
CA GLY C 102 4.09 -21.61 -21.07
C GLY C 102 3.88 -20.12 -21.13
N ASN C 103 4.77 -19.35 -20.51
CA ASN C 103 4.78 -17.91 -20.64
C ASN C 103 5.73 -17.45 -21.75
N GLY C 104 6.24 -18.37 -22.55
CA GLY C 104 7.09 -18.02 -23.68
C GLY C 104 8.41 -17.40 -23.30
N CYS C 105 9.07 -17.91 -22.26
CA CYS C 105 10.39 -17.44 -21.86
C CYS C 105 11.34 -18.63 -21.83
N GLY C 106 12.62 -18.36 -22.12
CA GLY C 106 13.58 -19.43 -22.33
C GLY C 106 13.91 -20.23 -21.08
N LEU C 107 13.65 -19.69 -19.90
CA LEU C 107 14.00 -20.35 -18.65
C LEU C 107 12.83 -20.26 -17.68
N PHE C 108 12.81 -21.22 -16.74
CA PHE C 108 11.80 -21.28 -15.70
C PHE C 108 12.31 -20.61 -14.43
N GLY C 109 11.48 -19.78 -13.83
CA GLY C 109 11.87 -19.09 -12.62
C GLY C 109 10.87 -18.01 -12.26
N LYS C 110 11.27 -17.18 -11.30
CA LYS C 110 10.44 -16.09 -10.81
C LYS C 110 10.79 -14.83 -11.58
N GLY C 111 9.85 -14.31 -12.36
CA GLY C 111 10.09 -13.17 -13.22
C GLY C 111 9.45 -11.89 -12.70
N GLY C 112 10.00 -10.76 -13.15
CA GLY C 112 9.52 -9.48 -12.68
C GLY C 112 8.24 -9.03 -13.36
N ILE C 113 7.62 -8.01 -12.78
CA ILE C 113 6.40 -7.42 -13.32
C ILE C 113 6.16 -6.09 -12.62
N VAL C 114 5.58 -5.14 -13.35
CA VAL C 114 5.19 -3.85 -12.79
C VAL C 114 3.85 -3.45 -13.38
N THR C 115 3.00 -2.86 -12.55
CA THR C 115 1.70 -2.36 -12.98
C THR C 115 1.64 -0.87 -12.72
N CYS C 116 1.26 -0.10 -13.75
CA CYS C 116 1.16 1.34 -13.65
C CYS C 116 -0.21 1.78 -14.12
N ALA C 117 -0.86 2.62 -13.31
CA ALA C 117 -2.16 3.17 -13.65
C ALA C 117 -2.22 4.61 -13.18
N MET C 118 -2.81 5.47 -14.02
CA MET C 118 -2.88 6.89 -13.68
C MET C 118 -3.78 7.11 -12.47
N PHE C 119 -3.34 8.00 -11.58
CA PHE C 119 -4.09 8.36 -10.39
C PHE C 119 -4.85 9.65 -10.64
N THR C 120 -6.17 9.59 -10.53
CA THR C 120 -7.02 10.75 -10.75
C THR C 120 -7.95 10.90 -9.56
N CYS C 121 -7.80 11.99 -8.82
CA CYS C 121 -8.62 12.22 -7.65
C CYS C 121 -9.87 13.00 -8.02
N LYS C 122 -11.00 12.60 -7.43
CA LYS C 122 -12.29 13.20 -7.72
C LYS C 122 -12.77 14.12 -6.61
N LYS C 123 -12.75 13.66 -5.36
CA LYS C 123 -13.19 14.45 -4.23
C LYS C 123 -12.06 14.51 -3.20
N ASN C 124 -11.77 15.72 -2.73
CA ASN C 124 -10.68 15.93 -1.79
C ASN C 124 -11.12 16.91 -0.71
N MET C 125 -10.40 16.89 0.40
CA MET C 125 -10.62 17.84 1.49
C MET C 125 -9.62 18.97 1.38
N LYS C 126 -9.80 19.98 2.22
CA LYS C 126 -8.92 21.14 2.25
C LYS C 126 -8.53 21.45 3.69
N GLY C 127 -7.24 21.63 3.92
CA GLY C 127 -6.75 22.03 5.23
C GLY C 127 -6.21 23.45 5.19
N LYS C 128 -6.90 24.37 5.85
CA LYS C 128 -6.56 25.78 5.80
C LYS C 128 -6.08 26.25 7.18
N VAL C 129 -5.06 27.10 7.17
CA VAL C 129 -4.49 27.68 8.38
C VAL C 129 -4.69 29.18 8.34
N VAL C 130 -5.25 29.73 9.42
CA VAL C 130 -5.44 31.17 9.56
C VAL C 130 -4.48 31.69 10.61
N GLN C 131 -3.78 32.77 10.28
CA GLN C 131 -2.88 33.39 11.24
C GLN C 131 -3.68 34.00 12.38
N PRO C 132 -3.13 34.01 13.59
CA PRO C 132 -3.88 34.57 14.73
C PRO C 132 -4.22 36.04 14.58
N GLU C 133 -3.51 36.78 13.73
CA GLU C 133 -3.79 38.19 13.56
C GLU C 133 -5.09 38.45 12.81
N ASN C 134 -5.63 37.44 12.13
CA ASN C 134 -6.85 37.58 11.36
C ASN C 134 -8.09 37.15 12.14
N LEU C 135 -7.94 36.81 13.41
CA LEU C 135 -9.07 36.36 14.21
C LEU C 135 -10.09 37.48 14.41
N GLU C 136 -11.36 37.10 14.49
CA GLU C 136 -12.44 38.04 14.70
C GLU C 136 -13.34 37.52 15.81
N TYR C 137 -13.46 38.27 16.89
CA TYR C 137 -14.28 37.88 18.03
C TYR C 137 -15.42 38.89 18.19
N THR C 138 -16.65 38.40 18.25
CA THR C 138 -17.83 39.23 18.41
C THR C 138 -18.46 38.92 19.78
N ILE C 139 -18.63 39.97 20.59
CA ILE C 139 -19.19 39.84 21.92
C ILE C 139 -20.43 40.73 22.02
N VAL C 140 -21.50 40.19 22.55
CA VAL C 140 -22.74 40.93 22.77
C VAL C 140 -22.73 41.45 24.20
N ILE C 141 -23.19 42.69 24.37
CA ILE C 141 -23.23 43.35 25.67
C ILE C 141 -24.66 43.78 25.93
N THR C 142 -25.26 43.26 27.01
CA THR C 142 -26.62 43.62 27.37
C THR C 142 -26.72 43.84 28.86
N PRO C 143 -27.20 44.99 29.30
CA PRO C 143 -27.40 45.23 30.73
C PRO C 143 -28.77 44.73 31.18
N HIS C 144 -29.00 44.82 32.49
CA HIS C 144 -30.28 44.45 33.08
C HIS C 144 -31.21 45.66 33.09
N SER C 145 -31.60 46.09 31.89
CA SER C 145 -32.54 47.18 31.76
C SER C 145 -33.95 46.78 32.17
N GLY C 146 -34.25 45.48 32.16
CA GLY C 146 -35.58 45.01 32.49
C GLY C 146 -36.56 45.04 31.34
N GLU C 147 -36.17 45.56 30.18
CA GLU C 147 -37.06 45.58 29.03
C GLU C 147 -37.30 44.17 28.51
N GLU C 148 -38.51 43.93 28.01
CA GLU C 148 -38.87 42.63 27.48
C GLU C 148 -38.10 42.30 26.20
N LYS C 157 -32.30 43.93 19.14
CA LYS C 157 -31.17 44.85 19.12
C LYS C 157 -31.02 45.55 20.47
N HIS C 158 -31.61 44.96 21.51
CA HIS C 158 -31.52 45.53 22.84
C HIS C 158 -30.09 45.51 23.36
N GLY C 159 -29.34 44.45 23.09
CA GLY C 159 -27.96 44.37 23.48
C GLY C 159 -27.05 45.15 22.54
N LYS C 160 -25.77 45.20 22.91
CA LYS C 160 -24.74 45.88 22.14
C LYS C 160 -23.72 44.88 21.65
N GLU C 161 -23.42 44.94 20.36
CA GLU C 161 -22.46 44.02 19.72
C GLU C 161 -21.15 44.76 19.49
N ILE C 162 -20.04 44.12 19.85
CA ILE C 162 -18.72 44.69 19.68
C ILE C 162 -17.84 43.70 18.93
N LYS C 163 -16.81 44.23 18.29
CA LYS C 163 -15.86 43.43 17.52
C LYS C 163 -14.50 43.49 18.19
N ILE C 164 -13.92 42.32 18.46
CA ILE C 164 -12.63 42.21 19.12
C ILE C 164 -11.61 41.75 18.08
N THR C 165 -10.56 42.53 17.90
CA THR C 165 -9.50 42.23 16.94
C THR C 165 -8.15 42.32 17.64
N PRO C 166 -7.17 41.55 17.17
CA PRO C 166 -5.79 41.76 17.65
C PRO C 166 -5.24 43.13 17.30
N GLN C 167 -5.82 43.80 16.31
CA GLN C 167 -5.35 45.12 15.91
C GLN C 167 -5.61 46.18 16.96
N SER C 168 -6.54 45.95 17.87
CA SER C 168 -6.88 46.94 18.89
C SER C 168 -7.21 46.20 20.17
N SER C 169 -6.31 46.27 21.16
CA SER C 169 -6.55 45.61 22.44
C SER C 169 -7.74 46.23 23.16
N ILE C 170 -7.85 47.56 23.15
CA ILE C 170 -8.91 48.26 23.84
C ILE C 170 -10.05 48.54 22.85
N THR C 171 -11.25 48.12 23.21
CA THR C 171 -12.45 48.41 22.45
C THR C 171 -13.44 49.13 23.35
N GLU C 172 -14.06 50.18 22.83
CA GLU C 172 -14.98 51.02 23.60
C GLU C 172 -16.40 50.77 23.10
N ALA C 173 -17.30 50.48 24.04
CA ALA C 173 -18.71 50.27 23.74
C ALA C 173 -19.53 51.28 24.52
N GLU C 174 -20.35 52.04 23.81
CA GLU C 174 -21.20 53.05 24.43
C GLU C 174 -22.56 52.44 24.74
N LEU C 175 -23.00 52.57 25.99
CA LEU C 175 -24.29 52.07 26.43
C LEU C 175 -25.19 53.25 26.75
N THR C 176 -26.39 53.24 26.18
CA THR C 176 -27.34 54.34 26.36
C THR C 176 -27.80 54.38 27.82
N GLY C 177 -27.32 55.37 28.56
CA GLY C 177 -27.68 55.54 29.95
C GLY C 177 -26.80 54.83 30.95
N TYR C 178 -25.89 53.98 30.49
CA TYR C 178 -24.97 53.26 31.38
C TYR C 178 -23.53 53.73 31.22
N GLY C 179 -23.31 54.80 30.46
CA GLY C 179 -21.96 55.22 30.18
C GLY C 179 -21.30 54.32 29.16
N THR C 180 -19.97 54.44 29.09
CA THR C 180 -19.16 53.68 28.15
C THR C 180 -18.34 52.66 28.91
N VAL C 181 -18.37 51.42 28.46
CA VAL C 181 -17.61 50.34 29.07
C VAL C 181 -16.31 50.16 28.31
N THR C 182 -15.21 50.06 29.05
CA THR C 182 -13.89 49.83 28.47
C THR C 182 -13.60 48.34 28.50
N MET C 183 -13.39 47.74 27.34
CA MET C 183 -13.32 46.29 27.21
C MET C 183 -11.92 45.97 26.73
N GLU C 184 -11.20 45.14 27.48
CA GLU C 184 -9.84 44.73 27.15
C GLU C 184 -9.76 43.22 27.07
N CYS C 185 -9.29 42.70 25.94
CA CYS C 185 -9.20 41.27 25.72
C CYS C 185 -7.87 40.92 25.05
N SER C 186 -7.49 39.65 25.17
CA SER C 186 -6.30 39.10 24.54
C SER C 186 -6.76 37.99 23.60
N PRO C 187 -6.98 38.29 22.31
CA PRO C 187 -7.47 37.26 21.40
C PRO C 187 -6.50 36.12 21.17
N ARG C 188 -5.20 36.32 21.43
CA ARG C 188 -4.20 35.31 21.10
C ARG C 188 -3.79 34.45 22.29
N THR C 189 -4.38 34.66 23.46
CA THR C 189 -4.08 33.82 24.61
C THR C 189 -5.02 32.64 24.76
N GLY C 190 -6.01 32.51 23.89
CA GLY C 190 -6.96 31.43 23.98
C GLY C 190 -6.57 30.25 23.14
N LEU C 191 -7.34 29.98 22.08
CA LEU C 191 -6.97 28.91 21.15
C LEU C 191 -5.72 29.31 20.38
N ASP C 192 -4.76 28.39 20.30
CA ASP C 192 -3.47 28.66 19.68
C ASP C 192 -3.62 28.34 18.20
N PHE C 193 -3.95 29.36 17.41
CA PHE C 193 -4.36 29.14 16.03
C PHE C 193 -3.19 28.81 15.10
N ASN C 194 -2.02 29.42 15.30
CA ASN C 194 -0.91 29.11 14.41
C ASN C 194 -0.47 27.65 14.56
N GLU C 195 -0.81 27.02 15.68
CA GLU C 195 -0.64 25.59 15.88
C GLU C 195 -1.86 24.81 15.43
N MET C 196 -2.91 25.48 15.01
CA MET C 196 -4.20 24.86 14.79
C MET C 196 -4.34 24.62 13.28
N VAL C 197 -5.46 24.04 12.84
CA VAL C 197 -5.77 23.97 11.41
C VAL C 197 -7.27 23.82 11.24
N LEU C 198 -7.78 24.33 10.13
CA LEU C 198 -9.18 24.18 9.74
C LEU C 198 -9.27 23.19 8.59
N LEU C 199 -10.02 22.11 8.80
CA LEU C 199 -10.23 21.07 7.80
C LEU C 199 -11.58 21.27 7.15
N GLN C 200 -11.62 21.17 5.82
CA GLN C 200 -12.85 21.40 5.05
C GLN C 200 -13.26 20.12 4.34
N MET C 201 -14.50 19.73 4.52
CA MET C 201 -15.13 18.65 3.76
C MET C 201 -16.03 19.27 2.69
N GLU C 202 -16.86 18.43 2.07
CA GLU C 202 -17.74 18.91 1.00
C GLU C 202 -18.64 20.03 1.50
N ASN C 203 -19.29 19.84 2.65
CA ASN C 203 -20.07 20.91 3.26
C ASN C 203 -19.84 21.05 4.75
N LYS C 204 -19.22 20.10 5.42
CA LYS C 204 -18.88 20.22 6.82
C LYS C 204 -17.44 20.70 6.98
N ALA C 205 -17.08 21.00 8.22
CA ALA C 205 -15.73 21.42 8.53
C ALA C 205 -15.44 21.11 10.00
N TRP C 206 -14.17 20.91 10.30
CA TRP C 206 -13.75 20.60 11.66
C TRP C 206 -12.53 21.44 12.04
N LEU C 207 -12.50 21.85 13.30
CA LEU C 207 -11.36 22.55 13.87
C LEU C 207 -10.49 21.52 14.58
N VAL C 208 -9.40 21.10 13.93
CA VAL C 208 -8.59 19.99 14.41
C VAL C 208 -7.13 20.42 14.41
N HIS C 209 -6.30 19.66 15.15
CA HIS C 209 -4.90 19.99 15.31
C HIS C 209 -4.14 19.91 13.98
N ARG C 210 -3.16 20.82 13.81
CA ARG C 210 -2.41 20.83 12.55
C ARG C 210 -1.51 19.61 12.43
N GLN C 211 -0.87 19.21 13.52
CA GLN C 211 0.13 18.15 13.43
C GLN C 211 -0.52 16.81 13.13
N TRP C 212 -1.63 16.52 13.81
CA TRP C 212 -2.42 15.33 13.48
C TRP C 212 -2.89 15.40 12.03
N PHE C 213 -3.22 16.59 11.55
CA PHE C 213 -3.66 16.75 10.16
C PHE C 213 -2.55 16.38 9.19
N LEU C 214 -1.31 16.82 9.45
CA LEU C 214 -0.19 16.37 8.63
C LEU C 214 0.12 14.89 8.81
N ASP C 215 -0.35 14.29 9.90
CA ASP C 215 -0.11 12.86 10.11
C ASP C 215 -1.14 11.97 9.43
N LEU C 216 -2.05 12.53 8.64
CA LEU C 216 -3.06 11.71 7.97
C LEU C 216 -2.41 10.89 6.85
N PRO C 217 -2.58 9.58 6.86
CA PRO C 217 -1.96 8.71 5.84
C PRO C 217 -2.80 8.60 4.56
N LEU C 218 -2.95 9.72 3.87
CA LEU C 218 -3.71 9.82 2.64
C LEU C 218 -2.89 10.57 1.60
N PRO C 219 -3.19 10.36 0.31
CA PRO C 219 -2.53 11.15 -0.72
C PRO C 219 -2.81 12.63 -0.55
N TRP C 220 -1.81 13.45 -0.84
CA TRP C 220 -1.92 14.88 -0.55
C TRP C 220 -1.01 15.69 -1.47
N LEU C 221 -1.35 16.97 -1.60
CA LEU C 221 -0.52 17.99 -2.20
C LEU C 221 -0.43 19.18 -1.26
N PRO C 222 0.68 19.90 -1.27
CA PRO C 222 0.74 21.17 -0.55
C PRO C 222 -0.21 22.18 -1.16
N GLY C 223 -0.70 23.09 -0.32
CA GLY C 223 -1.72 24.03 -0.74
C GLY C 223 -1.29 24.96 -1.85
N ALA C 224 0.02 25.14 -2.04
CA ALA C 224 0.52 26.04 -3.08
C ALA C 224 0.34 25.48 -4.48
N ASP C 225 0.05 24.18 -4.62
CA ASP C 225 -0.03 23.58 -5.94
C ASP C 225 -1.29 24.04 -6.67
N THR C 226 -1.18 24.11 -7.99
CA THR C 226 -2.30 24.45 -8.86
C THR C 226 -2.67 23.35 -9.83
N GLN C 227 -1.73 22.47 -10.19
CA GLN C 227 -2.06 21.36 -11.08
C GLN C 227 -3.04 20.40 -10.43
N GLY C 228 -2.86 20.11 -9.15
CA GLY C 228 -3.75 19.21 -8.44
C GLY C 228 -3.72 17.79 -8.94
N SER C 229 -2.54 17.32 -9.37
CA SER C 229 -2.42 15.96 -9.87
C SER C 229 -1.19 15.21 -9.36
N ASN C 230 -0.28 15.85 -8.64
CA ASN C 230 0.94 15.20 -8.16
C ASN C 230 0.73 14.76 -6.71
N TRP C 231 -0.04 13.69 -6.55
CA TRP C 231 -0.33 13.18 -5.22
C TRP C 231 0.85 12.41 -4.65
N ILE C 232 0.95 12.41 -3.32
CA ILE C 232 2.09 11.85 -2.62
C ILE C 232 1.63 10.67 -1.78
N GLN C 233 2.50 9.66 -1.68
CA GLN C 233 2.19 8.34 -1.10
C GLN C 233 0.81 7.85 -1.55
N LYS C 234 0.65 7.78 -2.87
CA LYS C 234 -0.59 7.25 -3.44
C LYS C 234 -0.78 5.78 -3.14
N GLU C 235 0.26 5.09 -2.67
CA GLU C 235 0.13 3.67 -2.33
C GLU C 235 -0.86 3.46 -1.19
N THR C 236 -1.03 4.46 -0.32
CA THR C 236 -1.94 4.33 0.80
C THR C 236 -3.40 4.24 0.39
N LEU C 237 -3.73 4.57 -0.86
CA LEU C 237 -5.10 4.55 -1.33
C LEU C 237 -5.33 3.56 -2.46
N VAL C 238 -4.28 2.90 -2.95
CA VAL C 238 -4.40 1.86 -3.95
C VAL C 238 -3.85 0.56 -3.38
N THR C 239 -4.05 -0.53 -4.12
CA THR C 239 -3.56 -1.84 -3.70
C THR C 239 -3.28 -2.70 -4.91
N PHE C 240 -2.14 -3.39 -4.89
CA PHE C 240 -1.78 -4.37 -5.89
C PHE C 240 -2.00 -5.76 -5.32
N LYS C 241 -2.67 -6.62 -6.09
CA LYS C 241 -3.03 -7.94 -5.62
C LYS C 241 -2.39 -9.00 -6.51
N ASN C 242 -1.88 -10.06 -5.87
CA ASN C 242 -1.23 -11.17 -6.56
C ASN C 242 -1.90 -12.46 -6.09
N PRO C 243 -3.06 -12.79 -6.66
CA PRO C 243 -3.80 -13.97 -6.16
C PRO C 243 -3.02 -15.26 -6.24
N HIS C 244 -2.23 -15.45 -7.30
CA HIS C 244 -1.49 -16.71 -7.45
C HIS C 244 -0.07 -16.48 -7.95
N ALA C 245 0.51 -15.30 -7.69
CA ALA C 245 1.86 -14.97 -8.12
C ALA C 245 2.03 -15.09 -9.63
N LYS C 246 0.93 -15.00 -10.37
CA LYS C 246 0.94 -15.02 -11.82
C LYS C 246 0.98 -13.62 -12.43
N LYS C 247 0.30 -12.67 -11.81
CA LYS C 247 0.38 -11.26 -12.19
C LYS C 247 -0.22 -10.44 -11.05
N GLN C 248 0.00 -9.13 -11.12
CA GLN C 248 -0.59 -8.21 -10.16
C GLN C 248 -1.54 -7.26 -10.88
N ASP C 249 -2.63 -6.92 -10.20
CA ASP C 249 -3.58 -5.93 -10.67
C ASP C 249 -3.80 -4.90 -9.58
N VAL C 250 -3.93 -3.63 -9.98
CA VAL C 250 -4.08 -2.52 -9.06
C VAL C 250 -5.54 -2.09 -9.04
N VAL C 251 -6.07 -1.90 -7.84
CA VAL C 251 -7.44 -1.44 -7.65
C VAL C 251 -7.43 -0.32 -6.61
N VAL C 252 -8.26 0.69 -6.83
CA VAL C 252 -8.33 1.83 -5.92
C VAL C 252 -9.20 1.46 -4.73
N LEU C 253 -8.81 1.93 -3.55
CA LEU C 253 -9.62 1.72 -2.36
C LEU C 253 -10.90 2.56 -2.44
N GLY C 254 -11.73 2.42 -1.42
CA GLY C 254 -13.02 3.06 -1.38
C GLY C 254 -12.93 4.51 -0.92
N SER C 255 -14.10 5.03 -0.51
CA SER C 255 -14.20 6.40 -0.06
C SER C 255 -13.79 6.51 1.40
N GLN C 256 -12.88 7.43 1.69
CA GLN C 256 -12.36 7.59 3.04
C GLN C 256 -13.09 8.65 3.83
N GLU C 257 -14.13 9.27 3.26
CA GLU C 257 -14.85 10.31 3.98
C GLU C 257 -15.55 9.75 5.22
N GLY C 258 -16.13 8.55 5.11
CA GLY C 258 -16.69 7.92 6.29
C GLY C 258 -15.63 7.55 7.30
N ALA C 259 -14.49 7.04 6.83
CA ALA C 259 -13.36 6.78 7.72
C ALA C 259 -12.86 8.07 8.35
N MET C 260 -12.84 9.16 7.58
CA MET C 260 -12.43 10.44 8.14
C MET C 260 -13.39 10.89 9.23
N HIS C 261 -14.70 10.73 9.01
CA HIS C 261 -15.68 11.11 10.02
C HIS C 261 -15.50 10.27 11.28
N THR C 262 -15.25 8.97 11.11
CA THR C 262 -14.93 8.14 12.27
C THR C 262 -13.58 8.48 12.88
N ALA C 263 -12.75 9.22 12.16
CA ALA C 263 -11.46 9.66 12.69
C ALA C 263 -11.52 11.04 13.32
N LEU C 264 -12.60 11.79 13.08
CA LEU C 264 -12.76 13.13 13.64
C LEU C 264 -13.66 13.13 14.87
N THR C 265 -13.58 12.09 15.69
CA THR C 265 -14.46 11.98 16.84
C THR C 265 -14.24 13.12 17.82
N GLY C 266 -12.99 13.42 18.12
CA GLY C 266 -12.65 14.47 19.07
C GLY C 266 -12.54 15.86 18.50
N ALA C 267 -12.72 16.02 17.19
CA ALA C 267 -12.68 17.34 16.59
C ALA C 267 -13.97 18.10 16.90
N THR C 268 -13.90 19.42 16.74
CA THR C 268 -15.02 20.30 17.04
C THR C 268 -15.68 20.74 15.75
N GLU C 269 -17.01 20.69 15.72
CA GLU C 269 -17.78 21.07 14.54
C GLU C 269 -17.76 22.57 14.36
N ILE C 270 -17.27 23.03 13.20
CA ILE C 270 -17.26 24.44 12.85
C ILE C 270 -17.80 24.58 11.44
N GLN C 271 -18.39 25.74 11.16
CA GLN C 271 -19.01 26.01 9.87
C GLN C 271 -18.18 27.05 9.15
N MET C 272 -17.72 26.72 7.94
CA MET C 272 -17.00 27.67 7.13
C MET C 272 -17.38 27.56 5.65
N SER C 273 -18.59 27.07 5.37
CA SER C 273 -19.09 27.07 4.00
C SER C 273 -19.19 28.50 3.46
N SER C 274 -19.71 29.41 4.27
CA SER C 274 -19.83 30.83 3.91
C SER C 274 -19.06 31.63 4.96
N GLY C 275 -17.76 31.81 4.73
CA GLY C 275 -16.92 32.47 5.69
C GLY C 275 -16.57 31.58 6.87
N ASN C 276 -15.38 31.72 7.42
CA ASN C 276 -14.92 30.87 8.50
C ASN C 276 -15.58 31.31 9.80
N LEU C 277 -16.54 30.52 10.28
CA LEU C 277 -17.26 30.83 11.50
C LEU C 277 -16.98 29.74 12.53
N LEU C 278 -16.67 30.16 13.75
CA LEU C 278 -16.37 29.25 14.85
C LEU C 278 -17.31 29.53 16.01
N PHE C 279 -17.75 28.47 16.68
CA PHE C 279 -18.64 28.57 17.84
C PHE C 279 -18.09 27.74 18.99
N THR C 280 -16.79 27.87 19.22
CA THR C 280 -16.14 27.14 20.30
C THR C 280 -14.88 27.90 20.72
N GLY C 281 -14.38 27.55 21.90
CA GLY C 281 -13.18 28.15 22.43
C GLY C 281 -13.49 29.12 23.57
N HIS C 282 -12.43 29.71 24.10
CA HIS C 282 -12.50 30.62 25.23
C HIS C 282 -11.73 31.88 24.91
N LEU C 283 -12.07 32.95 25.65
CA LEU C 283 -11.41 34.25 25.49
C LEU C 283 -11.21 34.89 26.85
N LYS C 284 -9.96 34.95 27.29
CA LYS C 284 -9.64 35.72 28.50
C LYS C 284 -9.75 37.21 28.20
N CYS C 285 -10.38 37.94 29.11
CA CYS C 285 -10.60 39.37 28.92
C CYS C 285 -10.41 40.10 30.24
N ARG C 286 -9.94 41.34 30.14
CA ARG C 286 -9.81 42.24 31.27
C ARG C 286 -10.94 43.26 31.17
N LEU C 287 -11.89 43.19 32.10
CA LEU C 287 -13.05 44.05 32.09
C LEU C 287 -12.75 45.32 32.88
N ARG C 288 -12.93 46.47 32.24
CA ARG C 288 -12.78 47.77 32.88
C ARG C 288 -14.15 48.42 32.99
N MET C 289 -14.68 48.50 34.20
CA MET C 289 -16.00 49.08 34.46
C MET C 289 -15.86 50.46 35.09
N ASP C 290 -14.87 51.22 34.65
CA ASP C 290 -14.57 52.51 35.28
C ASP C 290 -15.67 53.52 34.99
N LYS C 291 -16.06 53.65 33.73
CA LYS C 291 -16.97 54.72 33.31
C LYS C 291 -18.43 54.32 33.36
N LEU C 292 -18.75 53.13 33.84
CA LEU C 292 -20.14 52.72 33.91
C LEU C 292 -20.87 53.47 35.03
N GLN C 293 -22.17 53.68 34.81
CA GLN C 293 -23.01 54.36 35.78
C GLN C 293 -24.40 53.76 35.71
N LEU C 294 -25.12 53.83 36.83
CA LEU C 294 -26.45 53.22 36.90
C LEU C 294 -27.43 54.05 36.08
N LYS C 295 -28.10 53.40 35.13
CA LYS C 295 -29.17 54.07 34.41
C LYS C 295 -30.28 54.44 35.37
N GLY C 296 -30.74 55.69 35.27
CA GLY C 296 -31.80 56.14 36.15
C GLY C 296 -31.41 56.27 37.60
N MET C 297 -30.12 56.44 37.89
CA MET C 297 -29.69 56.66 39.27
C MET C 297 -30.29 57.93 39.83
N SER C 298 -30.42 58.96 39.00
CA SER C 298 -31.01 60.22 39.42
C SER C 298 -32.52 60.22 39.20
N TYR C 299 -33.19 59.36 39.97
CA TYR C 299 -34.65 59.28 39.93
C TYR C 299 -35.16 58.81 41.28
N SER C 300 -36.22 59.44 41.77
CA SER C 300 -36.88 58.99 42.97
C SER C 300 -37.66 57.71 42.69
N MET C 301 -37.89 56.93 43.74
CA MET C 301 -38.61 55.67 43.57
C MET C 301 -40.10 55.92 43.35
N CYS C 302 -40.76 54.92 42.77
CA CYS C 302 -42.20 55.00 42.57
C CYS C 302 -42.92 54.79 43.90
N THR C 303 -43.80 55.72 44.24
CA THR C 303 -44.65 55.59 45.41
C THR C 303 -46.04 55.08 45.08
N GLY C 304 -46.33 54.81 43.81
CA GLY C 304 -47.63 54.33 43.39
C GLY C 304 -47.76 52.82 43.53
N LYS C 305 -48.92 52.32 43.12
CA LYS C 305 -49.21 50.90 43.19
C LYS C 305 -48.50 50.16 42.07
N PHE C 306 -48.13 48.92 42.35
CA PHE C 306 -47.46 48.06 41.38
C PHE C 306 -48.32 46.86 41.06
N LYS C 307 -48.18 46.37 39.82
CA LYS C 307 -48.93 45.21 39.35
C LYS C 307 -47.96 44.22 38.73
N VAL C 308 -48.10 42.95 39.09
CA VAL C 308 -47.30 41.88 38.51
C VAL C 308 -48.04 41.34 37.28
N VAL C 309 -47.33 41.22 36.17
CA VAL C 309 -47.92 40.76 34.92
C VAL C 309 -47.51 39.35 34.55
N LYS C 310 -46.33 38.89 34.98
CA LYS C 310 -45.87 37.54 34.73
C LYS C 310 -45.54 36.88 36.05
N GLU C 311 -45.97 35.64 36.23
CA GLU C 311 -45.77 34.94 37.49
C GLU C 311 -44.28 34.72 37.74
N ILE C 312 -43.93 34.67 39.03
CA ILE C 312 -42.53 34.48 39.41
C ILE C 312 -42.04 33.12 38.91
N ALA C 313 -40.80 33.10 38.42
CA ALA C 313 -40.20 31.90 37.88
C ALA C 313 -38.79 31.73 38.45
N GLU C 314 -38.34 30.49 38.52
CA GLU C 314 -37.04 30.14 39.06
C GLU C 314 -36.14 29.61 37.96
N THR C 315 -34.89 30.08 37.95
CA THR C 315 -33.90 29.61 36.99
C THR C 315 -33.17 28.39 37.55
N GLN C 316 -32.31 27.80 36.70
CA GLN C 316 -31.54 26.64 37.11
C GLN C 316 -30.49 26.97 38.16
N HIS C 317 -30.20 28.24 38.39
CA HIS C 317 -29.20 28.66 39.35
C HIS C 317 -29.81 29.13 40.67
N GLY C 318 -31.11 28.92 40.85
CA GLY C 318 -31.79 29.34 42.06
C GLY C 318 -32.26 30.77 42.06
N THR C 319 -31.95 31.54 41.02
CA THR C 319 -32.40 32.92 40.95
C THR C 319 -33.85 32.99 40.51
N ILE C 320 -34.50 34.11 40.81
CA ILE C 320 -35.91 34.30 40.52
C ILE C 320 -36.07 35.49 39.59
N VAL C 321 -37.08 35.41 38.73
CA VAL C 321 -37.39 36.46 37.77
C VAL C 321 -38.87 36.78 37.87
N ILE C 322 -39.21 38.07 37.78
CA ILE C 322 -40.59 38.52 37.85
C ILE C 322 -40.73 39.77 37.00
N ARG C 323 -41.90 39.91 36.38
CA ARG C 323 -42.23 41.06 35.54
C ARG C 323 -43.34 41.85 36.21
N VAL C 324 -43.12 43.14 36.39
CA VAL C 324 -44.06 44.00 37.11
C VAL C 324 -44.39 45.21 36.25
N GLN C 325 -45.65 45.63 36.32
CA GLN C 325 -46.13 46.83 35.63
C GLN C 325 -46.48 47.89 36.66
N TYR C 326 -46.13 49.15 36.36
CA TYR C 326 -46.38 50.26 37.24
C TYR C 326 -47.59 51.06 36.77
N GLU C 327 -48.41 51.50 37.73
CA GLU C 327 -49.62 52.24 37.41
C GLU C 327 -49.79 53.52 38.19
N GLY C 328 -48.83 53.90 39.02
CA GLY C 328 -48.85 55.18 39.70
C GLY C 328 -48.24 56.28 38.86
N ASP C 329 -48.03 57.42 39.51
CA ASP C 329 -47.42 58.57 38.85
C ASP C 329 -45.95 58.68 39.21
N GLY C 330 -45.27 59.61 38.55
CA GLY C 330 -43.86 59.84 38.78
C GLY C 330 -42.91 59.11 37.86
N SER C 331 -43.42 58.46 36.81
CA SER C 331 -42.54 57.79 35.87
C SER C 331 -41.68 58.80 35.12
N PRO C 332 -40.40 58.51 34.87
CA PRO C 332 -39.71 57.28 35.30
C PRO C 332 -39.33 57.31 36.79
N CYS C 333 -39.29 56.15 37.42
CA CYS C 333 -39.01 56.09 38.84
C CYS C 333 -38.50 54.70 39.20
N LYS C 334 -37.81 54.62 40.34
CA LYS C 334 -37.28 53.36 40.82
C LYS C 334 -38.37 52.51 41.44
N ILE C 335 -38.22 51.20 41.32
CA ILE C 335 -39.10 50.24 41.98
C ILE C 335 -38.48 49.89 43.33
N PRO C 336 -39.16 50.14 44.44
CA PRO C 336 -38.62 49.69 45.73
C PRO C 336 -38.80 48.20 45.92
N PHE C 337 -37.71 47.46 45.77
CA PHE C 337 -37.73 46.00 45.78
C PHE C 337 -36.62 45.51 46.69
N GLU C 338 -36.95 44.54 47.53
CA GLU C 338 -36.00 44.02 48.50
C GLU C 338 -36.55 42.72 49.08
N ILE C 339 -35.68 41.99 49.76
CA ILE C 339 -35.98 40.66 50.27
C ILE C 339 -36.04 40.73 51.79
N MET C 340 -37.11 40.20 52.36
CA MET C 340 -37.26 40.13 53.82
C MET C 340 -37.42 38.69 54.26
N ASP C 341 -37.08 38.45 55.52
CA ASP C 341 -37.33 37.15 56.13
C ASP C 341 -38.81 37.04 56.50
N LEU C 342 -39.20 35.86 57.00
CA LEU C 342 -40.55 35.70 57.52
C LEU C 342 -40.80 36.58 58.73
N GLU C 343 -39.74 37.02 59.41
CA GLU C 343 -39.84 37.88 60.58
C GLU C 343 -40.04 39.34 60.23
N LYS C 344 -39.85 39.71 58.96
CA LYS C 344 -39.87 41.11 58.53
C LYS C 344 -38.88 41.96 59.32
N ARG C 345 -37.72 41.38 59.61
CA ARG C 345 -36.67 42.07 60.36
C ARG C 345 -35.36 42.17 59.61
N HIS C 346 -34.96 41.09 58.93
CA HIS C 346 -33.67 41.05 58.25
C HIS C 346 -33.87 41.07 56.73
N VAL C 347 -32.84 41.53 56.03
CA VAL C 347 -32.78 41.45 54.58
C VAL C 347 -31.81 40.34 54.22
N LEU C 348 -32.28 39.36 53.46
CA LEU C 348 -31.51 38.15 53.19
C LEU C 348 -31.04 38.04 51.75
N GLY C 349 -31.93 38.19 50.78
CA GLY C 349 -31.58 38.08 49.38
C GLY C 349 -31.16 39.45 48.84
N ARG C 350 -30.18 39.43 47.94
CA ARG C 350 -29.66 40.65 47.34
C ARG C 350 -29.82 40.62 45.82
N LEU C 351 -30.07 41.80 45.27
CA LEU C 351 -30.41 41.93 43.85
C LEU C 351 -29.23 41.58 42.96
N ILE C 352 -29.55 41.04 41.78
CA ILE C 352 -28.58 40.99 40.68
C ILE C 352 -29.03 41.81 39.48
N THR C 353 -30.29 42.23 39.41
CA THR C 353 -30.71 43.31 38.51
C THR C 353 -30.69 44.61 39.30
N VAL C 354 -29.47 45.06 39.61
CA VAL C 354 -29.28 46.17 40.54
C VAL C 354 -29.92 47.44 39.99
N ASN C 355 -30.58 48.19 40.87
CA ASN C 355 -31.23 49.45 40.56
C ASN C 355 -32.28 49.28 39.48
N PRO C 356 -33.38 48.60 39.74
CA PRO C 356 -34.44 48.49 38.73
C PRO C 356 -35.20 49.81 38.63
N ILE C 357 -35.46 50.22 37.39
CA ILE C 357 -36.19 51.46 37.12
C ILE C 357 -37.17 51.21 36.00
N VAL C 358 -38.35 51.83 36.10
CA VAL C 358 -39.36 51.80 35.05
C VAL C 358 -39.15 53.03 34.18
N THR C 359 -39.09 52.82 32.86
CA THR C 359 -38.87 53.94 31.95
C THR C 359 -40.19 54.55 31.49
N GLU C 360 -41.12 53.71 31.05
CA GLU C 360 -42.43 54.15 30.62
C GLU C 360 -43.49 53.48 31.49
N LYS C 361 -44.54 54.23 31.81
CA LYS C 361 -45.53 53.76 32.78
C LYS C 361 -46.20 52.47 32.32
N ASP C 362 -46.55 52.38 31.06
CA ASP C 362 -47.27 51.22 30.53
C ASP C 362 -46.35 50.14 30.01
N SER C 363 -45.03 50.31 30.14
CA SER C 363 -44.08 49.31 29.70
C SER C 363 -43.63 48.47 30.89
N PRO C 364 -43.92 47.18 30.93
CA PRO C 364 -43.49 46.36 32.07
C PRO C 364 -41.97 46.22 32.11
N VAL C 365 -41.47 46.02 33.32
CA VAL C 365 -40.03 45.89 33.57
C VAL C 365 -39.78 44.56 34.27
N ASN C 366 -38.78 43.83 33.79
CA ASN C 366 -38.40 42.55 34.37
C ASN C 366 -37.43 42.77 35.53
N ILE C 367 -37.80 42.32 36.71
CA ILE C 367 -36.94 42.37 37.89
C ILE C 367 -36.51 40.94 38.20
N GLU C 368 -35.20 40.73 38.32
CA GLU C 368 -34.65 39.40 38.43
C GLU C 368 -33.53 39.39 39.45
N ALA C 369 -33.65 38.53 40.46
CA ALA C 369 -32.68 38.45 41.54
C ALA C 369 -32.68 37.04 42.11
N GLU C 370 -32.04 36.87 43.26
CA GLU C 370 -31.98 35.57 43.90
C GLU C 370 -32.48 35.65 45.34
N PRO C 371 -33.24 34.68 45.79
CA PRO C 371 -33.72 34.67 47.17
C PRO C 371 -32.79 33.85 48.05
N PRO C 372 -32.97 33.89 49.37
CA PRO C 372 -32.24 32.99 50.25
C PRO C 372 -32.87 31.60 50.25
N PHE C 373 -32.10 30.65 50.76
CA PHE C 373 -32.56 29.26 50.81
C PHE C 373 -33.73 29.10 51.76
N GLY C 374 -34.64 28.21 51.41
CA GLY C 374 -35.82 27.97 52.23
C GLY C 374 -36.96 28.88 51.83
N ASP C 375 -37.49 29.61 52.81
CA ASP C 375 -38.60 30.52 52.59
C ASP C 375 -38.15 31.96 52.80
N SER C 376 -38.82 32.88 52.11
CA SER C 376 -38.47 34.29 52.19
C SER C 376 -39.70 35.11 51.80
N TYR C 377 -39.51 36.39 51.56
CA TYR C 377 -40.56 37.31 51.15
C TYR C 377 -40.08 38.15 49.98
N ILE C 378 -40.97 38.38 49.02
CA ILE C 378 -40.69 39.23 47.86
C ILE C 378 -41.53 40.49 48.03
N ILE C 379 -40.87 41.64 48.05
CA ILE C 379 -41.51 42.92 48.32
C ILE C 379 -41.34 43.82 47.10
N ILE C 380 -42.46 44.29 46.55
CA ILE C 380 -42.47 45.23 45.45
C ILE C 380 -43.33 46.42 45.88
N GLY C 381 -42.79 47.63 45.71
CA GLY C 381 -43.53 48.82 46.09
C GLY C 381 -43.32 49.20 47.54
N VAL C 382 -44.15 50.16 47.97
CA VAL C 382 -44.06 50.72 49.31
C VAL C 382 -45.47 50.81 49.89
N GLU C 383 -45.54 50.94 51.21
CA GLU C 383 -46.82 51.16 51.88
C GLU C 383 -47.48 52.44 51.37
N PRO C 384 -48.76 52.40 50.99
CA PRO C 384 -49.54 51.16 50.94
C PRO C 384 -49.49 50.51 49.57
N GLY C 385 -49.57 49.19 49.52
CA GLY C 385 -49.65 48.46 48.28
C GLY C 385 -48.46 47.58 47.92
N GLN C 386 -47.74 47.04 48.91
CA GLN C 386 -46.62 46.15 48.61
C GLN C 386 -47.13 44.77 48.21
N LEU C 387 -46.61 44.27 47.10
CA LEU C 387 -46.92 42.91 46.68
C LEU C 387 -46.33 41.91 47.66
N LYS C 388 -47.10 40.87 47.98
CA LYS C 388 -46.69 39.88 48.98
C LYS C 388 -46.88 38.47 48.41
N LEU C 389 -45.88 38.00 47.67
CA LEU C 389 -45.77 36.60 47.26
C LEU C 389 -44.46 36.11 47.83
N ASN C 390 -44.50 35.16 48.76
CA ASN C 390 -43.35 35.04 49.65
C ASN C 390 -42.16 34.35 49.01
N TRP C 391 -42.16 33.01 48.97
CA TRP C 391 -41.35 32.18 48.07
C TRP C 391 -41.45 30.72 48.50
N PHE C 392 -40.84 29.83 47.73
CA PHE C 392 -40.30 28.59 48.26
C PHE C 392 -39.13 28.18 47.38
N LYS C 393 -37.98 27.91 48.01
CA LYS C 393 -36.78 27.53 47.29
C LYS C 393 -36.24 26.22 47.85
N LYS C 394 -35.94 25.28 46.96
CA LYS C 394 -35.36 24.01 47.36
C LYS C 394 -33.84 24.10 47.30
N GLY C 395 -33.17 23.45 48.25
CA GLY C 395 -31.73 23.39 48.30
C GLY C 395 -31.22 23.71 49.68
N SER C 396 -29.90 23.82 49.79
CA SER C 396 -29.26 24.11 51.05
C SER C 396 -27.94 24.82 50.78
N SER C 397 -27.41 25.48 51.83
CA SER C 397 -26.13 26.16 51.70
C SER C 397 -25.01 25.17 51.41
N ILE C 398 -25.03 24.01 52.08
CA ILE C 398 -24.00 23.00 51.84
C ILE C 398 -24.11 22.47 50.41
N GLY C 399 -25.33 22.21 49.95
CA GLY C 399 -25.50 21.75 48.58
C GLY C 399 -25.04 22.78 47.57
N GLN C 400 -25.37 24.05 47.80
CA GLN C 400 -24.90 25.11 46.92
C GLN C 400 -23.39 25.20 46.91
N MET C 401 -22.75 25.07 48.08
CA MET C 401 -21.30 25.14 48.15
C MET C 401 -20.65 23.98 47.40
N ILE C 402 -21.17 22.76 47.58
CA ILE C 402 -20.56 21.61 46.90
C ILE C 402 -20.79 21.70 45.39
N GLU C 403 -21.96 22.20 44.98
CA GLU C 403 -22.23 22.35 43.56
C GLU C 403 -21.34 23.42 42.94
N THR C 404 -21.10 24.50 43.69
CA THR C 404 -20.18 25.53 43.24
C THR C 404 -18.76 24.99 43.10
N THR C 405 -18.32 24.18 44.06
CA THR C 405 -17.00 23.58 43.98
C THR C 405 -16.91 22.65 42.77
N MET C 406 -17.98 21.89 42.51
CA MET C 406 -17.99 21.04 41.32
C MET C 406 -17.89 21.85 40.04
N ARG C 407 -18.63 22.96 39.96
CA ARG C 407 -18.52 23.82 38.79
C ARG C 407 -17.12 24.38 38.64
N GLY C 408 -16.51 24.82 39.74
CA GLY C 408 -15.16 25.35 39.68
C GLY C 408 -14.16 24.31 39.23
N ALA C 409 -14.26 23.09 39.76
CA ALA C 409 -13.36 22.02 39.35
C ALA C 409 -13.54 21.69 37.88
N LYS C 410 -14.78 21.62 37.41
CA LYS C 410 -15.02 21.34 36.00
C LYS C 410 -14.45 22.45 35.12
N ARG C 411 -14.65 23.71 35.52
CA ARG C 411 -14.13 24.83 34.76
C ARG C 411 -12.61 24.79 34.70
N MET C 412 -11.96 24.50 35.83
CA MET C 412 -10.51 24.38 35.83
C MET C 412 -10.06 23.26 34.90
N ALA C 413 -10.72 22.11 34.99
CA ALA C 413 -10.35 20.96 34.17
C ALA C 413 -10.47 21.27 32.68
N ILE C 414 -11.53 21.99 32.30
CA ILE C 414 -11.81 22.18 30.89
C ILE C 414 -11.15 23.43 30.31
N LEU C 415 -10.67 24.34 31.17
CA LEU C 415 -9.91 25.49 30.70
C LEU C 415 -8.40 25.29 30.79
N GLY C 416 -7.89 24.99 31.97
CA GLY C 416 -6.45 24.96 32.17
C GLY C 416 -6.01 26.04 33.13
N ASP C 417 -4.84 26.61 32.90
CA ASP C 417 -4.34 27.67 33.79
C ASP C 417 -5.21 28.92 33.70
N THR C 418 -5.83 29.17 32.54
CA THR C 418 -6.64 30.37 32.37
C THR C 418 -7.85 30.39 33.29
N ALA C 419 -8.25 29.24 33.84
CA ALA C 419 -9.41 29.20 34.72
C ALA C 419 -9.16 29.99 36.00
N TRP C 420 -7.91 30.10 36.43
CA TRP C 420 -7.61 30.92 37.61
C TRP C 420 -7.90 32.39 37.38
N ASP C 421 -7.96 32.82 36.12
CA ASP C 421 -8.26 34.20 35.77
C ASP C 421 -9.75 34.43 35.52
N PHE C 422 -10.59 33.43 35.74
CA PHE C 422 -12.01 33.57 35.46
C PHE C 422 -12.64 34.65 36.32
N GLY C 423 -12.25 34.74 37.59
CA GLY C 423 -12.74 35.77 38.47
C GLY C 423 -11.64 36.37 39.30
N SER C 424 -10.42 36.39 38.76
CA SER C 424 -9.28 36.87 39.50
C SER C 424 -9.31 38.38 39.65
N LEU C 425 -8.84 38.87 40.79
CA LEU C 425 -8.73 40.30 41.05
C LEU C 425 -7.27 40.74 41.16
N GLY C 426 -6.33 39.94 40.68
CA GLY C 426 -4.94 40.27 40.77
C GLY C 426 -4.29 39.95 42.10
N GLY C 427 -4.88 39.05 42.89
CA GLY C 427 -4.29 38.69 44.16
C GLY C 427 -3.00 37.91 43.99
N VAL C 428 -2.19 37.94 45.04
CA VAL C 428 -0.92 37.22 45.01
C VAL C 428 -1.15 35.72 44.98
N PHE C 429 -2.14 35.24 45.74
CA PHE C 429 -2.46 33.82 45.69
C PHE C 429 -3.01 33.43 44.32
N THR C 430 -3.69 34.36 43.64
CA THR C 430 -4.12 34.09 42.28
C THR C 430 -2.94 33.88 41.35
N SER C 431 -1.89 34.69 41.50
CA SER C 431 -0.69 34.51 40.67
C SER C 431 0.04 33.22 41.02
N ILE C 432 0.07 32.86 42.31
CA ILE C 432 0.66 31.59 42.71
C ILE C 432 -0.10 30.43 42.06
N GLY C 433 -1.43 30.50 42.09
CA GLY C 433 -2.22 29.49 41.42
C GLY C 433 -1.95 29.45 39.93
N LYS C 434 -1.86 30.62 39.30
CA LYS C 434 -1.42 30.73 37.91
C LYS C 434 -0.18 29.87 37.67
N ALA C 435 0.90 30.19 38.39
CA ALA C 435 2.18 29.54 38.13
C ALA C 435 2.12 28.04 38.37
N LEU C 436 1.63 27.63 39.54
CA LEU C 436 1.64 26.21 39.88
C LEU C 436 0.71 25.41 38.98
N HIS C 437 -0.53 25.90 38.76
CA HIS C 437 -1.42 25.13 37.92
C HIS C 437 -0.93 25.11 36.48
N GLN C 438 -0.27 26.18 36.02
CA GLN C 438 0.27 26.19 34.67
C GLN C 438 1.36 25.14 34.51
N VAL C 439 2.28 25.06 35.48
CA VAL C 439 3.36 24.07 35.35
C VAL C 439 2.83 22.66 35.48
N PHE C 440 1.93 22.41 36.46
CA PHE C 440 1.37 21.08 36.59
C PHE C 440 0.57 20.69 35.34
N GLY C 441 -0.14 21.64 34.73
CA GLY C 441 -0.80 21.36 33.48
C GLY C 441 0.19 21.07 32.36
N ALA C 442 1.36 21.72 32.39
CA ALA C 442 2.39 21.42 31.41
C ALA C 442 2.83 19.97 31.50
N ILE C 443 3.18 19.51 32.70
CA ILE C 443 3.56 18.10 32.85
C ILE C 443 2.38 17.18 32.52
N TYR C 444 1.17 17.53 32.94
CA TYR C 444 0.03 16.67 32.66
C TYR C 444 -0.20 16.51 31.17
N GLY C 445 -0.13 17.62 30.42
CA GLY C 445 -0.30 17.54 28.98
C GLY C 445 0.84 16.81 28.31
N ALA C 446 2.06 17.02 28.78
CA ALA C 446 3.20 16.29 28.21
C ALA C 446 3.11 14.80 28.47
N ALA C 447 2.46 14.40 29.56
CA ALA C 447 2.37 12.99 29.91
C ALA C 447 1.14 12.30 29.33
N PHE C 448 0.04 13.02 29.14
CA PHE C 448 -1.23 12.41 28.74
C PHE C 448 -1.67 12.82 27.35
N SER C 449 -0.73 13.08 26.44
CA SER C 449 -1.08 13.53 25.10
C SER C 449 -1.47 12.35 24.22
N GLY C 450 -2.68 12.42 23.65
CA GLY C 450 -3.12 11.46 22.67
C GLY C 450 -3.76 10.20 23.21
N VAL C 451 -4.06 10.13 24.50
CA VAL C 451 -4.67 8.95 25.10
C VAL C 451 -6.16 9.20 25.32
N SER C 452 -6.94 8.13 25.23
CA SER C 452 -8.38 8.21 25.39
C SER C 452 -8.73 8.33 26.87
N TRP C 453 -10.03 8.57 27.15
CA TRP C 453 -10.44 8.78 28.53
C TRP C 453 -10.32 7.50 29.33
N THR C 454 -10.56 6.35 28.69
CA THR C 454 -10.37 5.08 29.35
C THR C 454 -8.91 4.91 29.79
N MET C 455 -7.98 5.40 28.98
CA MET C 455 -6.58 5.38 29.37
C MET C 455 -6.35 6.21 30.62
N LYS C 456 -6.94 7.40 30.68
CA LYS C 456 -6.80 8.23 31.88
C LYS C 456 -7.37 7.52 33.10
N ILE C 457 -8.54 6.89 32.95
CA ILE C 457 -9.15 6.18 34.08
C ILE C 457 -8.25 5.04 34.53
N LEU C 458 -7.72 4.27 33.59
CA LEU C 458 -6.87 3.14 33.95
C LEU C 458 -5.60 3.60 34.67
N ILE C 459 -4.96 4.63 34.13
CA ILE C 459 -3.73 5.14 34.76
C ILE C 459 -4.04 5.70 36.14
N GLY C 460 -5.19 6.37 36.29
CA GLY C 460 -5.57 6.88 37.59
C GLY C 460 -5.79 5.78 38.60
N VAL C 461 -6.47 4.70 38.19
CA VAL C 461 -6.67 3.57 39.10
C VAL C 461 -5.33 2.95 39.47
N ILE C 462 -4.42 2.82 38.50
CA ILE C 462 -3.11 2.26 38.80
C ILE C 462 -2.36 3.12 39.80
N ILE C 463 -2.36 4.44 39.60
CA ILE C 463 -1.63 5.33 40.49
C ILE C 463 -2.27 5.34 41.88
N THR C 464 -3.60 5.27 41.94
CA THR C 464 -4.28 5.20 43.22
C THR C 464 -3.89 3.92 43.97
N TRP C 465 -3.85 2.79 43.26
CA TRP C 465 -3.46 1.55 43.92
C TRP C 465 -2.01 1.59 44.39
N ILE C 466 -1.13 2.20 43.59
CA ILE C 466 0.27 2.34 44.01
C ILE C 466 0.36 3.21 45.26
N GLY C 467 -0.40 4.31 45.30
CA GLY C 467 -0.34 5.19 46.44
C GLY C 467 -0.90 4.55 47.71
N MET C 468 -1.99 3.79 47.59
CA MET C 468 -2.65 3.28 48.79
C MET C 468 -1.85 2.19 49.49
N ASN C 469 -0.83 1.63 48.85
CA ASN C 469 -0.01 0.59 49.45
C ASN C 469 1.47 0.98 49.42
N SER C 470 1.77 2.22 49.74
CA SER C 470 3.15 2.70 49.78
C SER C 470 3.53 3.19 51.16
N THR C 473 3.40 8.16 54.70
CA THR C 473 4.38 8.59 53.72
C THR C 473 3.80 9.68 52.82
N SER C 474 4.56 10.76 52.64
CA SER C 474 4.13 11.84 51.77
C SER C 474 4.01 11.38 50.32
N LEU C 475 4.85 10.41 49.92
CA LEU C 475 4.75 9.86 48.58
C LEU C 475 3.39 9.22 48.35
N SER C 476 2.91 8.48 49.36
CA SER C 476 1.63 7.79 49.21
C SER C 476 0.48 8.78 49.01
N VAL C 477 0.44 9.83 49.83
CA VAL C 477 -0.65 10.79 49.72
C VAL C 477 -0.54 11.59 48.43
N SER C 478 0.68 11.92 48.01
CA SER C 478 0.85 12.61 46.73
C SER C 478 0.38 11.74 45.57
N LEU C 479 0.71 10.45 45.60
CA LEU C 479 0.29 9.55 44.54
C LEU C 479 -1.23 9.39 44.53
N VAL C 480 -1.85 9.25 45.70
CA VAL C 480 -3.29 9.10 45.71
C VAL C 480 -3.98 10.39 45.25
N LEU C 481 -3.39 11.54 45.58
CA LEU C 481 -3.97 12.81 45.13
C LEU C 481 -3.91 12.93 43.62
N VAL C 482 -2.74 12.65 43.03
CA VAL C 482 -2.62 12.76 41.58
C VAL C 482 -3.51 11.71 40.90
N GLY C 483 -3.63 10.53 41.50
CA GLY C 483 -4.50 9.51 40.94
C GLY C 483 -5.96 9.93 40.94
N VAL C 484 -6.43 10.49 42.06
CA VAL C 484 -7.83 10.88 42.13
C VAL C 484 -8.11 12.06 41.21
N VAL C 485 -7.17 13.00 41.10
CA VAL C 485 -7.42 14.15 40.23
C VAL C 485 -7.43 13.71 38.77
N THR C 486 -6.56 12.77 38.39
CA THR C 486 -6.59 12.32 37.01
C THR C 486 -7.79 11.41 36.73
N LEU C 487 -8.29 10.69 37.73
CA LEU C 487 -9.57 10.00 37.56
C LEU C 487 -10.69 11.00 37.31
N TYR C 488 -10.70 12.10 38.05
CA TYR C 488 -11.71 13.12 37.81
C TYR C 488 -11.58 13.70 36.41
N LEU C 489 -10.35 13.96 35.98
CA LEU C 489 -10.13 14.48 34.64
C LEU C 489 -10.62 13.51 33.58
N GLY C 490 -10.35 12.21 33.77
CA GLY C 490 -10.78 11.23 32.80
C GLY C 490 -12.29 11.06 32.75
N VAL C 491 -12.94 11.09 33.93
CA VAL C 491 -14.39 10.89 33.92
C VAL C 491 -15.10 12.14 33.40
N MET C 492 -14.54 13.33 33.63
CA MET C 492 -15.21 14.56 33.20
C MET C 492 -14.85 14.98 31.79
N VAL C 493 -13.92 14.30 31.12
CA VAL C 493 -13.57 14.65 29.76
C VAL C 493 -14.48 13.91 28.80
N GLN C 494 -14.85 14.56 27.69
CA GLN C 494 -15.72 13.93 26.71
C GLN C 494 -15.04 12.74 26.04
N ALA C 495 -13.76 12.88 25.72
CA ALA C 495 -13.02 11.80 25.06
C ALA C 495 -11.70 11.53 25.78
N SER D 1 30.94 6.85 -2.21
CA SER D 1 31.64 6.75 -3.50
C SER D 1 31.90 5.29 -3.86
N VAL D 2 32.03 5.04 -5.16
CA VAL D 2 32.27 3.67 -5.63
C VAL D 2 33.63 3.18 -5.18
N ALA D 3 34.63 4.06 -5.14
CA ALA D 3 35.96 3.66 -4.68
C ALA D 3 35.93 3.12 -3.26
N LEU D 4 34.93 3.52 -2.46
CA LEU D 4 34.76 2.96 -1.13
C LEU D 4 34.19 1.56 -1.14
N VAL D 5 33.70 1.08 -2.28
CA VAL D 5 33.15 -0.27 -2.38
C VAL D 5 33.83 -1.00 -3.53
N PRO D 6 35.09 -1.42 -3.38
CA PRO D 6 35.75 -2.14 -4.48
C PRO D 6 35.32 -3.59 -4.53
N HIS D 7 35.14 -4.09 -5.76
CA HIS D 7 34.82 -5.50 -5.99
C HIS D 7 36.11 -6.31 -5.90
N VAL D 8 36.56 -6.50 -4.66
CA VAL D 8 37.87 -7.07 -4.39
C VAL D 8 37.75 -8.18 -3.35
N GLY D 9 38.49 -9.26 -3.57
CA GLY D 9 38.64 -10.32 -2.59
C GLY D 9 37.36 -11.01 -2.18
N MET D 10 36.52 -11.39 -3.15
CA MET D 10 35.29 -12.09 -2.85
C MET D 10 35.18 -13.41 -3.62
N GLY D 11 36.31 -14.00 -3.99
CA GLY D 11 36.34 -15.37 -4.47
C GLY D 11 36.17 -15.58 -5.96
N LEU D 12 36.28 -14.52 -6.76
CA LEU D 12 36.13 -14.64 -8.21
C LEU D 12 37.44 -14.54 -8.96
N GLU D 13 38.56 -14.50 -8.25
CA GLU D 13 39.86 -14.33 -8.90
C GLU D 13 40.38 -15.66 -9.43
N THR D 14 40.96 -15.62 -10.62
CA THR D 14 41.49 -16.78 -11.31
C THR D 14 43.00 -16.59 -11.53
N ARG D 15 43.58 -17.48 -12.35
CA ARG D 15 45.00 -17.39 -12.66
C ARG D 15 45.37 -16.02 -13.22
N THR D 16 44.48 -15.41 -14.00
CA THR D 16 44.72 -14.08 -14.52
C THR D 16 44.81 -13.07 -13.38
N GLU D 17 45.76 -12.16 -13.48
CA GLU D 17 45.86 -11.10 -12.49
C GLU D 17 44.69 -10.14 -12.64
N THR D 18 44.37 -9.45 -11.55
CA THR D 18 43.21 -8.58 -11.55
C THR D 18 43.56 -7.23 -12.19
N TRP D 19 42.58 -6.33 -12.18
CA TRP D 19 42.70 -5.08 -12.94
C TRP D 19 43.69 -4.11 -12.29
N MET D 20 43.82 -4.15 -10.96
CA MET D 20 44.77 -3.34 -10.20
C MET D 20 45.65 -4.22 -9.32
N SER D 21 46.24 -5.26 -9.93
CA SER D 21 47.02 -6.22 -9.17
C SER D 21 48.27 -5.60 -8.53
N SER D 22 49.24 -5.21 -9.36
CA SER D 22 50.58 -4.95 -8.85
C SER D 22 50.65 -3.61 -8.15
N GLU D 23 50.45 -2.52 -8.89
CA GLU D 23 50.52 -1.19 -8.29
C GLU D 23 49.33 -0.95 -7.36
N GLY D 24 48.24 -1.66 -7.58
CA GLY D 24 47.08 -1.53 -6.75
C GLY D 24 46.99 -2.46 -5.56
N ALA D 25 47.99 -3.31 -5.32
CA ALA D 25 47.91 -4.20 -4.18
C ALA D 25 48.19 -3.50 -2.86
N TRP D 26 48.63 -2.24 -2.89
CA TRP D 26 49.16 -1.61 -1.68
C TRP D 26 48.68 -0.16 -1.53
N LYS D 27 47.40 0.13 -1.79
CA LYS D 27 46.93 1.47 -1.46
C LYS D 27 46.86 1.66 0.04
N HIS D 28 46.24 0.70 0.74
CA HIS D 28 45.78 0.94 2.10
C HIS D 28 46.94 1.02 3.07
N ALA D 29 47.95 0.15 2.94
CA ALA D 29 49.07 0.18 3.86
C ALA D 29 49.80 1.51 3.79
N GLN D 30 50.11 1.97 2.57
CA GLN D 30 50.81 3.24 2.41
C GLN D 30 49.94 4.41 2.84
N ARG D 31 48.64 4.34 2.58
CA ARG D 31 47.75 5.41 3.00
C ARG D 31 47.71 5.53 4.52
N ILE D 32 47.60 4.39 5.21
CA ILE D 32 47.59 4.41 6.67
C ILE D 32 48.93 4.91 7.20
N GLU D 33 50.03 4.47 6.59
CA GLU D 33 51.34 4.90 7.05
C GLU D 33 51.50 6.41 6.90
N THR D 34 51.05 6.97 5.76
CA THR D 34 51.11 8.40 5.57
C THR D 34 50.22 9.14 6.57
N TRP D 35 49.02 8.60 6.82
CA TRP D 35 48.13 9.24 7.78
C TRP D 35 48.77 9.27 9.17
N ILE D 36 49.40 8.17 9.56
CA ILE D 36 50.11 8.14 10.84
C ILE D 36 51.24 9.15 10.85
N LEU D 37 51.94 9.30 9.72
CA LEU D 37 53.00 10.31 9.65
C LEU D 37 52.44 11.71 9.89
N ARG D 38 51.31 12.03 9.28
CA ARG D 38 50.78 13.39 9.33
C ARG D 38 49.75 13.59 10.43
N HIS D 39 49.41 12.55 11.18
CA HIS D 39 48.49 12.67 12.32
C HIS D 39 49.04 11.84 13.48
N PRO D 40 50.14 12.29 14.09
CA PRO D 40 50.74 11.48 15.17
C PRO D 40 49.94 11.50 16.46
N GLY D 41 49.46 12.68 16.87
CA GLY D 41 48.84 12.79 18.18
C GLY D 41 47.69 11.82 18.38
N PHE D 42 46.90 11.61 17.34
CA PHE D 42 45.87 10.59 17.40
C PHE D 42 46.47 9.20 17.62
N THR D 43 47.62 8.94 17.01
CA THR D 43 48.26 7.64 17.19
C THR D 43 48.73 7.45 18.64
N ILE D 44 49.33 8.48 19.22
CA ILE D 44 49.71 8.36 20.64
C ILE D 44 48.48 8.19 21.51
N MET D 45 47.40 8.91 21.21
CA MET D 45 46.18 8.75 22.00
C MET D 45 45.63 7.33 21.89
N ALA D 46 45.65 6.77 20.68
CA ALA D 46 45.18 5.40 20.48
C ALA D 46 46.07 4.41 21.22
N ALA D 47 47.38 4.65 21.23
CA ALA D 47 48.28 3.79 21.98
C ALA D 47 47.97 3.83 23.47
N ILE D 48 47.69 5.03 23.99
CA ILE D 48 47.33 5.17 25.40
C ILE D 48 46.03 4.43 25.68
N LEU D 49 45.06 4.55 24.80
CA LEU D 49 43.79 3.83 24.98
C LEU D 49 44.01 2.32 24.97
N ALA D 50 44.83 1.83 24.04
CA ALA D 50 45.11 0.40 24.00
C ALA D 50 45.81 -0.06 25.29
N TYR D 51 46.73 0.77 25.79
CA TYR D 51 47.37 0.47 27.07
C TYR D 51 46.33 0.41 28.19
N THR D 52 45.32 1.27 28.13
CA THR D 52 44.34 1.35 29.20
C THR D 52 43.37 0.17 29.17
N ILE D 53 42.59 0.04 28.10
CA ILE D 53 41.57 -0.99 28.04
C ILE D 53 42.19 -2.38 28.02
N GLY D 54 43.26 -2.56 27.25
CA GLY D 54 43.83 -3.89 27.11
C GLY D 54 44.33 -4.42 28.45
N THR D 55 44.13 -5.73 28.66
CA THR D 55 44.62 -6.39 29.86
C THR D 55 45.96 -7.08 29.63
N THR D 56 46.10 -7.84 28.56
CA THR D 56 47.35 -8.46 28.21
C THR D 56 48.00 -7.71 27.05
N HIS D 57 49.30 -7.97 26.85
CA HIS D 57 50.05 -7.24 25.84
C HIS D 57 49.49 -7.48 24.44
N PHE D 58 49.07 -8.72 24.16
CA PHE D 58 48.51 -9.02 22.84
C PHE D 58 47.25 -8.22 22.59
N GLN D 59 46.37 -8.12 23.59
CA GLN D 59 45.17 -7.32 23.42
C GLN D 59 45.51 -5.85 23.20
N ARG D 60 46.51 -5.35 23.94
CA ARG D 60 46.92 -3.96 23.74
C ARG D 60 47.37 -3.73 22.31
N ALA D 61 48.23 -4.61 21.79
CA ALA D 61 48.73 -4.45 20.44
C ALA D 61 47.60 -4.56 19.42
N LEU D 62 46.73 -5.55 19.60
CA LEU D 62 45.61 -5.71 18.68
C LEU D 62 44.77 -4.44 18.63
N ILE D 63 44.39 -3.93 19.80
CA ILE D 63 43.58 -2.72 19.84
C ILE D 63 44.31 -1.55 19.20
N PHE D 64 45.59 -1.38 19.52
CA PHE D 64 46.31 -0.21 19.01
C PHE D 64 46.43 -0.23 17.49
N ILE D 65 47.05 -1.27 16.94
CA ILE D 65 47.23 -1.31 15.49
C ILE D 65 45.90 -1.34 14.76
N LEU D 66 44.90 -2.06 15.29
CA LEU D 66 43.68 -2.19 14.52
C LEU D 66 42.80 -0.94 14.65
N LEU D 67 42.91 -0.20 15.75
CA LEU D 67 42.36 1.14 15.83
C LEU D 67 43.03 2.08 14.83
N THR D 68 44.35 2.02 14.72
CA THR D 68 45.02 2.84 13.74
C THR D 68 44.62 2.46 12.32
N ALA D 69 44.24 1.20 12.10
CA ALA D 69 43.67 0.80 10.81
C ALA D 69 42.28 1.38 10.61
N VAL D 70 41.48 1.43 11.69
CA VAL D 70 40.16 2.04 11.59
C VAL D 70 40.28 3.53 11.25
N ALA D 71 41.30 4.18 11.81
CA ALA D 71 41.33 5.64 11.84
C ALA D 71 41.23 6.30 10.47
N PRO D 72 42.04 5.95 9.46
CA PRO D 72 41.92 6.65 8.17
C PRO D 72 40.82 6.10 7.29
N SER D 73 40.17 5.00 7.68
CA SER D 73 39.04 4.50 6.90
C SER D 73 37.90 5.50 6.87
N MET D 74 37.57 6.09 8.01
CA MET D 74 36.51 7.08 8.06
C MET D 74 36.96 8.40 7.46
N THR D 75 38.26 8.67 7.49
CA THR D 75 38.81 9.90 6.92
C THR D 75 39.90 9.60 5.91
N SER E 1 -16.10 1.91 14.66
CA SER E 1 -16.43 1.70 13.26
C SER E 1 -15.97 0.34 12.77
N VAL E 2 -16.20 0.07 11.48
CA VAL E 2 -15.83 -1.23 10.92
C VAL E 2 -14.32 -1.39 10.88
N ALA E 3 -13.58 -0.30 10.65
CA ALA E 3 -12.13 -0.39 10.61
C ALA E 3 -11.55 -0.87 11.93
N LEU E 4 -12.27 -0.69 13.04
CA LEU E 4 -11.83 -1.19 14.33
C LEU E 4 -12.09 -2.68 14.51
N VAL E 5 -12.86 -3.30 13.63
CA VAL E 5 -13.17 -4.73 13.73
C VAL E 5 -12.86 -5.42 12.40
N PRO E 6 -11.59 -5.53 12.03
CA PRO E 6 -11.25 -6.16 10.74
C PRO E 6 -11.49 -7.65 10.77
N HIS E 7 -11.72 -8.20 9.57
CA HIS E 7 -11.93 -9.63 9.39
C HIS E 7 -10.59 -10.36 9.32
N VAL E 8 -9.89 -10.35 10.45
CA VAL E 8 -8.52 -10.86 10.54
C VAL E 8 -8.47 -11.95 11.60
N GLY E 9 -7.69 -13.00 11.32
CA GLY E 9 -7.44 -14.04 12.30
C GLY E 9 -8.61 -14.93 12.60
N MET E 10 -9.57 -15.05 11.69
CA MET E 10 -10.76 -15.86 11.93
C MET E 10 -10.62 -17.28 11.42
N GLY E 11 -9.41 -17.72 11.07
CA GLY E 11 -9.19 -19.09 10.67
C GLY E 11 -9.71 -19.46 9.30
N LEU E 12 -9.70 -18.51 8.36
CA LEU E 12 -10.14 -18.76 7.01
C LEU E 12 -9.05 -18.51 5.97
N GLU E 13 -7.85 -18.14 6.41
CA GLU E 13 -6.78 -17.82 5.47
C GLU E 13 -6.31 -19.07 4.73
N THR E 14 -6.06 -18.91 3.44
CA THR E 14 -5.54 -19.98 2.59
C THR E 14 -4.31 -19.48 1.84
N ARG E 15 -3.83 -20.28 0.89
CA ARG E 15 -2.56 -20.00 0.24
C ARG E 15 -2.59 -18.69 -0.55
N THR E 16 -3.68 -18.41 -1.26
CA THR E 16 -3.78 -17.16 -1.98
C THR E 16 -3.79 -15.99 -1.00
N GLU E 17 -3.18 -14.88 -1.41
CA GLU E 17 -3.05 -13.74 -0.52
C GLU E 17 -4.41 -13.11 -0.22
N THR E 18 -4.52 -12.51 0.95
CA THR E 18 -5.76 -11.88 1.38
C THR E 18 -5.88 -10.50 0.75
N TRP E 19 -6.84 -9.72 1.23
CA TRP E 19 -7.12 -8.41 0.63
C TRP E 19 -6.03 -7.40 0.98
N MET E 20 -5.88 -7.08 2.26
CA MET E 20 -4.89 -6.12 2.76
C MET E 20 -3.68 -6.80 3.37
N SER E 21 -3.22 -7.91 2.78
CA SER E 21 -2.15 -8.69 3.37
C SER E 21 -0.86 -7.89 3.53
N SER E 22 -0.26 -7.48 2.42
CA SER E 22 1.04 -6.82 2.47
C SER E 22 0.94 -5.48 3.19
N GLU E 23 -0.03 -4.64 2.81
CA GLU E 23 -0.15 -3.32 3.40
C GLU E 23 -0.55 -3.41 4.87
N GLY E 24 -1.48 -4.31 5.19
CA GLY E 24 -1.96 -4.44 6.55
C GLY E 24 -1.10 -5.27 7.47
N ALA E 25 -0.03 -5.87 6.96
CA ALA E 25 0.84 -6.68 7.81
C ALA E 25 1.51 -5.83 8.88
N TRP E 26 2.01 -4.65 8.52
CA TRP E 26 2.80 -3.83 9.43
C TRP E 26 2.21 -2.47 9.69
N LYS E 27 0.98 -2.20 9.21
CA LYS E 27 0.41 -0.86 9.40
C LYS E 27 0.15 -0.56 10.87
N HIS E 28 -0.27 -1.57 11.64
CA HIS E 28 -0.46 -1.36 13.08
C HIS E 28 0.86 -1.01 13.76
N ALA E 29 1.93 -1.73 13.41
CA ALA E 29 3.23 -1.42 13.98
C ALA E 29 3.67 -0.01 13.60
N GLN E 30 3.43 0.39 12.35
CA GLN E 30 3.83 1.72 11.93
C GLN E 30 3.08 2.81 12.71
N ARG E 31 1.76 2.65 12.88
CA ARG E 31 1.02 3.68 13.59
C ARG E 31 1.41 3.70 15.07
N ILE E 32 1.67 2.53 15.67
CA ILE E 32 2.12 2.52 17.05
C ILE E 32 3.46 3.22 17.19
N GLU E 33 4.40 2.95 16.27
CA GLU E 33 5.70 3.61 16.35
C GLU E 33 5.58 5.11 16.18
N THR E 34 4.74 5.56 15.25
CA THR E 34 4.53 6.99 15.08
C THR E 34 3.95 7.63 16.33
N TRP E 35 2.97 6.96 16.94
CA TRP E 35 2.38 7.47 18.18
C TRP E 35 3.41 7.54 19.30
N ILE E 36 4.27 6.52 19.39
CA ILE E 36 5.34 6.53 20.39
C ILE E 36 6.26 7.71 20.18
N LEU E 37 6.68 7.92 18.92
CA LEU E 37 7.58 9.01 18.62
C LEU E 37 6.96 10.37 18.92
N ARG E 38 5.66 10.51 18.64
CA ARG E 38 5.01 11.80 18.79
C ARG E 38 4.38 12.00 20.16
N HIS E 39 4.41 10.99 21.03
CA HIS E 39 3.93 11.11 22.41
C HIS E 39 4.94 10.45 23.33
N PRO E 40 6.09 11.09 23.56
CA PRO E 40 7.13 10.45 24.37
C PRO E 40 6.83 10.43 25.86
N GLY E 41 6.08 11.43 26.33
CA GLY E 41 5.80 11.52 27.75
C GLY E 41 5.02 10.33 28.27
N PHE E 42 4.00 9.90 27.52
CA PHE E 42 3.24 8.74 27.95
C PHE E 42 4.10 7.48 27.95
N THR E 43 5.00 7.37 26.98
CA THR E 43 5.90 6.21 26.95
C THR E 43 6.81 6.20 28.17
N ILE E 44 7.36 7.36 28.54
CA ILE E 44 8.20 7.43 29.72
C ILE E 44 7.41 7.08 30.98
N MET E 45 6.18 7.60 31.08
CA MET E 45 5.35 7.29 32.23
C MET E 45 5.02 5.81 32.30
N ALA E 46 4.74 5.19 31.15
CA ALA E 46 4.45 3.77 31.12
C ALA E 46 5.67 2.95 31.52
N ALA E 47 6.86 3.37 31.09
CA ALA E 47 8.07 2.69 31.53
C ALA E 47 8.25 2.79 33.03
N ILE E 48 8.00 3.98 33.60
CA ILE E 48 8.12 4.14 35.04
C ILE E 48 7.11 3.25 35.77
N LEU E 49 5.87 3.23 35.30
CA LEU E 49 4.84 2.43 35.93
C LEU E 49 5.16 0.95 35.86
N ALA E 50 5.65 0.49 34.69
CA ALA E 50 6.03 -0.91 34.57
C ALA E 50 7.18 -1.25 35.50
N TYR E 51 8.13 -0.32 35.64
CA TYR E 51 9.25 -0.54 36.55
C TYR E 51 8.75 -0.68 37.98
N THR E 52 7.81 0.17 38.39
CA THR E 52 7.34 0.15 39.77
C THR E 52 6.47 -1.06 40.07
N ILE E 53 5.52 -1.37 39.18
CA ILE E 53 4.49 -2.36 39.49
C ILE E 53 5.08 -3.76 39.59
N GLY E 54 5.88 -4.15 38.60
CA GLY E 54 6.32 -5.53 38.50
C GLY E 54 7.31 -5.91 39.59
N THR E 55 7.61 -7.21 39.61
CA THR E 55 8.60 -7.77 40.52
C THR E 55 9.81 -8.36 39.81
N THR E 56 9.71 -8.67 38.52
CA THR E 56 10.84 -9.18 37.75
C THR E 56 10.90 -8.46 36.41
N HIS E 57 12.10 -8.43 35.83
CA HIS E 57 12.35 -7.65 34.62
C HIS E 57 11.43 -8.08 33.48
N PHE E 58 11.14 -9.38 33.39
CA PHE E 58 10.29 -9.87 32.31
C PHE E 58 8.94 -9.18 32.32
N GLN E 59 8.27 -9.17 33.47
CA GLN E 59 6.97 -8.52 33.54
C GLN E 59 7.07 -7.01 33.52
N ARG E 60 8.22 -6.43 33.90
CA ARG E 60 8.42 -5.01 33.63
C ARG E 60 8.27 -4.73 32.14
N ALA E 61 9.02 -5.48 31.33
CA ALA E 61 8.94 -5.29 29.88
C ALA E 61 7.55 -5.61 29.35
N LEU E 62 6.93 -6.67 29.88
CA LEU E 62 5.61 -7.07 29.41
C LEU E 62 4.57 -5.98 29.66
N ILE E 63 4.56 -5.43 30.88
CA ILE E 63 3.61 -4.37 31.20
C ILE E 63 3.91 -3.12 30.38
N PHE E 64 5.18 -2.80 30.18
CA PHE E 64 5.53 -1.67 29.33
C PHE E 64 4.96 -1.85 27.93
N ILE E 65 5.18 -3.02 27.33
CA ILE E 65 4.72 -3.26 25.97
C ILE E 65 3.20 -3.20 25.90
N LEU E 66 2.52 -3.81 26.87
CA LEU E 66 1.06 -3.81 26.85
C LEU E 66 0.50 -2.41 26.98
N LEU E 67 1.02 -1.63 27.93
CA LEU E 67 0.55 -0.25 28.10
C LEU E 67 0.82 0.58 26.85
N THR E 68 1.98 0.40 26.24
CA THR E 68 2.29 1.13 25.02
C THR E 68 1.33 0.75 23.89
N ALA E 69 1.02 -0.55 23.77
CA ALA E 69 0.18 -1.00 22.67
C ALA E 69 -1.26 -0.54 22.83
N VAL E 70 -1.81 -0.59 24.05
CA VAL E 70 -3.22 -0.27 24.24
C VAL E 70 -3.49 1.20 23.97
N ALA E 71 -2.56 2.07 24.34
CA ALA E 71 -2.82 3.51 24.34
C ALA E 71 -3.32 4.05 23.00
N PRO E 72 -2.74 3.70 21.84
CA PRO E 72 -3.35 4.21 20.61
C PRO E 72 -4.75 3.64 20.36
N SER F 1 -6.30 2.46 8.69
CA SER F 1 -6.58 3.72 8.01
C SER F 1 -6.64 4.88 8.99
N VAL F 2 -7.28 5.98 8.55
CA VAL F 2 -7.41 7.14 9.42
C VAL F 2 -8.29 6.83 10.62
N ALA F 3 -9.23 5.88 10.47
CA ALA F 3 -10.08 5.50 11.58
C ALA F 3 -9.31 4.90 12.74
N LEU F 4 -8.12 4.34 12.47
CA LEU F 4 -7.30 3.78 13.54
C LEU F 4 -6.50 4.83 14.29
N VAL F 5 -6.51 6.08 13.83
CA VAL F 5 -5.79 7.16 14.50
C VAL F 5 -6.73 8.35 14.73
N PRO F 6 -7.79 8.19 15.50
CA PRO F 6 -8.72 9.31 15.71
C PRO F 6 -8.10 10.39 16.56
N HIS F 7 -8.59 11.61 16.37
CA HIS F 7 -8.12 12.78 17.11
C HIS F 7 -8.81 12.80 18.48
N VAL F 8 -8.34 11.94 19.36
CA VAL F 8 -8.94 11.71 20.67
C VAL F 8 -7.97 12.15 21.76
N GLY F 9 -8.44 12.99 22.67
CA GLY F 9 -7.69 13.35 23.86
C GLY F 9 -6.36 14.00 23.59
N MET F 10 -6.31 14.93 22.63
CA MET F 10 -5.09 15.63 22.28
C MET F 10 -5.03 17.02 22.91
N GLY F 11 -5.94 17.32 23.83
CA GLY F 11 -5.91 18.56 24.57
C GLY F 11 -6.60 19.74 23.92
N LEU F 12 -7.43 19.50 22.90
CA LEU F 12 -8.15 20.58 22.23
C LEU F 12 -9.63 20.61 22.60
N GLU F 13 -10.04 19.82 23.59
CA GLU F 13 -11.46 19.76 23.94
C GLU F 13 -11.90 21.06 24.59
N THR F 14 -13.13 21.47 24.27
CA THR F 14 -13.69 22.71 24.82
C THR F 14 -15.04 22.44 25.47
N ARG F 15 -15.75 23.50 25.83
CA ARG F 15 -17.05 23.34 26.47
C ARG F 15 -18.09 22.80 25.51
N THR F 16 -18.02 23.18 24.25
CA THR F 16 -18.97 22.69 23.26
C THR F 16 -18.78 21.20 23.02
N GLU F 17 -19.88 20.50 22.78
CA GLU F 17 -19.82 19.08 22.49
C GLU F 17 -19.03 18.82 21.21
N THR F 18 -18.18 17.80 21.24
CA THR F 18 -17.39 17.46 20.07
C THR F 18 -18.20 16.58 19.12
N TRP F 19 -17.56 16.15 18.03
CA TRP F 19 -18.28 15.48 16.95
C TRP F 19 -18.87 14.14 17.38
N MET F 20 -18.13 13.35 18.16
CA MET F 20 -18.54 12.02 18.61
C MET F 20 -18.37 11.86 20.11
N SER F 21 -18.92 12.79 20.88
CA SER F 21 -18.81 12.68 22.33
C SER F 21 -19.52 11.42 22.84
N SER F 22 -20.84 11.37 22.68
CA SER F 22 -21.69 10.43 23.39
C SER F 22 -21.31 8.97 23.18
N GLU F 23 -21.45 8.47 21.95
CA GLU F 23 -21.10 7.08 21.67
C GLU F 23 -19.63 6.91 21.33
N GLY F 24 -18.92 8.00 21.05
CA GLY F 24 -17.48 7.92 20.88
C GLY F 24 -16.74 7.65 22.17
N ALA F 25 -17.36 7.97 23.30
CA ALA F 25 -16.80 7.56 24.57
C ALA F 25 -16.88 6.06 24.79
N TRP F 26 -17.67 5.33 23.98
CA TRP F 26 -17.98 3.96 24.31
C TRP F 26 -17.77 2.92 23.21
N LYS F 27 -17.65 3.29 21.92
CA LYS F 27 -17.34 2.24 20.95
C LYS F 27 -16.23 1.31 21.41
N HIS F 28 -15.31 1.81 22.25
CA HIS F 28 -14.40 0.91 22.94
C HIS F 28 -15.19 -0.17 23.69
N ALA F 29 -15.90 0.24 24.75
CA ALA F 29 -16.57 -0.73 25.61
C ALA F 29 -17.39 -1.73 24.79
N GLN F 30 -18.18 -1.23 23.84
CA GLN F 30 -18.95 -2.15 22.99
C GLN F 30 -18.06 -3.11 22.18
N ARG F 31 -17.03 -2.63 21.49
CA ARG F 31 -16.35 -3.58 20.61
C ARG F 31 -15.51 -4.57 21.41
N ILE F 32 -14.87 -4.12 22.49
CA ILE F 32 -14.15 -5.08 23.35
C ILE F 32 -15.10 -6.08 23.99
N GLU F 33 -16.29 -5.65 24.45
CA GLU F 33 -17.17 -6.63 25.06
C GLU F 33 -17.72 -7.61 24.03
N THR F 34 -18.00 -7.14 22.81
CA THR F 34 -18.44 -8.07 21.76
C THR F 34 -17.34 -9.05 21.42
N TRP F 35 -16.09 -8.59 21.36
CA TRP F 35 -14.98 -9.49 21.10
C TRP F 35 -14.83 -10.52 22.20
N ILE F 36 -15.01 -10.09 23.46
CA ILE F 36 -14.93 -11.02 24.58
C ILE F 36 -16.01 -12.09 24.46
N LEU F 37 -17.25 -11.66 24.23
CA LEU F 37 -18.36 -12.61 24.11
C LEU F 37 -18.29 -13.45 22.85
N ARG F 38 -17.49 -13.07 21.85
CA ARG F 38 -17.39 -13.86 20.63
C ARG F 38 -16.18 -14.78 20.61
N HIS F 39 -15.12 -14.47 21.35
CA HIS F 39 -13.92 -15.31 21.42
C HIS F 39 -13.57 -15.53 22.89
N PRO F 40 -14.33 -16.37 23.59
CA PRO F 40 -14.05 -16.58 25.01
C PRO F 40 -12.79 -17.40 25.27
N GLY F 41 -12.35 -18.20 24.30
CA GLY F 41 -11.15 -19.00 24.51
C GLY F 41 -9.92 -18.15 24.75
N PHE F 42 -9.78 -17.07 23.98
CA PHE F 42 -8.65 -16.17 24.18
C PHE F 42 -8.72 -15.52 25.56
N THR F 43 -9.92 -15.17 26.01
CA THR F 43 -10.06 -14.61 27.36
C THR F 43 -9.62 -15.62 28.41
N ILE F 44 -9.99 -16.88 28.23
CA ILE F 44 -9.57 -17.92 29.17
C ILE F 44 -8.05 -18.05 29.17
N MET F 45 -7.45 -18.12 27.98
CA MET F 45 -6.00 -18.25 27.90
C MET F 45 -5.31 -17.06 28.55
N ALA F 46 -5.84 -15.86 28.34
CA ALA F 46 -5.30 -14.68 29.00
C ALA F 46 -5.44 -14.81 30.52
N ALA F 47 -6.54 -15.42 30.98
CA ALA F 47 -6.71 -15.62 32.42
C ALA F 47 -5.62 -16.52 32.99
N ILE F 48 -5.35 -17.65 32.34
CA ILE F 48 -4.26 -18.52 32.82
C ILE F 48 -2.92 -17.79 32.73
N LEU F 49 -2.69 -17.04 31.67
CA LEU F 49 -1.42 -16.31 31.56
C LEU F 49 -1.27 -15.30 32.68
N ALA F 50 -2.33 -14.56 32.99
CA ALA F 50 -2.28 -13.60 34.08
C ALA F 50 -2.03 -14.29 35.41
N TYR F 51 -2.69 -15.43 35.63
CA TYR F 51 -2.44 -16.19 36.86
C TYR F 51 -1.01 -16.70 36.92
N THR F 52 -0.39 -16.95 35.76
CA THR F 52 0.95 -17.51 35.74
C THR F 52 2.02 -16.44 35.96
N ILE F 53 2.10 -15.46 35.06
CA ILE F 53 3.14 -14.44 35.18
C ILE F 53 2.91 -13.57 36.41
N GLY F 54 1.67 -13.13 36.62
CA GLY F 54 1.37 -12.28 37.75
C GLY F 54 1.63 -12.93 39.09
N THR F 55 2.35 -12.23 39.98
CA THR F 55 2.64 -12.75 41.31
C THR F 55 1.59 -12.29 42.32
N THR F 56 1.32 -10.99 42.38
CA THR F 56 0.25 -10.48 43.23
C THR F 56 -1.04 -10.37 42.43
N HIS F 57 -2.15 -10.28 43.15
CA HIS F 57 -3.46 -10.24 42.50
C HIS F 57 -3.60 -8.99 41.63
N PHE F 58 -3.08 -7.86 42.10
CA PHE F 58 -3.22 -6.62 41.34
C PHE F 58 -2.54 -6.72 39.99
N GLN F 59 -1.31 -7.22 39.94
CA GLN F 59 -0.62 -7.33 38.66
C GLN F 59 -1.23 -8.42 37.79
N ARG F 60 -1.78 -9.48 38.40
CA ARG F 60 -2.51 -10.47 37.63
C ARG F 60 -3.69 -9.83 36.90
N ALA F 61 -4.51 -9.09 37.63
CA ALA F 61 -5.66 -8.43 37.02
C ALA F 61 -5.20 -7.41 35.98
N LEU F 62 -4.12 -6.68 36.26
CA LEU F 62 -3.63 -5.69 35.32
C LEU F 62 -3.21 -6.35 34.01
N ILE F 63 -2.43 -7.43 34.09
CA ILE F 63 -2.00 -8.11 32.88
C ILE F 63 -3.20 -8.67 32.12
N PHE F 64 -4.17 -9.23 32.85
CA PHE F 64 -5.36 -9.78 32.19
C PHE F 64 -6.11 -8.68 31.43
N ILE F 65 -6.29 -7.52 32.08
CA ILE F 65 -7.02 -6.43 31.43
C ILE F 65 -6.27 -5.91 30.22
N LEU F 66 -4.94 -5.76 30.34
CA LEU F 66 -4.16 -5.28 29.20
C LEU F 66 -4.21 -6.26 28.04
N LEU F 67 -4.10 -7.57 28.30
CA LEU F 67 -4.19 -8.54 27.23
C LEU F 67 -5.57 -8.51 26.57
N THR F 68 -6.62 -8.43 27.39
CA THR F 68 -7.97 -8.38 26.84
C THR F 68 -8.19 -7.12 26.01
N ALA F 69 -7.54 -6.02 26.38
CA ALA F 69 -7.65 -4.79 25.60
C ALA F 69 -6.86 -4.88 24.31
N VAL F 70 -5.67 -5.50 24.36
CA VAL F 70 -4.87 -5.64 23.14
C VAL F 70 -5.56 -6.50 22.12
N ALA F 71 -6.22 -7.58 22.57
CA ALA F 71 -6.73 -8.59 21.65
C ALA F 71 -7.59 -8.03 20.53
N PRO F 72 -8.57 -7.15 20.77
CA PRO F 72 -9.26 -6.53 19.63
C PRO F 72 -8.49 -5.37 19.04
N SER F 73 -7.80 -4.59 19.87
CA SER F 73 -7.09 -3.42 19.37
C SER F 73 -5.97 -3.80 18.43
N MET F 74 -5.23 -4.85 18.75
CA MET F 74 -4.12 -5.28 17.90
C MET F 74 -4.61 -5.75 16.53
N THR F 75 -5.86 -6.21 16.46
CA THR F 75 -6.42 -6.65 15.19
C THR F 75 -6.68 -5.46 14.27
N GLU G 3 -37.44 54.50 7.49
CA GLU G 3 -36.45 53.63 8.11
C GLU G 3 -36.49 52.24 7.50
N VAL G 4 -37.26 51.35 8.12
CA VAL G 4 -37.41 49.98 7.63
C VAL G 4 -38.49 49.97 6.55
N GLN G 5 -38.14 49.52 5.36
CA GLN G 5 -39.07 49.48 4.25
C GLN G 5 -38.88 48.17 3.48
N LEU G 6 -40.00 47.58 3.06
CA LEU G 6 -40.01 46.35 2.28
C LEU G 6 -40.71 46.62 0.96
N VAL G 7 -40.04 46.27 -0.14
CA VAL G 7 -40.55 46.52 -1.49
C VAL G 7 -40.84 45.19 -2.15
N GLU G 8 -42.06 45.04 -2.66
CA GLU G 8 -42.49 43.83 -3.35
C GLU G 8 -42.71 44.11 -4.83
N SER G 9 -42.61 43.05 -5.63
CA SER G 9 -42.79 43.18 -7.06
C SER G 9 -44.25 43.42 -7.41
N GLY G 10 -44.49 43.81 -8.66
CA GLY G 10 -45.83 44.13 -9.11
C GLY G 10 -46.70 42.90 -9.29
N ALA G 11 -47.98 43.15 -9.49
CA ALA G 11 -48.95 42.08 -9.65
C ALA G 11 -48.75 41.36 -10.98
N GLU G 12 -49.07 40.07 -10.99
CA GLU G 12 -48.98 39.25 -12.19
C GLU G 12 -50.23 38.40 -12.32
N VAL G 13 -50.69 38.21 -13.55
CA VAL G 13 -51.82 37.35 -13.87
C VAL G 13 -51.36 36.26 -14.82
N LYS G 14 -51.68 35.01 -14.50
CA LYS G 14 -51.24 33.87 -15.30
C LYS G 14 -52.35 32.81 -15.31
N LYS G 15 -52.27 31.92 -16.29
CA LYS G 15 -53.21 30.82 -16.38
C LYS G 15 -52.96 29.82 -15.26
N PRO G 16 -53.99 29.08 -14.84
CA PRO G 16 -53.79 28.06 -13.81
C PRO G 16 -52.82 26.97 -14.26
N GLY G 17 -52.05 26.45 -13.30
CA GLY G 17 -51.07 25.44 -13.57
C GLY G 17 -49.70 25.96 -13.96
N ALA G 18 -49.56 27.26 -14.16
CA ALA G 18 -48.29 27.86 -14.53
C ALA G 18 -47.48 28.16 -13.27
N SER G 19 -46.40 28.93 -13.44
CA SER G 19 -45.55 29.33 -12.31
C SER G 19 -45.43 30.84 -12.28
N VAL G 20 -45.49 31.42 -11.08
CA VAL G 20 -45.39 32.85 -10.86
C VAL G 20 -44.20 33.11 -9.95
N LYS G 21 -43.33 34.02 -10.36
CA LYS G 21 -42.16 34.40 -9.58
C LYS G 21 -42.30 35.85 -9.13
N VAL G 22 -42.18 36.06 -7.82
CA VAL G 22 -42.23 37.38 -7.21
C VAL G 22 -41.04 37.52 -6.26
N SER G 23 -40.80 38.75 -5.83
CA SER G 23 -39.64 39.03 -4.99
C SER G 23 -40.00 40.12 -3.99
N CYS G 24 -39.24 40.14 -2.88
CA CYS G 24 -39.38 41.15 -1.85
C CYS G 24 -38.01 41.68 -1.48
N LYS G 25 -37.85 43.00 -1.49
CA LYS G 25 -36.58 43.64 -1.21
C LYS G 25 -36.59 44.25 0.18
N ALA G 26 -35.49 44.06 0.92
CA ALA G 26 -35.33 44.59 2.26
C ALA G 26 -34.38 45.78 2.23
N SER G 27 -34.83 46.89 2.81
CA SER G 27 -34.02 48.11 2.88
C SER G 27 -34.15 48.73 4.26
N GLY G 28 -33.12 49.48 4.65
CA GLY G 28 -33.11 50.17 5.93
C GLY G 28 -32.63 49.35 7.10
N TYR G 29 -32.29 48.09 6.90
CA TYR G 29 -31.84 47.23 7.98
C TYR G 29 -31.01 46.10 7.40
N THR G 30 -30.34 45.37 8.29
CA THR G 30 -29.47 44.27 7.87
C THR G 30 -30.31 43.13 7.32
N PHE G 31 -30.16 42.85 6.02
CA PHE G 31 -30.91 41.77 5.39
C PHE G 31 -30.34 40.40 5.78
N THR G 32 -29.01 40.30 5.90
CA THR G 32 -28.39 39.02 6.20
C THR G 32 -28.79 38.51 7.58
N SER G 33 -28.85 39.40 8.56
CA SER G 33 -29.17 39.02 9.94
C SER G 33 -30.66 38.92 10.21
N TYR G 34 -31.48 38.80 9.18
CA TYR G 34 -32.92 38.68 9.34
C TYR G 34 -33.45 37.54 8.47
N ALA G 35 -34.51 36.90 8.96
CA ALA G 35 -35.18 35.82 8.24
C ALA G 35 -36.41 36.36 7.53
N MET G 36 -36.60 35.95 6.29
CA MET G 36 -37.69 36.44 5.46
C MET G 36 -38.84 35.43 5.48
N HIS G 37 -40.01 35.87 5.92
CA HIS G 37 -41.21 35.06 5.91
C HIS G 37 -42.13 35.50 4.77
N TRP G 38 -43.05 34.62 4.40
CA TRP G 38 -44.03 34.90 3.36
C TRP G 38 -45.40 34.44 3.82
N VAL G 39 -46.37 35.35 3.82
CA VAL G 39 -47.73 35.06 4.23
C VAL G 39 -48.67 35.54 3.14
N ARG G 40 -49.56 34.67 2.69
CA ARG G 40 -50.54 34.98 1.66
C ARG G 40 -51.93 35.06 2.25
N GLN G 41 -52.82 35.76 1.54
CA GLN G 41 -54.21 35.90 1.97
C GLN G 41 -55.08 35.98 0.72
N ALA G 42 -55.93 34.97 0.52
CA ALA G 42 -56.90 35.02 -0.55
C ALA G 42 -57.97 36.07 -0.22
N PRO G 43 -58.57 36.68 -1.24
CA PRO G 43 -59.61 37.69 -0.98
C PRO G 43 -60.75 37.11 -0.16
N GLY G 44 -61.06 37.78 0.95
CA GLY G 44 -62.11 37.33 1.84
C GLY G 44 -61.79 36.06 2.60
N GLN G 45 -60.51 35.74 2.77
CA GLN G 45 -60.08 34.52 3.44
C GLN G 45 -59.14 34.86 4.59
N ARG G 46 -58.59 33.83 5.21
CA ARG G 46 -57.69 33.99 6.35
CA ARG G 46 -57.70 33.96 6.35
C ARG G 46 -56.25 34.00 5.90
N LEU G 47 -55.37 34.38 6.83
CA LEU G 47 -53.94 34.42 6.58
C LEU G 47 -53.35 33.02 6.67
N GLU G 48 -52.39 32.73 5.80
CA GLU G 48 -51.71 31.43 5.78
C GLU G 48 -50.21 31.64 5.71
N TRP G 49 -49.47 30.86 6.50
CA TRP G 49 -48.02 30.97 6.58
C TRP G 49 -47.41 30.05 5.52
N MET G 50 -46.84 30.66 4.47
CA MET G 50 -46.25 29.87 3.39
C MET G 50 -44.95 29.22 3.81
N GLY G 51 -44.09 29.99 4.49
CA GLY G 51 -42.80 29.47 4.90
C GLY G 51 -41.84 30.61 5.20
N TRP G 52 -40.58 30.25 5.38
CA TRP G 52 -39.54 31.23 5.66
C TRP G 52 -38.23 30.78 5.05
N ILE G 53 -37.34 31.74 4.82
CA ILE G 53 -36.00 31.49 4.30
C ILE G 53 -35.00 32.28 5.14
N ASN G 54 -33.88 31.65 5.45
CA ASN G 54 -32.82 32.30 6.21
C ASN G 54 -31.85 32.96 5.25
N ALA G 55 -31.65 34.27 5.41
CA ALA G 55 -30.76 35.03 4.56
C ALA G 55 -29.30 34.97 5.01
N GLY G 56 -29.01 34.27 6.10
CA GLY G 56 -27.65 34.17 6.59
C GLY G 56 -26.91 32.98 6.02
N ASN G 57 -27.59 31.83 5.93
CA ASN G 57 -27.00 30.61 5.40
C ASN G 57 -27.74 30.02 4.22
N GLY G 58 -29.04 30.26 4.10
CA GLY G 58 -29.82 29.78 2.97
C GLY G 58 -30.83 28.69 3.28
N ASN G 59 -31.02 28.34 4.55
CA ASN G 59 -31.99 27.31 4.89
C ASN G 59 -33.41 27.78 4.58
N THR G 60 -34.21 26.87 4.03
CA THR G 60 -35.58 27.15 3.65
C THR G 60 -36.52 26.14 4.30
N LYS G 61 -37.65 26.63 4.79
CA LYS G 61 -38.69 25.79 5.37
C LYS G 61 -40.02 26.14 4.72
N TYR G 62 -40.76 25.11 4.30
CA TYR G 62 -42.02 25.29 3.60
C TYR G 62 -43.14 24.58 4.35
N SER G 63 -44.36 25.08 4.15
CA SER G 63 -45.53 24.44 4.72
C SER G 63 -45.81 23.11 4.04
N GLN G 64 -46.56 22.26 4.74
CA GLN G 64 -46.87 20.93 4.20
C GLN G 64 -47.72 21.05 2.93
N LYS G 65 -48.66 21.99 2.90
CA LYS G 65 -49.51 22.16 1.73
C LYS G 65 -48.74 22.68 0.52
N PHE G 66 -47.53 23.20 0.72
CA PHE G 66 -46.74 23.77 -0.37
C PHE G 66 -45.32 23.23 -0.36
N GLN G 67 -45.13 22.01 0.17
CA GLN G 67 -43.80 21.43 0.24
C GLN G 67 -43.22 21.16 -1.14
N ASP G 68 -44.03 20.63 -2.05
CA ASP G 68 -43.57 20.25 -3.38
C ASP G 68 -43.94 21.26 -4.45
N ARG G 69 -44.42 22.45 -4.06
CA ARG G 69 -44.83 23.46 -5.02
C ARG G 69 -44.18 24.82 -4.81
N VAL G 70 -43.46 25.03 -3.72
CA VAL G 70 -42.86 26.33 -3.40
C VAL G 70 -41.36 26.14 -3.23
N THR G 71 -40.57 26.94 -3.96
CA THR G 71 -39.13 26.97 -3.81
C THR G 71 -38.70 28.42 -3.64
N ILE G 72 -37.93 28.69 -2.59
CA ILE G 72 -37.51 30.05 -2.24
C ILE G 72 -35.99 30.11 -2.28
N THR G 73 -35.47 31.12 -2.97
CA THR G 73 -34.05 31.40 -3.04
C THR G 73 -33.76 32.78 -2.44
N ARG G 74 -32.49 33.19 -2.52
CA ARG G 74 -32.05 34.44 -1.91
C ARG G 74 -31.05 35.12 -2.82
N ASP G 75 -30.75 36.38 -2.49
CA ASP G 75 -29.72 37.14 -3.20
C ASP G 75 -29.13 38.12 -2.20
N THR G 76 -27.96 37.78 -1.65
CA THR G 76 -27.34 38.62 -0.63
C THR G 76 -26.90 39.96 -1.20
N SER G 77 -26.37 39.97 -2.42
CA SER G 77 -25.84 41.19 -3.01
C SER G 77 -26.94 42.24 -3.20
N ALA G 78 -28.10 41.83 -3.69
CA ALA G 78 -29.22 42.74 -3.92
C ALA G 78 -30.15 42.84 -2.71
N SER G 79 -29.92 42.05 -1.66
CA SER G 79 -30.76 42.06 -0.46
C SER G 79 -32.22 41.80 -0.81
N THR G 80 -32.46 40.90 -1.75
CA THR G 80 -33.80 40.57 -2.22
C THR G 80 -33.96 39.06 -2.28
N ALA G 81 -35.12 38.57 -1.86
CA ALA G 81 -35.41 37.14 -1.83
C ALA G 81 -36.28 36.78 -3.04
N TYR G 82 -35.90 35.70 -3.72
CA TYR G 82 -36.61 35.22 -4.89
C TYR G 82 -37.31 33.91 -4.56
N MET G 83 -38.52 33.73 -5.08
CA MET G 83 -39.27 32.50 -4.87
C MET G 83 -40.22 32.30 -6.03
N GLU G 84 -40.61 31.03 -6.24
CA GLU G 84 -41.50 30.66 -7.32
C GLU G 84 -42.51 29.64 -6.82
N LEU G 85 -43.76 29.80 -7.25
CA LEU G 85 -44.84 28.89 -6.90
C LEU G 85 -45.36 28.24 -8.17
N SER G 86 -45.35 26.90 -8.21
CA SER G 86 -45.78 26.15 -9.37
C SER G 86 -47.08 25.41 -9.07
N SER G 87 -47.63 24.79 -10.12
CA SER G 87 -48.88 24.03 -10.04
C SER G 87 -50.00 24.89 -9.47
N LEU G 88 -50.22 26.03 -10.12
CA LEU G 88 -51.23 26.98 -9.67
C LEU G 88 -52.64 26.41 -9.89
N ARG G 89 -53.54 26.77 -8.99
CA ARG G 89 -54.95 26.42 -9.07
C ARG G 89 -55.78 27.69 -8.98
N SER G 90 -57.10 27.53 -9.11
CA SER G 90 -58.00 28.67 -9.05
C SER G 90 -57.96 29.35 -7.69
N GLU G 91 -57.90 28.56 -6.61
CA GLU G 91 -57.88 29.12 -5.26
C GLU G 91 -56.56 29.77 -4.91
N ASP G 92 -55.53 29.61 -5.73
CA ASP G 92 -54.23 30.20 -5.43
C ASP G 92 -54.20 31.71 -5.61
N THR G 93 -55.24 32.30 -6.18
CA THR G 93 -55.31 33.75 -6.32
C THR G 93 -55.34 34.41 -4.94
N ALA G 94 -54.27 35.11 -4.59
CA ALA G 94 -54.13 35.70 -3.26
C ALA G 94 -53.12 36.83 -3.33
N ILE G 95 -53.12 37.64 -2.27
CA ILE G 95 -52.15 38.72 -2.10
C ILE G 95 -51.07 38.24 -1.15
N TYR G 96 -49.82 38.31 -1.59
CA TYR G 96 -48.70 37.76 -0.85
C TYR G 96 -47.94 38.88 -0.16
N TYR G 97 -47.62 38.67 1.12
CA TYR G 97 -46.88 39.62 1.93
C TYR G 97 -45.60 38.99 2.43
N CYS G 98 -44.52 39.78 2.45
CA CYS G 98 -43.23 39.35 2.95
C CYS G 98 -42.99 39.99 4.32
N ALA G 99 -42.45 39.18 5.24
CA ALA G 99 -42.22 39.64 6.60
C ALA G 99 -40.77 39.35 7.00
N ARG G 100 -40.27 40.13 7.96
CA ARG G 100 -38.91 40.02 8.45
C ARG G 100 -38.91 39.54 9.89
N ASP G 101 -37.82 38.87 10.27
CA ASP G 101 -37.67 38.37 11.63
C ASP G 101 -36.19 38.18 11.92
N LYS G 102 -35.75 38.65 13.09
CA LYS G 102 -34.35 38.57 13.46
C LYS G 102 -33.93 37.13 13.71
N VAL G 103 -32.79 36.75 13.14
CA VAL G 103 -32.20 35.44 13.38
C VAL G 103 -31.43 35.50 14.70
N ASP G 104 -31.02 34.33 15.21
CA ASP G 104 -30.27 34.28 16.44
C ASP G 104 -28.86 34.83 16.23
N ASP G 105 -28.07 34.85 17.30
CA ASP G 105 -26.69 35.32 17.21
C ASP G 105 -25.83 34.40 16.35
N TYR G 106 -26.24 33.15 16.17
CA TYR G 106 -25.47 32.19 15.39
C TYR G 106 -25.89 32.14 13.93
N GLY G 107 -26.82 32.98 13.51
CA GLY G 107 -27.27 33.01 12.14
C GLY G 107 -28.34 31.99 11.79
N ASP G 108 -28.78 31.18 12.75
CA ASP G 108 -29.80 30.18 12.49
C ASP G 108 -31.18 30.76 12.83
N TYR G 109 -32.21 29.94 12.64
CA TYR G 109 -33.59 30.34 12.91
C TYR G 109 -34.31 29.23 13.68
N TRP G 110 -33.64 28.69 14.70
CA TRP G 110 -34.26 27.63 15.50
C TRP G 110 -35.40 28.16 16.35
N PHE G 111 -35.25 29.36 16.91
CA PHE G 111 -36.27 29.94 17.78
C PHE G 111 -36.51 31.38 17.35
N PRO G 112 -37.71 31.73 16.88
CA PRO G 112 -37.99 33.12 16.53
C PRO G 112 -38.02 34.02 17.76
N THR G 113 -37.71 35.29 17.55
CA THR G 113 -37.73 36.24 18.65
C THR G 113 -39.17 36.58 19.03
N LEU G 114 -39.31 37.27 20.17
CA LEU G 114 -40.64 37.59 20.67
C LEU G 114 -41.37 38.56 19.75
N TRP G 115 -40.64 39.52 19.20
CA TRP G 115 -41.22 40.61 18.39
C TRP G 115 -41.15 40.33 16.91
N TYR G 116 -41.34 39.07 16.51
CA TYR G 116 -41.33 38.70 15.11
C TYR G 116 -42.50 39.35 14.36
N PHE G 117 -42.37 39.40 13.04
CA PHE G 117 -43.37 40.00 12.16
C PHE G 117 -43.62 41.46 12.51
N ASP G 118 -42.54 42.18 12.85
CA ASP G 118 -42.66 43.59 13.20
C ASP G 118 -42.92 44.48 11.99
N TYR G 119 -42.59 44.01 10.79
CA TYR G 119 -42.79 44.80 9.58
C TYR G 119 -43.31 43.90 8.46
N TRP G 120 -44.10 44.48 7.57
CA TRP G 120 -44.70 43.76 6.46
C TRP G 120 -44.51 44.53 5.17
N GLY G 121 -44.45 43.81 4.06
CA GLY G 121 -44.35 44.43 2.76
C GLY G 121 -45.69 44.95 2.25
N GLN G 122 -45.62 45.74 1.18
CA GLN G 122 -46.83 46.35 0.64
C GLN G 122 -47.79 45.34 0.04
N GLY G 123 -47.31 44.14 -0.29
CA GLY G 123 -48.18 43.10 -0.81
C GLY G 123 -48.20 43.01 -2.32
N THR G 124 -48.17 41.78 -2.84
CA THR G 124 -48.22 41.53 -4.28
C THR G 124 -49.37 40.58 -4.57
N LEU G 125 -50.20 40.94 -5.55
CA LEU G 125 -51.37 40.16 -5.91
C LEU G 125 -51.03 39.22 -7.07
N VAL G 126 -51.41 37.95 -6.92
CA VAL G 126 -51.26 36.96 -7.97
C VAL G 126 -52.65 36.52 -8.40
N THR G 127 -52.94 36.68 -9.69
CA THR G 127 -54.27 36.39 -10.23
C THR G 127 -54.19 35.16 -11.12
N VAL G 128 -55.11 34.22 -10.91
CA VAL G 128 -55.19 32.98 -11.68
C VAL G 128 -56.51 32.99 -12.45
N SER G 129 -56.40 32.85 -13.77
CA SER G 129 -57.59 32.85 -14.63
C SER G 129 -57.31 32.08 -15.92
N ALA H 9 -55.61 24.61 13.31
CA ALA H 9 -55.90 26.02 13.04
C ALA H 9 -56.32 26.74 14.31
N LEU H 10 -56.53 28.05 14.20
CA LEU H 10 -56.95 28.88 15.33
C LEU H 10 -58.39 29.32 15.11
N THR H 11 -59.22 29.14 16.14
CA THR H 11 -60.63 29.46 16.09
C THR H 11 -60.90 30.73 16.88
N GLN H 12 -61.50 31.72 16.23
CA GLN H 12 -61.89 32.97 16.85
C GLN H 12 -63.22 33.41 16.27
N PRO H 13 -63.98 34.23 16.99
CA PRO H 13 -65.28 34.67 16.48
C PRO H 13 -65.15 35.38 15.14
N ALA H 14 -66.13 35.15 14.27
CA ALA H 14 -66.09 35.72 12.93
C ALA H 14 -66.17 37.24 12.95
N SER H 15 -67.04 37.80 13.78
CA SER H 15 -67.20 39.24 13.85
C SER H 15 -67.62 39.64 15.27
N VAL H 16 -67.01 40.71 15.77
CA VAL H 16 -67.31 41.25 17.09
C VAL H 16 -67.59 42.74 16.93
N SER H 17 -68.69 43.20 17.50
CA SER H 17 -69.08 44.61 17.43
C SER H 17 -69.33 45.14 18.84
N GLY H 18 -69.07 46.44 19.01
CA GLY H 18 -69.26 47.06 20.30
C GLY H 18 -69.38 48.56 20.17
N SER H 19 -69.93 49.18 21.22
CA SER H 19 -70.10 50.62 21.23
C SER H 19 -68.74 51.32 21.34
N PRO H 20 -68.59 52.49 20.72
CA PRO H 20 -67.33 53.22 20.84
C PRO H 20 -67.07 53.66 22.27
N GLY H 21 -65.80 53.69 22.64
CA GLY H 21 -65.42 54.06 23.99
C GLY H 21 -65.62 53.00 25.03
N GLN H 22 -65.99 51.78 24.63
CA GLN H 22 -66.25 50.70 25.55
C GLN H 22 -65.09 49.70 25.54
N SER H 23 -65.16 48.74 26.46
CA SER H 23 -64.16 47.70 26.59
C SER H 23 -64.73 46.38 26.10
N ILE H 24 -64.05 45.75 25.16
CA ILE H 24 -64.48 44.49 24.56
C ILE H 24 -63.32 43.50 24.62
N THR H 25 -63.68 42.22 24.56
CA THR H 25 -62.70 41.14 24.62
C THR H 25 -62.91 40.21 23.44
N ILE H 26 -61.82 39.90 22.74
CA ILE H 26 -61.82 38.93 21.65
C ILE H 26 -60.88 37.79 22.03
N SER H 27 -61.35 36.55 21.84
CA SER H 27 -60.63 35.37 22.26
C SER H 27 -60.21 34.54 21.06
N CYS H 28 -58.97 34.05 21.09
CA CYS H 28 -58.44 33.15 20.08
C CYS H 28 -58.09 31.84 20.75
N THR H 29 -58.67 30.74 20.26
CA THR H 29 -58.50 29.43 20.86
C THR H 29 -57.81 28.50 19.88
N GLY H 30 -56.75 27.84 20.33
CA GLY H 30 -56.02 26.88 19.53
C GLY H 30 -55.89 25.56 20.27
N THR H 31 -54.75 24.92 20.10
CA THR H 31 -54.45 23.64 20.73
C THR H 31 -53.30 23.80 21.73
N SER H 32 -53.02 22.72 22.45
CA SER H 32 -51.94 22.73 23.43
C SER H 32 -50.56 22.73 22.77
N SER H 33 -50.47 22.47 21.47
CA SER H 33 -49.19 22.42 20.79
C SER H 33 -48.73 23.79 20.30
N ASP H 34 -49.66 24.71 20.04
CA ASP H 34 -49.31 26.02 19.52
C ASP H 34 -49.66 27.16 20.48
N VAL H 35 -50.90 27.21 20.95
CA VAL H 35 -51.34 28.32 21.81
C VAL H 35 -50.96 28.08 23.25
N GLY H 36 -51.40 26.96 23.83
CA GLY H 36 -51.11 26.68 25.23
C GLY H 36 -49.69 26.27 25.51
N GLY H 37 -49.00 25.73 24.51
CA GLY H 37 -47.64 25.25 24.71
C GLY H 37 -46.61 26.37 24.83
N PHE H 38 -46.69 27.36 23.97
CA PHE H 38 -45.72 28.44 23.89
C PHE H 38 -46.40 29.79 24.10
N ASN H 39 -45.58 30.80 24.36
CA ASN H 39 -46.04 32.16 24.56
C ASN H 39 -45.96 33.00 23.30
N TYR H 40 -45.57 32.40 22.17
CA TYR H 40 -45.45 33.12 20.90
C TYR H 40 -46.84 33.35 20.32
N VAL H 41 -47.54 34.31 20.91
CA VAL H 41 -48.89 34.70 20.49
C VAL H 41 -48.87 36.17 20.08
N SER H 42 -49.37 36.46 18.89
CA SER H 42 -49.38 37.81 18.36
C SER H 42 -50.71 38.10 17.70
N TRP H 43 -51.03 39.39 17.59
CA TRP H 43 -52.25 39.86 16.96
C TRP H 43 -51.90 40.89 15.89
N PHE H 44 -52.76 40.97 14.87
CA PHE H 44 -52.52 41.85 13.75
C PHE H 44 -53.83 42.49 13.30
N GLN H 45 -53.71 43.62 12.61
CA GLN H 45 -54.85 44.33 12.05
C GLN H 45 -54.70 44.39 10.54
N GLN H 46 -55.74 43.97 9.82
CA GLN H 46 -55.76 43.98 8.37
C GLN H 46 -56.72 45.09 7.92
N HIS H 47 -56.17 46.22 7.54
CA HIS H 47 -56.97 47.28 6.96
C HIS H 47 -57.39 46.90 5.54
N PRO H 48 -58.52 47.42 5.06
CA PRO H 48 -58.95 47.09 3.70
C PRO H 48 -57.98 47.61 2.65
N GLY H 49 -57.31 46.69 1.96
CA GLY H 49 -56.33 47.06 0.96
C GLY H 49 -54.97 47.48 1.51
N LYS H 50 -54.70 47.21 2.78
CA LYS H 50 -53.44 47.60 3.39
C LYS H 50 -52.80 46.39 4.06
N ALA H 51 -51.48 46.45 4.20
CA ALA H 51 -50.73 45.35 4.78
C ALA H 51 -51.02 45.23 6.27
N PRO H 52 -50.98 44.01 6.82
CA PRO H 52 -51.17 43.84 8.26
C PRO H 52 -50.04 44.46 9.05
N LYS H 53 -50.36 44.88 10.27
CA LYS H 53 -49.39 45.47 11.19
C LYS H 53 -49.52 44.82 12.56
N LEU H 54 -48.42 44.82 13.30
CA LEU H 54 -48.35 44.22 14.62
C LEU H 54 -48.57 45.28 15.69
N MET H 55 -49.49 45.01 16.62
CA MET H 55 -49.73 45.89 17.75
C MET H 55 -49.58 45.19 19.09
N LEU H 56 -49.36 43.87 19.10
CA LEU H 56 -49.25 43.14 20.36
C LEU H 56 -48.57 41.80 20.10
N TYR H 57 -47.38 41.63 20.67
CA TYR H 57 -46.68 40.36 20.70
C TYR H 57 -46.34 40.04 22.15
N ASP H 58 -46.31 38.75 22.49
CA ASP H 58 -46.01 38.31 23.85
C ASP H 58 -46.95 39.00 24.85
N VAL H 59 -48.21 38.56 24.78
CA VAL H 59 -49.39 39.31 25.20
C VAL H 59 -49.18 40.12 26.48
N THR H 60 -48.33 39.61 27.38
CA THR H 60 -47.97 40.39 28.56
C THR H 60 -47.24 41.68 28.20
N SER H 61 -46.65 41.77 27.01
CA SER H 61 -45.90 42.94 26.57
C SER H 61 -46.53 43.52 25.32
N ARG H 62 -46.04 44.70 24.94
CA ARG H 62 -46.53 45.44 23.78
C ARG H 62 -45.35 45.98 22.97
N PRO H 63 -45.52 46.15 21.66
CA PRO H 63 -44.46 46.73 20.84
C PRO H 63 -44.41 48.25 20.99
N SER H 64 -43.32 48.82 20.49
CA SER H 64 -43.13 50.26 20.49
C SER H 64 -44.03 50.92 19.45
N GLY H 65 -44.47 52.14 19.76
CA GLY H 65 -45.33 52.88 18.85
C GLY H 65 -46.78 52.45 18.85
N VAL H 66 -47.19 51.63 19.82
CA VAL H 66 -48.56 51.13 19.91
C VAL H 66 -49.19 51.70 21.17
N SER H 67 -50.40 52.22 21.05
CA SER H 67 -51.12 52.75 22.21
C SER H 67 -51.39 51.64 23.21
N SER H 68 -51.38 52.01 24.50
CA SER H 68 -51.54 51.04 25.57
C SER H 68 -52.98 50.61 25.77
N ARG H 69 -53.92 51.12 24.96
CA ARG H 69 -55.31 50.68 25.09
C ARG H 69 -55.44 49.18 24.80
N PHE H 70 -54.71 48.68 23.81
CA PHE H 70 -54.73 47.27 23.50
C PHE H 70 -54.03 46.49 24.59
N SER H 71 -54.68 45.43 25.09
CA SER H 71 -54.11 44.57 26.11
C SER H 71 -54.40 43.12 25.77
N GLY H 72 -53.41 42.26 25.97
CA GLY H 72 -53.53 40.85 25.64
C GLY H 72 -53.38 39.99 26.88
N SER H 73 -54.06 38.84 26.85
CA SER H 73 -54.00 37.89 27.95
C SER H 73 -54.21 36.48 27.41
N LYS H 74 -53.78 35.50 28.20
CA LYS H 74 -53.89 34.09 27.82
C LYS H 74 -54.51 33.33 28.99
N SER H 75 -55.52 32.52 28.69
CA SER H 75 -56.20 31.69 29.67
C SER H 75 -56.08 30.24 29.22
N GLY H 76 -54.98 29.60 29.59
CA GLY H 76 -54.75 28.22 29.22
C GLY H 76 -54.59 28.01 27.74
N ASN H 77 -55.60 27.40 27.11
CA ASN H 77 -55.58 27.13 25.68
C ASN H 77 -56.22 28.23 24.85
N THR H 78 -56.65 29.32 25.47
CA THR H 78 -57.32 30.41 24.79
C THR H 78 -56.58 31.71 25.05
N ALA H 79 -56.25 32.43 23.98
CA ALA H 79 -55.62 33.74 24.07
C ALA H 79 -56.66 34.82 23.84
N SER H 80 -56.65 35.82 24.72
CA SER H 80 -57.65 36.88 24.70
C SER H 80 -56.98 38.24 24.50
N LEU H 81 -57.58 39.05 23.63
CA LEU H 81 -57.13 40.41 23.38
C LEU H 81 -58.23 41.37 23.84
N THR H 82 -57.87 42.30 24.72
CA THR H 82 -58.83 43.23 25.31
C THR H 82 -58.46 44.66 24.89
N ILE H 83 -59.45 45.39 24.41
CA ILE H 83 -59.27 46.77 23.97
C ILE H 83 -60.20 47.66 24.78
N SER H 84 -59.64 48.70 25.40
CA SER H 84 -60.40 49.65 26.20
C SER H 84 -60.52 50.97 25.46
N GLY H 85 -61.71 51.55 25.48
CA GLY H 85 -61.96 52.80 24.78
C GLY H 85 -61.97 52.63 23.28
N LEU H 86 -62.98 51.93 22.76
CA LEU H 86 -63.07 51.71 21.32
C LEU H 86 -63.25 53.02 20.58
N GLN H 87 -62.65 53.10 19.40
CA GLN H 87 -62.70 54.30 18.57
C GLN H 87 -63.03 53.91 17.13
N ALA H 88 -63.29 54.93 16.31
CA ALA H 88 -63.72 54.69 14.93
C ALA H 88 -62.66 53.99 14.11
N GLU H 89 -61.38 54.38 14.29
CA GLU H 89 -60.31 53.82 13.48
C GLU H 89 -60.05 52.34 13.77
N ASP H 90 -60.61 51.81 14.87
CA ASP H 90 -60.40 50.40 15.20
C ASP H 90 -61.12 49.45 14.27
N GLU H 91 -62.02 49.96 13.42
CA GLU H 91 -62.80 49.10 12.53
C GLU H 91 -61.90 48.54 11.43
N ALA H 92 -61.47 47.30 11.61
CA ALA H 92 -60.67 46.60 10.62
C ALA H 92 -60.63 45.12 10.97
N ASP H 93 -60.05 44.33 10.08
CA ASP H 93 -59.92 42.90 10.34
C ASP H 93 -58.85 42.63 11.38
N TYR H 94 -59.07 41.60 12.19
CA TYR H 94 -58.14 41.22 13.26
C TYR H 94 -57.81 39.75 13.12
N TYR H 95 -56.53 39.42 13.33
CA TYR H 95 -56.04 38.05 13.23
C TYR H 95 -55.21 37.71 14.44
N CYS H 96 -55.24 36.44 14.85
CA CYS H 96 -54.42 35.92 15.92
C CYS H 96 -53.46 34.89 15.36
N SER H 97 -52.19 34.98 15.74
CA SER H 97 -51.15 34.09 15.23
C SER H 97 -50.41 33.45 16.38
N SER H 98 -50.03 32.19 16.19
CA SER H 98 -49.26 31.44 17.17
C SER H 98 -48.21 30.59 16.47
N HIS H 99 -47.10 30.37 17.14
CA HIS H 99 -46.01 29.55 16.62
C HIS H 99 -46.01 28.22 17.35
N THR H 100 -46.26 27.15 16.62
CA THR H 100 -46.35 25.82 17.23
C THR H 100 -44.96 25.25 17.49
N SER H 101 -44.95 24.11 18.19
CA SER H 101 -43.70 23.43 18.51
C SER H 101 -43.13 22.65 17.34
N ARG H 102 -43.88 22.53 16.24
CA ARG H 102 -43.38 21.86 15.05
C ARG H 102 -42.62 22.79 14.12
N GLY H 103 -42.47 24.06 14.49
CA GLY H 103 -41.74 25.02 13.68
C GLY H 103 -42.56 25.76 12.65
N THR H 104 -43.87 25.55 12.60
CA THR H 104 -44.74 26.23 11.66
C THR H 104 -45.54 27.32 12.37
N TRP H 105 -46.21 28.14 11.58
CA TRP H 105 -47.02 29.25 12.08
C TRP H 105 -48.46 29.05 11.65
N VAL H 106 -49.38 29.31 12.57
CA VAL H 106 -50.81 29.20 12.32
C VAL H 106 -51.46 30.55 12.57
N PHE H 107 -52.59 30.77 11.89
CA PHE H 107 -53.32 32.04 11.98
C PHE H 107 -54.79 31.76 12.22
N GLY H 108 -55.48 32.75 12.76
CA GLY H 108 -56.91 32.66 13.00
C GLY H 108 -57.71 32.84 11.73
N GLY H 109 -59.03 32.70 11.89
CA GLY H 109 -59.94 32.79 10.77
C GLY H 109 -60.28 34.19 10.31
N GLY H 110 -59.77 35.21 11.00
CA GLY H 110 -60.05 36.58 10.64
C GLY H 110 -61.32 37.11 11.29
N THR H 111 -61.22 38.23 12.00
CA THR H 111 -62.36 38.83 12.67
C THR H 111 -62.43 40.31 12.32
N LYS H 112 -63.61 40.75 11.86
CA LYS H 112 -63.82 42.15 11.54
C LYS H 112 -64.42 42.86 12.75
N LEU H 113 -63.82 43.99 13.13
CA LEU H 113 -64.29 44.77 14.25
C LEU H 113 -65.23 45.87 13.76
N THR H 114 -66.40 45.97 14.37
CA THR H 114 -67.41 46.94 13.99
C THR H 114 -67.69 47.86 15.17
N VAL H 115 -67.73 49.16 14.90
CA VAL H 115 -68.01 50.18 15.91
C VAL H 115 -69.39 50.76 15.63
N LEU H 116 -70.27 50.69 16.61
CA LEU H 116 -71.63 51.18 16.44
C LEU H 116 -71.64 52.69 16.24
N ALA H 117 -72.48 53.15 15.32
CA ALA H 117 -72.60 54.56 15.03
C ALA H 117 -73.47 55.31 16.02
N GLU I 3 -15.68 -27.95 -36.48
CA GLU I 3 -14.75 -27.12 -37.23
C GLU I 3 -14.88 -25.66 -36.84
N VAL I 4 -13.75 -25.03 -36.55
CA VAL I 4 -13.74 -23.61 -36.19
C VAL I 4 -13.83 -22.80 -37.48
N GLN I 5 -14.94 -22.10 -37.67
CA GLN I 5 -15.20 -21.31 -38.87
C GLN I 5 -15.35 -19.85 -38.48
N LEU I 6 -14.58 -18.98 -39.14
CA LEU I 6 -14.63 -17.54 -38.91
C LEU I 6 -15.28 -16.89 -40.12
N VAL I 7 -16.43 -16.25 -39.89
CA VAL I 7 -17.21 -15.62 -40.95
C VAL I 7 -17.16 -14.12 -40.75
N GLU I 8 -16.84 -13.39 -41.81
CA GLU I 8 -16.75 -11.94 -41.79
C GLU I 8 -17.76 -11.35 -42.77
N SER I 9 -18.12 -10.09 -42.52
CA SER I 9 -19.10 -9.40 -43.35
C SER I 9 -18.49 -9.08 -44.72
N GLY I 10 -19.31 -8.51 -45.59
CA GLY I 10 -18.89 -8.17 -46.93
C GLY I 10 -18.12 -6.87 -46.99
N ALA I 11 -17.63 -6.56 -48.19
CA ALA I 11 -16.89 -5.33 -48.41
C ALA I 11 -17.80 -4.12 -48.26
N GLU I 12 -17.26 -3.04 -47.71
CA GLU I 12 -18.02 -1.82 -47.46
C GLU I 12 -17.23 -0.61 -47.94
N VAL I 13 -17.96 0.41 -48.38
CA VAL I 13 -17.38 1.69 -48.79
C VAL I 13 -18.07 2.80 -48.00
N LYS I 14 -17.26 3.71 -47.45
CA LYS I 14 -17.79 4.79 -46.64
C LYS I 14 -16.97 6.05 -46.87
N LYS I 15 -17.62 7.20 -46.67
CA LYS I 15 -16.94 8.47 -46.79
C LYS I 15 -16.00 8.68 -45.60
N PRO I 16 -14.95 9.48 -45.77
CA PRO I 16 -14.06 9.78 -44.64
C PRO I 16 -14.81 10.48 -43.52
N GLY I 17 -14.45 10.15 -42.28
CA GLY I 17 -15.12 10.70 -41.12
C GLY I 17 -16.36 9.96 -40.70
N ALA I 18 -16.73 8.88 -41.39
CA ALA I 18 -17.90 8.10 -41.03
C ALA I 18 -17.55 7.10 -39.94
N SER I 19 -18.43 6.14 -39.68
CA SER I 19 -18.19 5.09 -38.71
C SER I 19 -18.55 3.75 -39.33
N VAL I 20 -17.69 2.75 -39.15
CA VAL I 20 -17.89 1.42 -39.71
C VAL I 20 -17.75 0.40 -38.59
N LYS I 21 -18.72 -0.51 -38.51
CA LYS I 21 -18.68 -1.62 -37.56
C LYS I 21 -18.69 -2.92 -38.35
N VAL I 22 -17.67 -3.75 -38.14
CA VAL I 22 -17.51 -5.01 -38.85
C VAL I 22 -17.87 -6.15 -37.91
N SER I 23 -18.43 -7.21 -38.49
CA SER I 23 -18.87 -8.37 -37.74
C SER I 23 -18.05 -9.60 -38.14
N CYS I 24 -17.44 -10.24 -37.15
CA CYS I 24 -16.72 -11.50 -37.34
C CYS I 24 -17.38 -12.55 -36.47
N LYS I 25 -18.03 -13.52 -37.10
CA LYS I 25 -18.75 -14.57 -36.40
C LYS I 25 -17.94 -15.86 -36.41
N ALA I 26 -17.72 -16.42 -35.23
CA ALA I 26 -16.96 -17.65 -35.06
C ALA I 26 -17.86 -18.75 -34.55
N SER I 27 -17.73 -19.95 -35.13
CA SER I 27 -18.58 -21.07 -34.79
C SER I 27 -17.74 -22.33 -34.68
N GLY I 28 -18.31 -23.34 -34.01
CA GLY I 28 -17.66 -24.63 -33.86
C GLY I 28 -16.89 -24.83 -32.58
N TYR I 29 -17.00 -23.92 -31.62
CA TYR I 29 -16.23 -24.00 -30.38
C TYR I 29 -16.93 -23.15 -29.33
N THR I 30 -16.40 -23.23 -28.10
CA THR I 30 -16.91 -22.41 -27.00
C THR I 30 -16.36 -21.01 -27.11
N PHE I 31 -17.20 -20.06 -27.54
CA PHE I 31 -16.74 -18.70 -27.81
C PHE I 31 -16.27 -18.00 -26.54
N THR I 32 -16.95 -18.24 -25.41
CA THR I 32 -16.65 -17.52 -24.18
C THR I 32 -15.26 -17.83 -23.65
N SER I 33 -14.69 -18.96 -24.02
CA SER I 33 -13.41 -19.40 -23.47
C SER I 33 -12.23 -19.07 -24.38
N TYR I 34 -12.38 -18.09 -25.28
CA TYR I 34 -11.31 -17.73 -26.19
C TYR I 34 -11.29 -16.22 -26.41
N ALA I 35 -10.11 -15.65 -26.50
CA ALA I 35 -9.97 -14.24 -26.83
C ALA I 35 -10.12 -14.05 -28.34
N MET I 36 -10.41 -12.81 -28.73
CA MET I 36 -10.65 -12.48 -30.14
C MET I 36 -9.75 -11.32 -30.53
N HIS I 37 -9.11 -11.43 -31.69
CA HIS I 37 -8.15 -10.45 -32.17
C HIS I 37 -8.65 -9.79 -33.45
N TRP I 38 -8.14 -8.58 -33.70
CA TRP I 38 -8.43 -7.84 -34.93
C TRP I 38 -7.12 -7.33 -35.50
N VAL I 39 -6.84 -7.69 -36.76
CA VAL I 39 -5.61 -7.30 -37.44
C VAL I 39 -5.98 -6.70 -38.80
N ARG I 40 -5.39 -5.55 -39.11
CA ARG I 40 -5.60 -4.89 -40.40
C ARG I 40 -4.32 -4.94 -41.24
N GLN I 41 -4.48 -4.65 -42.52
CA GLN I 41 -3.35 -4.69 -43.46
C GLN I 41 -3.69 -3.85 -44.67
N ALA I 42 -2.91 -2.80 -44.92
CA ALA I 42 -3.11 -2.01 -46.12
C ALA I 42 -2.75 -2.86 -47.35
N PRO I 43 -3.42 -2.61 -48.48
CA PRO I 43 -3.17 -3.42 -49.68
C PRO I 43 -1.70 -3.35 -50.09
N GLY I 44 -1.06 -4.51 -50.13
CA GLY I 44 0.35 -4.56 -50.45
C GLY I 44 1.27 -4.06 -49.37
N GLN I 45 0.80 -4.03 -48.11
CA GLN I 45 1.61 -3.51 -47.01
C GLN I 45 1.70 -4.52 -45.88
N ARG I 46 2.25 -4.09 -44.75
CA ARG I 46 2.45 -4.97 -43.61
CA ARG I 46 2.45 -4.96 -43.60
C ARG I 46 1.19 -5.03 -42.75
N LEU I 47 1.14 -6.05 -41.89
CA LEU I 47 0.02 -6.24 -40.98
C LEU I 47 0.14 -5.31 -39.78
N GLU I 48 -0.99 -4.82 -39.30
CA GLU I 48 -1.05 -3.95 -38.12
C GLU I 48 -2.06 -4.52 -37.14
N TRP I 49 -1.69 -4.54 -35.86
CA TRP I 49 -2.50 -5.15 -34.81
C TRP I 49 -3.21 -4.05 -34.02
N MET I 50 -4.55 -4.09 -34.01
CA MET I 50 -5.32 -3.10 -33.27
C MET I 50 -5.44 -3.44 -31.80
N GLY I 51 -6.08 -4.57 -31.50
CA GLY I 51 -6.33 -4.93 -30.11
C GLY I 51 -7.06 -6.25 -30.02
N TRP I 52 -7.39 -6.62 -28.79
CA TRP I 52 -8.07 -7.88 -28.52
C TRP I 52 -9.18 -7.67 -27.50
N ILE I 53 -10.17 -8.56 -27.55
CA ILE I 53 -11.27 -8.58 -26.58
C ILE I 53 -11.35 -9.99 -26.00
N ASN I 54 -11.41 -10.08 -24.68
CA ASN I 54 -11.56 -11.36 -23.99
C ASN I 54 -13.05 -11.62 -23.79
N ALA I 55 -13.56 -12.66 -24.45
CA ALA I 55 -14.98 -12.98 -24.35
C ALA I 55 -15.38 -13.43 -22.95
N GLY I 56 -14.42 -13.88 -22.14
CA GLY I 56 -14.76 -14.33 -20.80
C GLY I 56 -15.27 -13.21 -19.91
N ASN I 57 -14.64 -12.04 -19.99
CA ASN I 57 -15.01 -10.89 -19.16
C ASN I 57 -15.45 -9.68 -19.97
N GLY I 58 -15.09 -9.57 -21.24
CA GLY I 58 -15.44 -8.41 -22.03
C GLY I 58 -14.50 -7.23 -21.89
N ASN I 59 -13.37 -7.40 -21.21
CA ASN I 59 -12.43 -6.30 -21.06
C ASN I 59 -11.77 -5.97 -22.40
N THR I 60 -11.21 -4.76 -22.48
CA THR I 60 -10.69 -4.23 -23.73
C THR I 60 -9.21 -3.89 -23.59
N LYS I 61 -8.48 -4.03 -24.70
CA LYS I 61 -7.10 -3.59 -24.79
C LYS I 61 -6.79 -3.30 -26.25
N TYR I 62 -6.29 -2.11 -26.53
CA TYR I 62 -6.00 -1.68 -27.89
C TYR I 62 -4.55 -1.23 -27.99
N SER I 63 -4.08 -1.10 -29.23
CA SER I 63 -2.72 -0.63 -29.46
C SER I 63 -2.60 0.85 -29.09
N GLN I 64 -1.36 1.28 -28.89
CA GLN I 64 -1.12 2.67 -28.49
C GLN I 64 -1.57 3.64 -29.56
N LYS I 65 -1.35 3.30 -30.84
CA LYS I 65 -1.76 4.18 -31.92
C LYS I 65 -3.27 4.29 -32.01
N PHE I 66 -3.99 3.20 -31.73
CA PHE I 66 -5.43 3.14 -31.88
C PHE I 66 -6.17 3.28 -30.56
N GLN I 67 -5.63 4.04 -29.62
CA GLN I 67 -6.24 4.16 -28.30
C GLN I 67 -7.53 4.96 -28.36
N ASP I 68 -7.51 6.11 -29.03
CA ASP I 68 -8.60 7.08 -28.96
C ASP I 68 -9.58 6.97 -30.12
N ARG I 69 -9.43 5.96 -30.99
CA ARG I 69 -10.31 5.84 -32.15
C ARG I 69 -10.90 4.46 -32.36
N VAL I 70 -10.36 3.42 -31.74
CA VAL I 70 -10.81 2.05 -31.99
C VAL I 70 -11.47 1.52 -30.72
N THR I 71 -12.71 1.06 -30.86
CA THR I 71 -13.46 0.43 -29.78
C THR I 71 -14.04 -0.88 -30.30
N ILE I 72 -13.82 -1.96 -29.56
CA ILE I 72 -14.23 -3.30 -29.96
C ILE I 72 -15.11 -3.89 -28.86
N THR I 73 -16.24 -4.47 -29.25
CA THR I 73 -17.15 -5.10 -28.32
C THR I 73 -17.40 -6.55 -28.74
N ARG I 74 -18.03 -7.31 -27.86
CA ARG I 74 -18.29 -8.72 -28.08
C ARG I 74 -19.74 -9.05 -27.76
N ASP I 75 -20.26 -10.08 -28.42
CA ASP I 75 -21.62 -10.56 -28.21
C ASP I 75 -21.57 -12.05 -27.90
N THR I 76 -21.90 -12.40 -26.65
CA THR I 76 -21.87 -13.80 -26.24
C THR I 76 -22.96 -14.61 -26.95
N SER I 77 -24.16 -14.04 -27.08
CA SER I 77 -25.27 -14.78 -27.67
C SER I 77 -25.00 -15.17 -29.11
N ALA I 78 -24.45 -14.25 -29.90
CA ALA I 78 -24.15 -14.50 -31.30
C ALA I 78 -22.75 -15.05 -31.53
N SER I 79 -21.94 -15.18 -30.47
CA SER I 79 -20.57 -15.67 -30.57
C SER I 79 -19.77 -14.86 -31.58
N THR I 80 -19.95 -13.54 -31.55
CA THR I 80 -19.30 -12.65 -32.50
C THR I 80 -18.75 -11.44 -31.75
N ALA I 81 -17.75 -10.81 -32.36
CA ALA I 81 -17.13 -9.60 -31.82
C ALA I 81 -17.22 -8.50 -32.87
N TYR I 82 -17.62 -7.30 -32.42
CA TYR I 82 -17.81 -6.16 -33.30
C TYR I 82 -16.70 -5.16 -33.06
N MET I 83 -15.98 -4.81 -34.12
CA MET I 83 -14.93 -3.80 -34.08
C MET I 83 -15.46 -2.54 -34.79
N GLU I 84 -15.53 -1.44 -34.05
CA GLU I 84 -16.06 -0.20 -34.57
C GLU I 84 -14.96 0.86 -34.63
N LEU I 85 -14.76 1.44 -35.80
CA LEU I 85 -13.79 2.50 -36.01
C LEU I 85 -14.52 3.75 -36.50
N SER I 86 -14.29 4.87 -35.84
CA SER I 86 -14.93 6.13 -36.18
C SER I 86 -13.91 7.11 -36.75
N SER I 87 -14.42 8.12 -37.43
CA SER I 87 -13.60 9.14 -38.07
C SER I 87 -12.59 8.52 -39.04
N LEU I 88 -13.13 7.86 -40.06
CA LEU I 88 -12.30 7.19 -41.05
C LEU I 88 -11.44 8.19 -41.82
N ARG I 89 -10.29 7.73 -42.27
CA ARG I 89 -9.35 8.54 -43.04
C ARG I 89 -9.00 7.80 -44.32
N SER I 90 -8.53 8.54 -45.31
CA SER I 90 -8.21 7.94 -46.62
C SER I 90 -7.16 6.84 -46.48
N GLU I 91 -6.27 6.94 -45.49
CA GLU I 91 -5.27 5.91 -45.26
C GLU I 91 -5.82 4.68 -44.55
N ASP I 92 -7.06 4.74 -44.06
CA ASP I 92 -7.65 3.58 -43.39
C ASP I 92 -8.08 2.49 -44.35
N THR I 93 -8.06 2.74 -45.65
CA THR I 93 -8.42 1.74 -46.64
C THR I 93 -7.48 0.55 -46.56
N ALA I 94 -8.00 -0.60 -46.11
CA ALA I 94 -7.17 -1.76 -45.86
C ALA I 94 -8.05 -3.00 -45.78
N ILE I 95 -7.41 -4.16 -45.69
CA ILE I 95 -8.08 -5.43 -45.45
C ILE I 95 -8.00 -5.73 -43.96
N TYR I 96 -9.12 -6.11 -43.36
CA TYR I 96 -9.22 -6.31 -41.92
C TYR I 96 -9.49 -7.78 -41.63
N TYR I 97 -8.61 -8.39 -40.85
CA TYR I 97 -8.73 -9.80 -40.49
C TYR I 97 -9.02 -9.94 -39.01
N CYS I 98 -9.87 -10.90 -38.67
CA CYS I 98 -10.19 -11.24 -37.28
C CYS I 98 -9.56 -12.57 -36.94
N ALA I 99 -8.85 -12.63 -35.82
CA ALA I 99 -8.08 -13.80 -35.44
C ALA I 99 -8.44 -14.24 -34.04
N ARG I 100 -8.14 -15.50 -33.72
CA ARG I 100 -8.53 -16.12 -32.47
C ARG I 100 -7.34 -16.79 -31.81
N ASP I 101 -7.37 -16.82 -30.48
CA ASP I 101 -6.38 -17.53 -29.69
C ASP I 101 -6.97 -17.89 -28.34
N LYS I 102 -6.30 -18.80 -27.64
CA LYS I 102 -6.82 -19.38 -26.41
C LYS I 102 -6.43 -18.56 -25.19
N VAL I 103 -7.39 -18.35 -24.29
CA VAL I 103 -7.13 -17.75 -23.00
C VAL I 103 -6.76 -18.87 -22.02
N ASP I 104 -6.23 -18.50 -20.85
CA ASP I 104 -5.86 -19.50 -19.86
C ASP I 104 -7.11 -20.14 -19.25
N ASP I 105 -6.88 -21.10 -18.35
CA ASP I 105 -7.98 -21.80 -17.71
C ASP I 105 -8.70 -20.96 -16.68
N TYR I 106 -8.17 -19.79 -16.33
CA TYR I 106 -8.80 -18.90 -15.35
C TYR I 106 -9.74 -17.89 -15.98
N GLY I 107 -9.97 -17.98 -17.29
CA GLY I 107 -10.86 -17.04 -17.95
C GLY I 107 -10.27 -15.68 -18.21
N ASP I 108 -8.94 -15.57 -18.24
CA ASP I 108 -8.26 -14.30 -18.48
C ASP I 108 -7.30 -14.45 -19.65
N TYR I 109 -6.90 -13.31 -20.20
CA TYR I 109 -6.03 -13.29 -21.37
C TYR I 109 -4.77 -12.49 -21.09
N TRP I 110 -4.12 -12.77 -19.96
CA TRP I 110 -2.92 -12.05 -19.60
C TRP I 110 -1.72 -12.50 -20.43
N PHE I 111 -1.43 -13.80 -20.41
CA PHE I 111 -0.32 -14.34 -21.17
C PHE I 111 -0.86 -15.12 -22.37
N PRO I 112 -0.63 -14.65 -23.60
CA PRO I 112 -1.15 -15.38 -24.77
C PRO I 112 -0.48 -16.73 -24.92
N THR I 113 -1.22 -17.66 -25.51
CA THR I 113 -0.71 -19.00 -25.72
C THR I 113 0.37 -19.01 -26.81
N LEU I 114 1.11 -20.12 -26.87
CA LEU I 114 2.18 -20.24 -27.86
C LEU I 114 1.63 -20.30 -29.29
N TRP I 115 0.44 -20.89 -29.47
CA TRP I 115 -0.15 -21.02 -30.79
C TRP I 115 -1.19 -19.94 -31.04
N TYR I 116 -0.91 -18.72 -30.58
CA TYR I 116 -1.81 -17.60 -30.80
C TYR I 116 -2.02 -17.37 -32.29
N PHE I 117 -3.12 -16.69 -32.62
CA PHE I 117 -3.57 -16.51 -34.00
C PHE I 117 -3.75 -17.86 -34.70
N ASP I 118 -4.37 -18.80 -33.99
CA ASP I 118 -4.45 -20.17 -34.48
C ASP I 118 -5.30 -20.25 -35.76
N TYR I 119 -6.40 -19.52 -35.81
CA TYR I 119 -7.22 -19.44 -37.01
C TYR I 119 -7.45 -17.98 -37.39
N TRP I 120 -7.77 -17.76 -38.66
CA TRP I 120 -7.95 -16.43 -39.21
C TRP I 120 -9.25 -16.38 -40.00
N GLY I 121 -9.83 -15.18 -40.08
CA GLY I 121 -11.00 -14.96 -40.89
C GLY I 121 -10.67 -14.59 -42.33
N GLN I 122 -11.68 -14.64 -43.20
CA GLN I 122 -11.45 -14.38 -44.61
C GLN I 122 -11.10 -12.92 -44.89
N GLY I 123 -11.51 -12.00 -44.03
CA GLY I 123 -11.12 -10.62 -44.19
C GLY I 123 -12.27 -9.75 -44.73
N THR I 124 -12.27 -8.49 -44.30
CA THR I 124 -13.23 -7.50 -44.76
C THR I 124 -12.50 -6.36 -45.43
N LEU I 125 -12.93 -5.99 -46.63
CA LEU I 125 -12.31 -4.92 -47.40
C LEU I 125 -13.12 -3.64 -47.22
N VAL I 126 -12.47 -2.60 -46.73
CA VAL I 126 -13.10 -1.30 -46.51
C VAL I 126 -12.34 -0.26 -47.33
N THR I 127 -13.09 0.50 -48.14
CA THR I 127 -12.52 1.55 -48.99
C THR I 127 -13.03 2.90 -48.52
N VAL I 128 -12.13 3.86 -48.40
CA VAL I 128 -12.44 5.20 -47.93
C VAL I 128 -12.28 6.17 -49.09
N SER I 129 -13.33 6.96 -49.35
CA SER I 129 -13.30 7.92 -50.43
C SER I 129 -12.63 9.22 -50.00
N ALA J 9 9.55 -1.14 -34.75
CA ALA J 9 9.04 -2.11 -35.73
C ALA J 9 10.00 -3.28 -35.88
N LEU J 10 9.67 -4.18 -36.80
CA LEU J 10 10.49 -5.34 -37.09
C LEU J 10 11.17 -5.16 -38.44
N THR J 11 12.48 -5.40 -38.48
CA THR J 11 13.27 -5.19 -39.69
C THR J 11 13.60 -6.54 -40.31
N GLN J 12 13.35 -6.65 -41.62
CA GLN J 12 13.61 -7.87 -42.37
C GLN J 12 13.76 -7.51 -43.84
N PRO J 13 14.46 -8.31 -44.63
CA PRO J 13 14.62 -7.99 -46.06
C PRO J 13 13.28 -7.95 -46.78
N ALA J 14 13.15 -7.01 -47.70
CA ALA J 14 11.89 -6.83 -48.41
C ALA J 14 11.57 -8.03 -49.29
N SER J 15 12.56 -8.56 -50.00
CA SER J 15 12.35 -9.66 -50.93
C SER J 15 13.51 -10.64 -50.85
N VAL J 16 13.18 -11.93 -50.87
CA VAL J 16 14.15 -13.01 -50.85
C VAL J 16 13.80 -13.99 -51.96
N SER J 17 14.78 -14.33 -52.80
CA SER J 17 14.58 -15.23 -53.92
C SER J 17 15.58 -16.37 -53.84
N GLY J 18 15.18 -17.53 -54.35
CA GLY J 18 16.05 -18.70 -54.35
C GLY J 18 15.59 -19.72 -55.35
N SER J 19 16.53 -20.57 -55.76
CA SER J 19 16.22 -21.62 -56.72
C SER J 19 15.35 -22.69 -56.07
N PRO J 20 14.45 -23.31 -56.85
CA PRO J 20 13.63 -24.39 -56.28
C PRO J 20 14.48 -25.58 -55.87
N GLY J 21 14.04 -26.25 -54.81
CA GLY J 21 14.76 -27.39 -54.28
C GLY J 21 15.99 -27.05 -53.48
N GLN J 22 16.22 -25.77 -53.19
CA GLN J 22 17.38 -25.32 -52.43
C GLN J 22 16.98 -25.03 -50.99
N SER J 23 17.98 -24.66 -50.19
CA SER J 23 17.76 -24.27 -48.80
C SER J 23 18.11 -22.80 -48.65
N ILE J 24 17.15 -22.02 -48.14
CA ILE J 24 17.33 -20.58 -47.95
C ILE J 24 16.96 -20.22 -46.52
N THR J 25 17.52 -19.12 -46.05
CA THR J 25 17.28 -18.64 -44.69
C THR J 25 16.88 -17.18 -44.76
N ILE J 26 15.77 -16.83 -44.11
CA ILE J 26 15.28 -15.47 -44.01
C ILE J 26 15.18 -15.11 -42.53
N SER J 27 15.56 -13.87 -42.21
CA SER J 27 15.69 -13.43 -40.83
C SER J 27 14.77 -12.26 -40.55
N CYS J 28 14.21 -12.25 -39.35
CA CYS J 28 13.40 -11.14 -38.83
C CYS J 28 14.08 -10.59 -37.59
N THR J 29 14.33 -9.29 -37.58
CA THR J 29 15.06 -8.63 -36.51
C THR J 29 14.17 -7.59 -35.84
N GLY J 30 14.09 -7.63 -34.52
CA GLY J 30 13.35 -6.65 -33.76
C GLY J 30 14.20 -5.98 -32.70
N THR J 31 13.69 -5.92 -31.46
CA THR J 31 14.46 -5.37 -30.35
C THR J 31 14.51 -6.36 -29.20
N SER J 32 15.07 -5.94 -28.07
CA SER J 32 15.22 -6.84 -26.93
C SER J 32 13.91 -7.11 -26.22
N SER J 33 12.94 -6.20 -26.31
CA SER J 33 11.69 -6.36 -25.58
C SER J 33 10.77 -7.40 -26.18
N ASP J 34 10.84 -7.60 -27.50
CA ASP J 34 9.90 -8.48 -28.20
C ASP J 34 10.56 -9.73 -28.75
N VAL J 35 11.67 -9.59 -29.48
CA VAL J 35 12.29 -10.73 -30.15
C VAL J 35 13.37 -11.35 -29.28
N GLY J 36 14.31 -10.54 -28.79
CA GLY J 36 15.44 -11.07 -28.04
C GLY J 36 15.13 -11.50 -26.63
N GLY J 37 13.94 -11.23 -26.13
CA GLY J 37 13.59 -11.60 -24.77
C GLY J 37 12.52 -12.66 -24.65
N PHE J 38 11.72 -12.83 -25.71
CA PHE J 38 10.57 -13.72 -25.67
C PHE J 38 10.70 -14.81 -26.73
N ASN J 39 9.97 -15.89 -26.51
CA ASN J 39 9.82 -16.97 -27.47
C ASN J 39 8.55 -16.84 -28.30
N TYR J 40 7.82 -15.72 -28.15
CA TYR J 40 6.64 -15.46 -28.97
C TYR J 40 7.03 -15.01 -30.38
N VAL J 41 7.73 -15.90 -31.08
CA VAL J 41 8.13 -15.66 -32.45
C VAL J 41 7.33 -16.60 -33.34
N SER J 42 6.51 -16.04 -34.22
CA SER J 42 5.65 -16.81 -35.09
C SER J 42 5.75 -16.27 -36.51
N TRP J 43 5.56 -17.16 -37.48
CA TRP J 43 5.61 -16.80 -38.89
C TRP J 43 4.30 -17.16 -39.55
N PHE J 44 3.81 -16.28 -40.42
CA PHE J 44 2.54 -16.45 -41.10
C PHE J 44 2.74 -16.33 -42.60
N GLN J 45 2.01 -17.16 -43.35
CA GLN J 45 2.05 -17.15 -44.80
C GLN J 45 0.80 -16.46 -45.33
N GLN J 46 0.99 -15.49 -46.20
CA GLN J 46 -0.10 -14.71 -46.78
C GLN J 46 -0.16 -14.99 -48.27
N HIS J 47 -1.16 -15.75 -48.70
CA HIS J 47 -1.38 -15.98 -50.11
C HIS J 47 -1.99 -14.74 -50.74
N PRO J 48 -1.67 -14.46 -52.01
CA PRO J 48 -2.25 -13.28 -52.68
C PRO J 48 -3.76 -13.43 -52.82
N GLY J 49 -4.50 -12.55 -52.13
CA GLY J 49 -5.94 -12.59 -52.14
C GLY J 49 -6.57 -13.57 -51.19
N LYS J 50 -5.79 -14.19 -50.30
CA LYS J 50 -6.29 -15.17 -49.36
C LYS J 50 -5.88 -14.79 -47.94
N ALA J 51 -6.61 -15.33 -46.98
CA ALA J 51 -6.37 -15.02 -45.57
C ALA J 51 -5.02 -15.56 -45.13
N PRO J 52 -4.34 -14.87 -44.21
CA PRO J 52 -3.06 -15.37 -43.70
C PRO J 52 -3.24 -16.68 -42.94
N LYS J 53 -2.22 -17.53 -43.03
CA LYS J 53 -2.20 -18.80 -42.33
C LYS J 53 -0.84 -18.98 -41.66
N LEU J 54 -0.86 -19.47 -40.42
CA LEU J 54 0.38 -19.66 -39.69
C LEU J 54 1.12 -20.89 -40.21
N MET J 55 2.41 -20.71 -40.50
CA MET J 55 3.27 -21.83 -40.85
C MET J 55 4.21 -22.24 -39.72
N LEU J 56 4.39 -21.38 -38.72
CA LEU J 56 5.36 -21.66 -37.66
C LEU J 56 5.06 -20.77 -36.47
N TYR J 57 4.92 -21.38 -35.29
CA TYR J 57 4.88 -20.66 -34.03
C TYR J 57 5.81 -21.37 -33.06
N ASP J 58 6.39 -20.60 -32.15
CA ASP J 58 7.34 -21.13 -31.16
C ASP J 58 8.47 -21.87 -31.88
N VAL J 59 9.28 -21.08 -32.57
CA VAL J 59 10.21 -21.52 -33.62
C VAL J 59 10.92 -22.84 -33.27
N THR J 60 11.16 -23.08 -31.99
CA THR J 60 11.71 -24.37 -31.58
C THR J 60 10.77 -25.52 -31.91
N SER J 61 9.48 -25.26 -32.04
CA SER J 61 8.49 -26.26 -32.40
C SER J 61 7.74 -25.82 -33.66
N ARG J 62 6.94 -26.74 -34.20
CA ARG J 62 6.22 -26.52 -35.44
C ARG J 62 4.75 -26.84 -35.25
N PRO J 63 3.87 -26.23 -36.05
CA PRO J 63 2.43 -26.47 -35.92
C PRO J 63 2.04 -27.83 -36.50
N SER J 64 0.74 -28.11 -36.42
CA SER J 64 0.18 -29.35 -36.94
C SER J 64 -0.34 -29.13 -38.35
N GLY J 65 -0.08 -30.10 -39.23
CA GLY J 65 -0.47 -29.98 -40.62
C GLY J 65 0.50 -29.21 -41.48
N VAL J 66 1.61 -28.73 -40.92
CA VAL J 66 2.62 -27.98 -41.65
C VAL J 66 3.79 -28.91 -41.92
N SER J 67 4.29 -28.89 -43.17
CA SER J 67 5.40 -29.75 -43.53
C SER J 67 6.67 -29.37 -42.75
N SER J 68 7.52 -30.36 -42.53
CA SER J 68 8.74 -30.17 -41.77
C SER J 68 9.81 -29.41 -42.55
N ARG J 69 9.52 -28.98 -43.78
CA ARG J 69 10.49 -28.20 -44.54
C ARG J 69 10.80 -26.89 -43.84
N PHE J 70 9.79 -26.24 -43.29
CA PHE J 70 9.99 -24.98 -42.58
C PHE J 70 10.63 -25.23 -41.22
N SER J 71 11.69 -24.49 -40.93
CA SER J 71 12.36 -24.56 -39.63
C SER J 71 12.74 -23.14 -39.19
N GLY J 72 12.53 -22.86 -37.92
CA GLY J 72 12.80 -21.55 -37.36
C GLY J 72 13.76 -21.63 -36.20
N SER J 73 14.64 -20.64 -36.09
CA SER J 73 15.59 -20.55 -35.00
C SER J 73 15.83 -19.09 -34.66
N LYS J 74 16.17 -18.83 -33.40
CA LYS J 74 16.40 -17.48 -32.92
C LYS J 74 17.83 -17.35 -32.43
N SER J 75 18.54 -16.35 -32.92
CA SER J 75 19.92 -16.07 -32.53
C SER J 75 19.96 -14.66 -31.97
N GLY J 76 19.87 -14.55 -30.64
CA GLY J 76 19.90 -13.25 -30.00
C GLY J 76 18.68 -12.40 -30.29
N ASN J 77 18.89 -11.26 -30.93
CA ASN J 77 17.82 -10.34 -31.28
C ASN J 77 17.28 -10.59 -32.68
N THR J 78 17.75 -11.64 -33.35
CA THR J 78 17.34 -11.95 -34.72
C THR J 78 16.74 -13.34 -34.76
N ALA J 79 15.54 -13.44 -35.32
CA ALA J 79 14.87 -14.71 -35.53
C ALA J 79 14.93 -15.08 -37.01
N SER J 80 15.31 -16.32 -37.29
CA SER J 80 15.56 -16.77 -38.65
C SER J 80 14.58 -17.87 -39.03
N LEU J 81 14.16 -17.86 -40.30
CA LEU J 81 13.32 -18.91 -40.86
C LEU J 81 14.09 -19.59 -42.00
N THR J 82 14.16 -20.91 -41.94
CA THR J 82 14.87 -21.71 -42.95
C THR J 82 13.89 -22.65 -43.62
N ILE J 83 13.91 -22.68 -44.95
CA ILE J 83 13.06 -23.56 -45.75
C ILE J 83 13.96 -24.46 -46.57
N SER J 84 13.74 -25.77 -46.45
CA SER J 84 14.53 -26.76 -47.18
C SER J 84 13.72 -27.29 -48.35
N GLY J 85 14.36 -27.36 -49.52
CA GLY J 85 13.69 -27.85 -50.70
C GLY J 85 12.61 -26.90 -51.21
N LEU J 86 13.03 -25.75 -51.73
CA LEU J 86 12.09 -24.76 -52.24
C LEU J 86 11.25 -25.34 -53.36
N GLN J 87 9.96 -25.00 -53.36
CA GLN J 87 9.02 -25.48 -54.37
C GLN J 87 8.19 -24.31 -54.88
N ALA J 88 7.41 -24.60 -55.93
CA ALA J 88 6.66 -23.53 -56.60
C ALA J 88 5.62 -22.91 -55.69
N GLU J 89 4.89 -23.74 -54.92
CA GLU J 89 3.81 -23.22 -54.10
C GLU J 89 4.29 -22.38 -52.93
N ASP J 90 5.59 -22.37 -52.65
CA ASP J 90 6.12 -21.58 -51.54
C ASP J 90 6.13 -20.09 -51.84
N GLU J 91 5.87 -19.68 -53.08
CA GLU J 91 5.87 -18.27 -53.44
C GLU J 91 4.64 -17.60 -52.82
N ALA J 92 4.84 -16.94 -51.70
CA ALA J 92 3.77 -16.24 -51.01
C ALA J 92 4.38 -15.22 -50.06
N ASP J 93 3.52 -14.36 -49.52
CA ASP J 93 3.98 -13.36 -48.55
C ASP J 93 4.13 -13.99 -47.18
N TYR J 94 5.27 -13.74 -46.54
CA TYR J 94 5.58 -14.27 -45.22
C TYR J 94 5.77 -13.13 -44.25
N TYR J 95 5.16 -13.23 -43.08
CA TYR J 95 5.21 -12.20 -42.06
C TYR J 95 5.75 -12.77 -40.76
N CYS J 96 6.60 -12.00 -40.08
CA CYS J 96 7.09 -12.36 -38.76
C CYS J 96 6.38 -11.50 -37.72
N SER J 97 5.83 -12.16 -36.70
CA SER J 97 5.06 -11.49 -35.65
C SER J 97 5.65 -11.83 -34.29
N SER J 98 5.65 -10.85 -33.40
CA SER J 98 6.17 -11.05 -32.05
C SER J 98 5.27 -10.32 -31.06
N HIS J 99 4.99 -10.98 -29.94
CA HIS J 99 4.25 -10.37 -28.84
C HIS J 99 5.23 -9.60 -27.97
N THR J 100 5.17 -8.27 -28.03
CA THR J 100 6.16 -7.44 -27.35
C THR J 100 5.98 -7.49 -25.84
N SER J 101 6.94 -6.88 -25.14
CA SER J 101 6.91 -6.87 -23.68
C SER J 101 5.71 -6.07 -23.15
N ARG J 102 5.38 -4.97 -23.82
CA ARG J 102 4.31 -4.09 -23.36
C ARG J 102 2.92 -4.69 -23.51
N GLY J 103 2.77 -5.94 -23.92
CA GLY J 103 1.48 -6.57 -24.03
C GLY J 103 0.80 -6.43 -25.38
N THR J 104 1.40 -5.72 -26.32
CA THR J 104 0.84 -5.57 -27.65
C THR J 104 1.56 -6.51 -28.62
N TRP J 105 1.23 -6.41 -29.90
CA TRP J 105 1.82 -7.26 -30.92
C TRP J 105 2.44 -6.39 -32.02
N VAL J 106 3.59 -6.83 -32.53
CA VAL J 106 4.30 -6.14 -33.59
C VAL J 106 4.51 -7.12 -34.74
N PHE J 107 4.41 -6.62 -35.96
CA PHE J 107 4.54 -7.43 -37.16
C PHE J 107 5.68 -6.90 -38.02
N GLY J 108 6.25 -7.80 -38.83
CA GLY J 108 7.28 -7.42 -39.76
C GLY J 108 6.74 -6.67 -40.95
N GLY J 109 7.65 -6.23 -41.82
CA GLY J 109 7.28 -5.46 -42.98
C GLY J 109 6.75 -6.26 -44.15
N GLY J 110 6.69 -7.58 -44.04
CA GLY J 110 6.23 -8.41 -45.13
C GLY J 110 7.33 -8.77 -46.09
N THR J 111 7.44 -10.06 -46.43
CA THR J 111 8.49 -10.55 -47.32
C THR J 111 7.85 -11.30 -48.48
N LYS J 112 8.34 -11.05 -49.68
CA LYS J 112 7.88 -11.74 -50.88
C LYS J 112 8.91 -12.80 -51.27
N LEU J 113 8.45 -14.04 -51.41
CA LEU J 113 9.32 -15.16 -51.74
C LEU J 113 9.21 -15.47 -53.22
N THR J 114 10.36 -15.49 -53.90
CA THR J 114 10.42 -15.72 -55.34
C THR J 114 11.18 -17.00 -55.62
N VAL J 115 10.63 -17.84 -56.49
CA VAL J 115 11.25 -19.10 -56.90
C VAL J 115 11.61 -18.98 -58.37
N LEU J 116 12.88 -19.23 -58.69
CA LEU J 116 13.34 -19.13 -60.06
C LEU J 116 12.71 -20.22 -60.92
N ALA J 117 12.41 -19.88 -62.17
CA ALA J 117 11.81 -20.82 -63.10
C ALA J 117 12.81 -21.79 -63.69
#